data_6B0K
#
_entry.id   6B0K
#
_cell.length_a   133.070
_cell.length_b   133.070
_cell.length_c   223.940
_cell.angle_alpha   90.000
_cell.angle_beta   90.000
_cell.angle_gamma   90.000
#
_symmetry.space_group_name_H-M   'P 43 21 2'
#
loop_
_entity.id
_entity.type
_entity.pdbx_description
1 polymer 'Iota-carrageenan sulfatase'
2 non-polymer 'CALCIUM ION'
3 non-polymer 3,6-anhydro-D-galactose
4 non-polymer 4-O-sulfo-beta-D-galactopyranose
5 non-polymer 'CITRIC ACID'
6 non-polymer ARGININE
7 non-polymer 1,2-ETHANEDIOL
8 non-polymer 'CHLORIDE ION'
9 water water
#
_entity_poly.entity_id   1
_entity_poly.type   'polypeptide(L)'
_entity_poly.pdbx_seq_one_letter_code
;QKPNIILIVADDLGYADVGFNGSKDIITPNIDDLAKSGTSFSDAYVAHPFSGPSRAALMTGRYPHKIGSQFNLPTRGSNV
GVPTDAKFISKLLNENNYFTGALGKWHMGDTPQHHPNKRGFDEYYGFLGGGHNYFPDQYQPQYKKQKAQGLKNIFEYITP
LEHNGKEVKETQYITDALSREAVNFVDKAVNKKHPFFLYLAYNAPHTPLQAKDEDMAMFPNIKNKDRKTYAGMVYAVDRG
VGKLVEALKKNNQYDNTLIVFMSDNGGKLSKGANNFPLKAGKGSTQEGGFRVPMLFHWPKHVPAGKRFSHPVSALDLYPT
FAALAGAKVEENQHLDGTNMWPAFIKNENPHKDEPIYALRHRKGYSDAAIRMNQWKALKVNQQPWQLFNIENDISEKHDV
SKSNKALLTDMVREMEKWSWDNQQPSWFHETTEGVNWRLDAMPRFDKTFKT
;
_entity_poly.pdbx_strand_id   A,B,C
#
# COMPACT_ATOMS: atom_id res chain seq x y z
N GLN A 1 -5.68 -41.20 -13.00
CA GLN A 1 -6.22 -40.21 -13.98
C GLN A 1 -5.32 -38.97 -14.09
N LYS A 2 -5.23 -38.16 -13.03
CA LYS A 2 -4.58 -36.85 -13.12
C LYS A 2 -3.05 -36.95 -13.37
N PRO A 3 -2.54 -36.17 -14.34
CA PRO A 3 -1.14 -36.32 -14.74
C PRO A 3 -0.13 -35.73 -13.80
N ASN A 4 1.07 -36.30 -13.79
CA ASN A 4 2.21 -35.65 -13.14
C ASN A 4 2.63 -34.51 -14.08
N ILE A 5 3.24 -33.47 -13.52
CA ILE A 5 3.67 -32.33 -14.31
C ILE A 5 5.12 -32.00 -13.95
N ILE A 6 5.97 -31.88 -14.97
CA ILE A 6 7.36 -31.44 -14.79
C ILE A 6 7.57 -30.17 -15.60
N LEU A 7 7.91 -29.09 -14.91
CA LEU A 7 8.31 -27.84 -15.53
C LEU A 7 9.83 -27.73 -15.40
N ILE A 8 10.52 -27.90 -16.52
CA ILE A 8 11.96 -27.75 -16.60
C ILE A 8 12.26 -26.36 -17.20
N VAL A 9 13.04 -25.56 -16.47
CA VAL A 9 13.40 -24.22 -16.91
C VAL A 9 14.89 -24.05 -16.87
N ALA A 10 15.46 -23.83 -18.05
CA ALA A 10 16.86 -23.44 -18.18
C ALA A 10 16.92 -21.93 -17.98
N ASP A 11 18.12 -21.47 -17.65
CA ASP A 11 18.34 -20.10 -17.23
C ASP A 11 19.25 -19.45 -18.28
N ASP A 12 18.73 -18.43 -18.98
CA ASP A 12 19.42 -17.75 -20.10
C ASP A 12 19.73 -18.67 -21.29
N LEU A 13 18.84 -19.61 -21.59
CA LEU A 13 19.04 -20.50 -22.74
C LEU A 13 18.65 -19.76 -24.00
N GLY A 14 19.60 -19.66 -24.92
CA GLY A 14 19.39 -18.97 -26.18
C GLY A 14 18.39 -19.66 -27.07
N TYR A 15 17.76 -18.87 -27.93
CA TYR A 15 16.66 -19.35 -28.77
C TYR A 15 17.06 -20.49 -29.71
N ALA A 16 18.29 -20.43 -30.23
CA ALA A 16 18.77 -21.41 -31.20
C ALA A 16 19.71 -22.44 -30.56
N ASP A 17 19.66 -22.62 -29.24
CA ASP A 17 20.69 -23.39 -28.54
C ASP A 17 20.23 -24.77 -28.08
N VAL A 18 19.08 -25.20 -28.59
CA VAL A 18 18.63 -26.57 -28.51
C VAL A 18 18.32 -27.01 -29.93
N GLY A 19 18.50 -28.30 -30.21
CA GLY A 19 18.37 -28.84 -31.56
C GLY A 19 16.95 -28.69 -32.14
N PHE A 20 15.94 -28.92 -31.31
CA PHE A 20 14.55 -28.79 -31.78
C PHE A 20 14.16 -27.36 -32.17
N ASN A 21 14.90 -26.37 -31.70
CA ASN A 21 14.63 -24.98 -32.06
C ASN A 21 15.71 -24.40 -32.96
N GLY A 22 16.43 -25.26 -33.69
CA GLY A 22 17.28 -24.85 -34.79
C GLY A 22 18.78 -24.87 -34.59
N SER A 23 19.27 -25.38 -33.45
CA SER A 23 20.71 -25.42 -33.24
C SER A 23 21.39 -26.27 -34.30
N LYS A 24 22.43 -25.71 -34.89
CA LYS A 24 23.28 -26.42 -35.84
C LYS A 24 24.56 -26.89 -35.19
N ASP A 25 24.95 -26.32 -34.03
CA ASP A 25 26.24 -26.62 -33.40
C ASP A 25 26.10 -27.32 -32.03
N ILE A 26 25.18 -26.85 -31.19
CA ILE A 26 24.91 -27.52 -29.92
C ILE A 26 23.98 -28.69 -30.24
N ILE A 27 24.22 -29.82 -29.57
CA ILE A 27 23.48 -31.05 -29.82
C ILE A 27 22.84 -31.46 -28.50
N THR A 28 21.52 -31.63 -28.55
CA THR A 28 20.69 -31.88 -27.37
C THR A 28 19.75 -33.05 -27.67
N PRO A 29 20.30 -34.28 -27.75
CA PRO A 29 19.51 -35.43 -28.21
C PRO A 29 18.30 -35.76 -27.33
N ASN A 30 18.46 -35.76 -26.01
CA ASN A 30 17.38 -36.11 -25.08
C ASN A 30 16.27 -35.07 -25.01
N ILE A 31 16.65 -33.80 -25.04
CA ILE A 31 15.66 -32.73 -25.12
C ILE A 31 14.93 -32.84 -26.46
N ASP A 32 15.68 -33.07 -27.54
CA ASP A 32 15.09 -33.26 -28.87
C ASP A 32 14.16 -34.47 -29.00
N ASP A 33 14.43 -35.54 -28.25
CA ASP A 33 13.49 -36.68 -28.16
C ASP A 33 12.12 -36.29 -27.64
N LEU A 34 12.12 -35.46 -26.60
CA LEU A 34 10.87 -34.95 -26.06
C LEU A 34 10.15 -34.06 -27.07
N ALA A 35 10.90 -33.25 -27.83
CA ALA A 35 10.31 -32.45 -28.91
C ALA A 35 9.78 -33.33 -30.04
N LYS A 36 10.58 -34.34 -30.45
CA LYS A 36 10.21 -35.21 -31.57
C LYS A 36 8.94 -36.03 -31.27
N SER A 37 8.80 -36.51 -30.04
CA SER A 37 7.57 -37.22 -29.63
C SER A 37 6.54 -36.31 -28.93
N GLY A 38 6.69 -34.99 -29.06
CA GLY A 38 5.76 -34.03 -28.47
C GLY A 38 5.56 -32.86 -29.42
N THR A 39 5.20 -31.71 -28.86
CA THR A 39 4.96 -30.51 -29.64
C THR A 39 5.88 -29.39 -29.13
N SER A 40 6.64 -28.79 -30.04
CA SER A 40 7.42 -27.60 -29.72
C SER A 40 6.59 -26.37 -30.11
N PHE A 41 7.01 -25.21 -29.61
CA PHE A 41 6.27 -23.95 -29.79
C PHE A 41 7.14 -22.90 -30.43
N SER A 42 6.75 -22.42 -31.60
CA SER A 42 7.57 -21.42 -32.31
C SER A 42 7.34 -20.00 -31.84
N ASP A 43 6.23 -19.78 -31.11
CA ASP A 43 5.85 -18.44 -30.65
C ASP A 43 5.56 -18.45 -29.13
N ALA A 44 6.52 -18.96 -28.36
CA ALA A 44 6.39 -19.05 -26.89
C ALA A 44 7.08 -17.86 -26.24
N TYR A 45 6.38 -17.20 -25.30
CA TYR A 45 6.85 -15.97 -24.68
C TYR A 45 6.85 -16.05 -23.15
N VAL A 46 7.94 -15.59 -22.53
CA VAL A 46 7.98 -15.39 -21.08
C VAL A 46 7.47 -13.97 -20.76
N ALA A 47 7.08 -13.77 -19.51
CA ALA A 47 6.38 -12.56 -19.09
C ALA A 47 7.32 -11.40 -18.84
N HIS A 48 8.61 -11.67 -18.79
CA HIS A 48 9.61 -10.62 -18.63
C HIS A 48 10.90 -11.09 -19.27
N PRO A 49 11.71 -10.16 -19.79
CA PRO A 49 12.96 -10.61 -20.45
C PRO A 49 14.16 -10.87 -19.54
N PHE A 50 13.95 -11.04 -18.24
CA PHE A 50 14.99 -11.57 -17.36
C PHE A 50 14.42 -12.32 -16.15
N SER A 51 15.30 -13.02 -15.43
CA SER A 51 14.93 -14.11 -14.50
C SER A 51 13.85 -13.89 -13.46
N GLY A 52 14.09 -12.98 -12.52
CA GLY A 52 13.26 -12.88 -11.31
C GLY A 52 11.79 -12.66 -11.61
N PRO A 53 11.49 -11.62 -12.41
CA PRO A 53 10.11 -11.36 -12.78
C PRO A 53 9.49 -12.46 -13.68
N SER A 54 10.30 -13.07 -14.54
CA SER A 54 9.84 -14.19 -15.38
C SER A 54 9.42 -15.37 -14.51
N ARG A 55 10.26 -15.72 -13.54
CA ARG A 55 9.96 -16.81 -12.61
C ARG A 55 8.76 -16.52 -11.73
N ALA A 56 8.70 -15.29 -11.19
CA ALA A 56 7.51 -14.83 -10.46
C ALA A 56 6.24 -15.06 -11.25
N ALA A 57 6.30 -14.80 -12.55
CA ALA A 57 5.15 -14.96 -13.44
C ALA A 57 4.81 -16.42 -13.69
N LEU A 58 5.81 -17.27 -13.89
CA LEU A 58 5.57 -18.70 -14.03
C LEU A 58 4.82 -19.25 -12.84
N MET A 59 5.28 -18.90 -11.64
CA MET A 59 4.72 -19.44 -10.41
C MET A 59 3.35 -18.86 -10.02
N THR A 60 3.15 -17.56 -10.24
CA THR A 60 1.90 -16.88 -9.83
C THR A 60 0.84 -16.83 -10.91
N GLY A 61 1.25 -16.98 -12.17
CA GLY A 61 0.34 -16.80 -13.31
C GLY A 61 -0.06 -15.34 -13.52
N ARG A 62 0.74 -14.43 -13.00
CA ARG A 62 0.49 -13.03 -13.17
C ARG A 62 1.69 -12.27 -13.68
N TYR A 63 1.45 -11.30 -14.56
CA TYR A 63 2.52 -10.39 -14.94
C TYR A 63 3.17 -9.87 -13.66
N PRO A 64 4.51 -9.83 -13.63
CA PRO A 64 5.20 -9.45 -12.39
C PRO A 64 4.93 -8.01 -11.97
N HIS A 65 4.52 -7.17 -12.92
CA HIS A 65 4.20 -5.77 -12.69
C HIS A 65 2.97 -5.63 -11.80
N LYS A 66 2.05 -6.58 -11.90
CA LYS A 66 0.84 -6.56 -11.09
C LYS A 66 1.10 -6.84 -9.62
N ILE A 67 2.22 -7.46 -9.31
CA ILE A 67 2.53 -7.91 -7.95
C ILE A 67 3.85 -7.32 -7.42
N GLY A 68 4.26 -6.19 -8.00
CA GLY A 68 5.43 -5.45 -7.51
C GLY A 68 6.76 -6.12 -7.72
N SER A 69 6.83 -7.11 -8.61
CA SER A 69 8.03 -7.94 -8.80
C SER A 69 8.67 -7.72 -10.17
N GLN A 70 8.66 -6.47 -10.66
CA GLN A 70 9.22 -6.10 -11.98
C GLN A 70 10.74 -6.14 -12.06
N PHE A 71 11.40 -6.22 -10.92
CA PHE A 71 12.86 -6.22 -10.88
C PHE A 71 13.33 -7.50 -10.20
N ASN A 72 14.58 -7.86 -10.50
CA ASN A 72 15.27 -8.90 -9.74
C ASN A 72 15.43 -8.41 -8.30
N LEU A 73 15.44 -9.37 -7.38
CA LEU A 73 15.67 -9.08 -5.96
C LEU A 73 17.07 -8.51 -5.75
N PRO A 74 17.25 -7.73 -4.68
CA PRO A 74 18.55 -7.14 -4.36
C PRO A 74 19.67 -8.16 -4.42
N THR A 75 20.73 -7.87 -5.18
CA THR A 75 21.77 -8.87 -5.46
C THR A 75 22.56 -9.30 -4.22
N ARG A 76 22.63 -8.43 -3.21
CA ARG A 76 23.32 -8.74 -1.95
C ARG A 76 22.41 -9.27 -0.84
N GLY A 77 21.16 -9.58 -1.16
CA GLY A 77 20.24 -10.16 -0.20
C GLY A 77 19.24 -9.14 0.31
N SER A 78 18.12 -9.65 0.79
CA SER A 78 17.04 -8.83 1.29
C SER A 78 16.08 -9.70 2.05
N ASN A 79 15.16 -9.07 2.76
CA ASN A 79 14.06 -9.79 3.41
C ASN A 79 12.75 -9.53 2.70
N VAL A 80 12.80 -9.41 1.37
CA VAL A 80 11.59 -9.29 0.56
C VAL A 80 11.55 -10.41 -0.47
N GLY A 81 10.39 -10.58 -1.08
CA GLY A 81 10.17 -11.61 -2.07
C GLY A 81 8.82 -11.46 -2.71
N VAL A 82 8.51 -12.39 -3.61
CA VAL A 82 7.28 -12.40 -4.36
C VAL A 82 6.13 -12.51 -3.38
N PRO A 83 5.09 -11.65 -3.50
CA PRO A 83 4.10 -11.55 -2.43
C PRO A 83 3.43 -12.88 -2.06
N THR A 84 3.32 -13.12 -0.75
CA THR A 84 2.81 -14.38 -0.21
C THR A 84 1.31 -14.59 -0.45
N ASP A 85 0.58 -13.52 -0.75
CA ASP A 85 -0.83 -13.62 -1.09
C ASP A 85 -1.11 -13.97 -2.57
N ALA A 86 -0.07 -14.04 -3.42
CA ALA A 86 -0.23 -14.59 -4.79
C ALA A 86 0.11 -16.07 -4.77
N LYS A 87 -0.92 -16.92 -4.74
CA LYS A 87 -0.73 -18.34 -4.56
C LYS A 87 0.05 -18.95 -5.73
N PHE A 88 1.13 -19.66 -5.38
CA PHE A 88 1.99 -20.33 -6.37
C PHE A 88 1.28 -21.54 -6.92
N ILE A 89 1.51 -21.83 -8.21
CA ILE A 89 0.96 -23.03 -8.85
C ILE A 89 1.30 -24.30 -8.06
N SER A 90 2.49 -24.36 -7.47
CA SER A 90 2.88 -25.46 -6.61
C SER A 90 1.98 -25.61 -5.39
N LYS A 91 1.65 -24.49 -4.75
CA LYS A 91 0.75 -24.48 -3.60
C LYS A 91 -0.64 -24.98 -3.99
N LEU A 92 -1.15 -24.49 -5.13
CA LEU A 92 -2.45 -24.90 -5.63
C LEU A 92 -2.50 -26.40 -5.90
N LEU A 93 -1.49 -26.91 -6.60
CA LEU A 93 -1.40 -28.33 -6.88
C LEU A 93 -1.24 -29.15 -5.59
N ASN A 94 -0.41 -28.66 -4.67
CA ASN A 94 -0.25 -29.31 -3.35
C ASN A 94 -1.57 -29.41 -2.60
N GLU A 95 -2.34 -28.33 -2.63
CA GLU A 95 -3.69 -28.33 -2.07
C GLU A 95 -4.65 -29.28 -2.79
N ASN A 96 -4.37 -29.61 -4.05
CA ASN A 96 -5.13 -30.62 -4.78
C ASN A 96 -4.41 -31.96 -4.89
N ASN A 97 -3.77 -32.37 -3.80
CA ASN A 97 -3.23 -33.73 -3.66
C ASN A 97 -1.95 -34.00 -4.47
N TYR A 98 -1.22 -32.98 -4.93
CA TYR A 98 0.08 -33.22 -5.59
C TYR A 98 1.25 -33.27 -4.61
N PHE A 99 2.13 -34.24 -4.81
CA PHE A 99 3.46 -34.25 -4.18
C PHE A 99 4.33 -33.29 -4.99
N THR A 100 4.88 -32.28 -4.33
CA THR A 100 5.51 -31.15 -5.01
C THR A 100 6.99 -31.03 -4.71
N GLY A 101 7.76 -30.72 -5.74
CA GLY A 101 9.21 -30.58 -5.64
C GLY A 101 9.75 -29.42 -6.44
N ALA A 102 10.71 -28.71 -5.87
CA ALA A 102 11.43 -27.65 -6.56
C ALA A 102 12.91 -27.94 -6.47
N LEU A 103 13.62 -27.73 -7.58
CA LEU A 103 15.06 -28.00 -7.63
C LEU A 103 15.80 -26.86 -8.26
N GLY A 104 16.95 -26.56 -7.68
CA GLY A 104 17.89 -25.61 -8.25
C GLY A 104 17.54 -24.19 -7.86
N LYS A 105 17.43 -23.33 -8.87
CA LYS A 105 17.37 -21.89 -8.66
C LYS A 105 15.98 -21.47 -8.22
N TRP A 106 15.94 -20.56 -7.24
CA TRP A 106 14.69 -20.01 -6.73
C TRP A 106 14.50 -18.58 -7.24
N HIS A 107 15.29 -17.64 -6.70
CA HIS A 107 15.25 -16.21 -7.09
C HIS A 107 13.88 -15.53 -6.87
N MET A 108 13.11 -16.00 -5.87
CA MET A 108 11.79 -15.43 -5.55
C MET A 108 11.59 -15.08 -4.05
N GLY A 109 12.69 -15.05 -3.29
CA GLY A 109 12.70 -14.62 -1.89
C GLY A 109 13.28 -15.71 -1.02
N ASP A 110 14.17 -15.35 -0.08
CA ASP A 110 14.81 -16.35 0.79
C ASP A 110 14.49 -16.21 2.29
N THR A 111 13.43 -15.48 2.62
CA THR A 111 12.95 -15.38 4.00
C THR A 111 12.14 -16.62 4.31
N PRO A 112 11.81 -16.86 5.59
CA PRO A 112 11.01 -18.06 5.92
C PRO A 112 9.70 -18.16 5.13
N GLN A 113 8.95 -17.06 5.06
CA GLN A 113 7.66 -17.02 4.37
C GLN A 113 7.76 -17.12 2.82
N HIS A 114 8.89 -16.72 2.26
CA HIS A 114 9.13 -16.77 0.81
C HIS A 114 9.84 -18.05 0.34
N HIS A 115 10.24 -18.90 1.29
CA HIS A 115 11.00 -20.12 1.02
C HIS A 115 10.16 -21.13 0.24
N PRO A 116 10.77 -21.90 -0.67
CA PRO A 116 10.05 -22.92 -1.43
C PRO A 116 9.08 -23.80 -0.60
N ASN A 117 9.54 -24.23 0.59
CA ASN A 117 8.71 -25.05 1.49
C ASN A 117 7.47 -24.34 2.03
N LYS A 118 7.46 -23.01 2.04
CA LYS A 118 6.26 -22.25 2.37
C LYS A 118 5.46 -21.79 1.16
N ARG A 119 5.99 -21.99 -0.06
CA ARG A 119 5.24 -21.71 -1.30
C ARG A 119 4.75 -22.99 -2.01
N GLY A 120 4.50 -24.04 -1.22
CA GLY A 120 3.79 -25.22 -1.72
C GLY A 120 4.63 -26.36 -2.25
N PHE A 121 5.95 -26.31 -2.06
CA PHE A 121 6.85 -27.39 -2.43
C PHE A 121 7.19 -28.24 -1.20
N ASP A 122 6.81 -29.51 -1.22
CA ASP A 122 7.17 -30.45 -0.15
C ASP A 122 8.67 -30.62 -0.10
N GLU A 123 9.29 -30.76 -1.27
CA GLU A 123 10.74 -30.93 -1.40
C GLU A 123 11.37 -29.74 -2.09
N TYR A 124 12.49 -29.28 -1.55
CA TYR A 124 13.34 -28.30 -2.22
C TYR A 124 14.77 -28.71 -2.08
N TYR A 125 15.50 -28.74 -3.19
CA TYR A 125 16.94 -28.95 -3.17
C TYR A 125 17.56 -27.95 -4.13
N GLY A 126 18.30 -26.99 -3.61
CA GLY A 126 18.93 -25.99 -4.47
C GLY A 126 19.54 -24.81 -3.76
N PHE A 127 19.56 -23.68 -4.47
CA PHE A 127 20.13 -22.43 -3.98
C PHE A 127 19.10 -21.36 -4.25
N LEU A 128 18.96 -20.43 -3.30
CA LEU A 128 17.81 -19.55 -3.25
C LEU A 128 17.97 -18.28 -4.09
N GLY A 129 19.20 -17.93 -4.45
CA GLY A 129 19.50 -16.68 -5.14
C GLY A 129 19.40 -16.74 -6.66
N GLY A 130 20.11 -15.80 -7.31
CA GLY A 130 20.02 -15.58 -8.75
C GLY A 130 20.88 -16.49 -9.62
N GLY A 131 21.72 -17.27 -8.98
CA GLY A 131 22.58 -18.23 -9.65
C GLY A 131 23.55 -18.87 -8.67
N HIS A 132 24.53 -19.57 -9.23
CA HIS A 132 25.52 -20.26 -8.42
C HIS A 132 26.74 -20.65 -9.24
N ASN A 133 27.89 -20.70 -8.57
CA ASN A 133 29.09 -21.30 -9.15
C ASN A 133 28.84 -22.81 -9.28
N TYR A 134 29.40 -23.43 -10.32
CA TYR A 134 29.01 -24.78 -10.72
C TYR A 134 29.82 -25.92 -10.09
N PHE A 135 31.06 -25.65 -9.64
CA PHE A 135 31.96 -26.68 -9.10
C PHE A 135 32.14 -26.54 -7.58
N PRO A 136 31.62 -27.50 -6.80
CA PRO A 136 31.85 -27.47 -5.36
C PRO A 136 33.30 -27.27 -4.96
N ASP A 137 34.20 -28.03 -5.56
CA ASP A 137 35.66 -27.85 -5.40
C ASP A 137 36.16 -26.40 -5.48
N GLN A 138 35.48 -25.55 -6.27
CA GLN A 138 35.82 -24.12 -6.39
C GLN A 138 35.15 -23.27 -5.27
N TYR A 139 33.83 -23.36 -5.16
CA TYR A 139 33.08 -22.46 -4.26
C TYR A 139 33.15 -22.80 -2.75
N GLN A 140 33.21 -24.09 -2.39
CA GLN A 140 33.19 -24.49 -0.97
C GLN A 140 34.38 -23.96 -0.14
N PRO A 141 35.62 -24.01 -0.68
CA PRO A 141 36.75 -23.38 0.02
C PRO A 141 36.60 -21.87 0.20
N GLN A 142 36.06 -21.17 -0.82
CA GLN A 142 35.84 -19.72 -0.72
C GLN A 142 34.83 -19.37 0.38
N TYR A 143 33.73 -20.13 0.43
CA TYR A 143 32.72 -19.95 1.49
C TYR A 143 33.29 -20.26 2.88
N LYS A 144 34.11 -21.31 3.00
CA LYS A 144 34.75 -21.64 4.29
C LYS A 144 35.61 -20.47 4.76
N LYS A 145 36.46 -19.97 3.87
CA LYS A 145 37.38 -18.87 4.20
C LYS A 145 36.60 -17.64 4.72
N GLN A 146 35.56 -17.25 3.98
CA GLN A 146 34.76 -16.09 4.35
C GLN A 146 33.96 -16.28 5.62
N LYS A 147 33.34 -17.45 5.78
CA LYS A 147 32.56 -17.73 6.98
C LYS A 147 33.43 -17.74 8.25
N ALA A 148 34.62 -18.36 8.17
CA ALA A 148 35.58 -18.38 9.28
C ALA A 148 36.11 -16.99 9.64
N GLN A 149 36.21 -16.11 8.64
CA GLN A 149 36.55 -14.71 8.85
C GLN A 149 35.43 -13.89 9.54
N GLY A 150 34.24 -14.46 9.67
CA GLY A 150 33.11 -13.84 10.37
C GLY A 150 32.20 -13.00 9.48
N LEU A 151 32.36 -13.11 8.16
CA LEU A 151 31.54 -12.35 7.22
C LEU A 151 30.13 -12.92 7.18
N LYS A 152 29.15 -12.03 7.18
CA LYS A 152 27.73 -12.38 7.11
C LYS A 152 27.12 -12.12 5.73
N ASN A 153 27.57 -11.08 5.03
CA ASN A 153 27.12 -10.83 3.67
C ASN A 153 28.03 -11.58 2.71
N ILE A 154 27.72 -12.84 2.49
CA ILE A 154 28.51 -13.69 1.59
C ILE A 154 27.76 -13.83 0.27
N PHE A 155 28.47 -13.65 -0.83
CA PHE A 155 27.90 -13.70 -2.16
C PHE A 155 27.15 -15.02 -2.36
N GLU A 156 25.88 -14.91 -2.75
CA GLU A 156 24.97 -16.08 -2.81
C GLU A 156 25.40 -17.18 -3.81
N TYR A 157 26.31 -16.85 -4.75
CA TYR A 157 26.84 -17.85 -5.70
C TYR A 157 27.77 -18.90 -5.10
N ILE A 158 28.29 -18.64 -3.89
CA ILE A 158 29.20 -19.59 -3.23
C ILE A 158 28.64 -20.24 -1.98
N THR A 159 27.43 -19.84 -1.58
CA THR A 159 26.86 -20.35 -0.36
C THR A 159 26.44 -21.80 -0.55
N PRO A 160 26.38 -22.59 0.54
CA PRO A 160 26.04 -23.99 0.35
C PRO A 160 24.63 -24.19 -0.18
N LEU A 161 24.41 -25.24 -0.96
CA LEU A 161 23.06 -25.64 -1.33
C LEU A 161 22.34 -26.15 -0.09
N GLU A 162 21.02 -26.28 -0.19
CA GLU A 162 20.23 -26.75 0.93
C GLU A 162 19.21 -27.74 0.46
N HIS A 163 18.77 -28.58 1.40
CA HIS A 163 17.68 -29.51 1.19
C HIS A 163 16.65 -29.23 2.28
N ASN A 164 15.53 -28.64 1.89
CA ASN A 164 14.47 -28.26 2.82
C ASN A 164 14.98 -27.45 4.02
N GLY A 165 15.73 -26.39 3.76
CA GLY A 165 16.27 -25.54 4.82
C GLY A 165 17.55 -26.01 5.49
N LYS A 166 17.92 -27.28 5.35
CA LYS A 166 19.17 -27.80 5.94
C LYS A 166 20.29 -27.77 4.90
N GLU A 167 21.43 -27.20 5.27
CA GLU A 167 22.56 -27.07 4.36
C GLU A 167 23.17 -28.42 4.04
N VAL A 168 23.65 -28.58 2.82
CA VAL A 168 24.32 -29.79 2.38
C VAL A 168 25.70 -29.44 1.85
N LYS A 169 26.50 -30.49 1.61
CA LYS A 169 27.83 -30.38 1.06
C LYS A 169 27.81 -31.10 -0.27
N GLU A 170 27.55 -30.35 -1.35
CA GLU A 170 27.40 -30.93 -2.67
C GLU A 170 28.78 -31.40 -3.16
N THR A 171 28.80 -32.54 -3.85
CA THR A 171 30.02 -33.09 -4.43
C THR A 171 30.09 -33.03 -5.96
N GLN A 172 28.96 -32.87 -6.64
CA GLN A 172 28.93 -32.88 -8.11
C GLN A 172 28.74 -31.49 -8.72
N TYR A 173 29.23 -31.36 -9.96
CA TYR A 173 28.90 -30.26 -10.86
C TYR A 173 27.39 -29.98 -10.73
N ILE A 174 27.03 -28.72 -10.52
CA ILE A 174 25.66 -28.39 -10.08
C ILE A 174 24.55 -28.93 -10.97
N THR A 175 24.75 -28.84 -12.28
CA THR A 175 23.77 -29.37 -13.24
C THR A 175 23.54 -30.88 -13.06
N ASP A 176 24.62 -31.63 -12.82
CA ASP A 176 24.53 -33.07 -12.53
C ASP A 176 23.85 -33.32 -11.19
N ALA A 177 24.17 -32.51 -10.18
CA ALA A 177 23.52 -32.60 -8.87
C ALA A 177 22.01 -32.39 -8.94
N LEU A 178 21.57 -31.38 -9.70
CA LEU A 178 20.15 -31.10 -9.82
C LEU A 178 19.43 -32.22 -10.56
N SER A 179 20.07 -32.74 -11.60
CA SER A 179 19.57 -33.89 -12.34
C SER A 179 19.44 -35.12 -11.44
N ARG A 180 20.43 -35.33 -10.60
CA ARG A 180 20.43 -36.43 -9.68
C ARG A 180 19.25 -36.35 -8.73
N GLU A 181 19.00 -35.16 -8.19
CA GLU A 181 17.91 -34.94 -7.26
C GLU A 181 16.54 -34.95 -7.95
N ALA A 182 16.51 -34.66 -9.25
CA ALA A 182 15.29 -34.87 -10.03
C ALA A 182 14.94 -36.35 -10.08
N VAL A 183 15.94 -37.19 -10.30
CA VAL A 183 15.74 -38.65 -10.25
C VAL A 183 15.27 -39.04 -8.84
N ASN A 184 15.94 -38.53 -7.81
CA ASN A 184 15.56 -38.85 -6.42
C ASN A 184 14.13 -38.41 -6.11
N PHE A 185 13.73 -37.26 -6.65
CA PHE A 185 12.40 -36.74 -6.43
C PHE A 185 11.33 -37.66 -7.03
N VAL A 186 11.52 -38.06 -8.28
CA VAL A 186 10.54 -38.92 -8.96
C VAL A 186 10.53 -40.36 -8.42
N ASP A 187 11.69 -40.84 -7.96
CA ASP A 187 11.75 -42.12 -7.22
C ASP A 187 10.98 -42.05 -5.89
N LYS A 188 11.11 -40.94 -5.14
CA LYS A 188 10.30 -40.74 -3.93
C LYS A 188 8.80 -40.72 -4.28
N ALA A 189 8.46 -40.09 -5.42
CA ALA A 189 7.07 -39.96 -5.87
C ALA A 189 6.36 -41.29 -6.12
N VAL A 190 7.10 -42.33 -6.52
CA VAL A 190 6.55 -43.67 -6.75
C VAL A 190 5.70 -44.16 -5.58
N ASN A 191 6.25 -44.04 -4.37
CA ASN A 191 5.56 -44.50 -3.16
C ASN A 191 4.34 -43.68 -2.77
N LYS A 192 4.32 -42.41 -3.14
CA LYS A 192 3.29 -41.46 -2.67
C LYS A 192 1.85 -41.83 -3.06
N LYS A 193 1.64 -42.40 -4.24
CA LYS A 193 0.29 -42.74 -4.68
C LYS A 193 -0.63 -41.55 -5.02
N HIS A 194 -0.08 -40.32 -5.03
CA HIS A 194 -0.74 -39.16 -5.62
C HIS A 194 0.10 -38.77 -6.84
N PRO A 195 -0.43 -37.90 -7.72
CA PRO A 195 0.44 -37.37 -8.77
C PRO A 195 1.48 -36.36 -8.24
N PHE A 196 2.48 -36.01 -9.04
CA PHE A 196 3.55 -35.09 -8.61
C PHE A 196 3.76 -33.91 -9.54
N PHE A 197 4.24 -32.81 -8.96
CA PHE A 197 4.66 -31.63 -9.70
C PHE A 197 6.13 -31.40 -9.39
N LEU A 198 6.97 -31.37 -10.42
CA LEU A 198 8.39 -31.04 -10.25
C LEU A 198 8.71 -29.77 -11.01
N TYR A 199 9.26 -28.78 -10.28
CA TYR A 199 9.80 -27.56 -10.86
C TYR A 199 11.32 -27.70 -10.85
N LEU A 200 11.91 -27.89 -12.03
CA LEU A 200 13.35 -28.15 -12.17
C LEU A 200 14.00 -26.92 -12.77
N ALA A 201 14.67 -26.15 -11.93
CA ALA A 201 15.18 -24.83 -12.30
C ALA A 201 16.70 -24.86 -12.39
N TYR A 202 17.19 -25.34 -13.53
CA TYR A 202 18.63 -25.34 -13.82
C TYR A 202 19.15 -23.93 -13.90
N ASN A 203 20.32 -23.67 -13.31
CA ASN A 203 21.01 -22.42 -13.57
C ASN A 203 21.77 -22.43 -14.90
N ALA A 204 22.02 -23.59 -15.50
CA ALA A 204 22.70 -23.61 -16.80
C ALA A 204 21.73 -23.12 -17.89
N PRO A 205 22.20 -22.41 -18.92
CA PRO A 205 23.60 -22.03 -19.14
C PRO A 205 23.94 -20.60 -18.69
N HIS A 206 23.35 -20.14 -17.60
CA HIS A 206 23.63 -18.82 -17.02
C HIS A 206 25.06 -18.77 -16.50
N THR A 207 25.65 -17.57 -16.54
CA THR A 207 26.98 -17.32 -15.99
C THR A 207 27.08 -17.73 -14.50
N PRO A 208 28.28 -18.00 -13.98
CA PRO A 208 29.55 -18.03 -14.74
C PRO A 208 29.61 -19.20 -15.74
N LEU A 209 30.28 -18.99 -16.86
CA LEU A 209 30.45 -20.02 -17.88
C LEU A 209 31.46 -21.05 -17.38
N GLN A 210 30.93 -22.16 -16.89
CA GLN A 210 31.74 -23.23 -16.29
C GLN A 210 31.16 -24.56 -16.74
N ALA A 211 31.96 -25.36 -17.44
CA ALA A 211 31.53 -26.63 -18.01
C ALA A 211 32.48 -27.76 -17.64
N LYS A 212 31.98 -28.98 -17.65
CA LYS A 212 32.83 -30.16 -17.49
C LYS A 212 33.60 -30.38 -18.79
N ASP A 213 34.86 -30.80 -18.66
CA ASP A 213 35.70 -31.08 -19.84
C ASP A 213 35.07 -32.16 -20.73
N GLU A 214 34.44 -33.15 -20.11
CA GLU A 214 33.81 -34.27 -20.82
C GLU A 214 32.65 -33.82 -21.70
N ASP A 215 31.97 -32.76 -21.29
CA ASP A 215 30.91 -32.17 -22.10
C ASP A 215 31.47 -31.31 -23.22
N MET A 216 32.45 -30.46 -22.90
CA MET A 216 33.09 -29.61 -23.90
C MET A 216 33.79 -30.45 -24.97
N ALA A 217 34.30 -31.61 -24.57
CA ALA A 217 34.94 -32.57 -25.50
C ALA A 217 34.04 -33.05 -26.63
N MET A 218 32.72 -32.99 -26.43
CA MET A 218 31.74 -33.35 -27.45
C MET A 218 31.56 -32.30 -28.55
N PHE A 219 32.21 -31.14 -28.44
CA PHE A 219 32.08 -30.08 -29.42
C PHE A 219 33.45 -29.61 -29.91
N PRO A 220 34.21 -30.54 -30.54
CA PRO A 220 35.55 -30.21 -31.02
C PRO A 220 35.57 -29.18 -32.13
N ASN A 221 34.48 -29.04 -32.89
CA ASN A 221 34.41 -28.05 -33.97
C ASN A 221 33.86 -26.68 -33.55
N ILE A 222 33.56 -26.50 -32.27
CA ILE A 222 33.25 -25.16 -31.73
C ILE A 222 34.57 -24.55 -31.25
N LYS A 223 35.13 -23.64 -32.04
CA LYS A 223 36.44 -23.06 -31.73
C LYS A 223 36.37 -21.90 -30.73
N ASN A 224 35.27 -21.16 -30.70
CA ASN A 224 35.13 -20.04 -29.74
C ASN A 224 35.04 -20.57 -28.31
N LYS A 225 35.92 -20.08 -27.42
CA LYS A 225 36.05 -20.61 -26.06
C LYS A 225 34.74 -20.53 -25.28
N ASP A 226 34.10 -19.37 -25.28
CA ASP A 226 32.85 -19.18 -24.58
C ASP A 226 31.71 -20.02 -25.14
N ARG A 227 31.63 -20.11 -26.46
CA ARG A 227 30.59 -20.90 -27.13
C ARG A 227 30.76 -22.38 -26.83
N LYS A 228 31.99 -22.85 -26.75
CA LYS A 228 32.28 -24.27 -26.41
C LYS A 228 31.92 -24.55 -24.96
N THR A 229 32.32 -23.65 -24.07
CA THR A 229 31.93 -23.76 -22.66
C THR A 229 30.40 -23.80 -22.53
N TYR A 230 29.73 -22.87 -23.19
CA TYR A 230 28.27 -22.76 -23.18
C TYR A 230 27.60 -24.02 -23.74
N ALA A 231 28.13 -24.51 -24.86
CA ALA A 231 27.67 -25.76 -25.47
C ALA A 231 27.76 -26.91 -24.48
N GLY A 232 28.89 -27.01 -23.81
CA GLY A 232 29.09 -28.01 -22.76
C GLY A 232 28.10 -27.91 -21.62
N MET A 233 27.76 -26.68 -21.23
CA MET A 233 26.78 -26.42 -20.17
C MET A 233 25.39 -26.88 -20.57
N VAL A 234 25.01 -26.61 -21.82
CA VAL A 234 23.71 -27.02 -22.34
C VAL A 234 23.67 -28.54 -22.49
N TYR A 235 24.78 -29.13 -22.93
CA TYR A 235 24.85 -30.59 -23.06
C TYR A 235 24.66 -31.29 -21.70
N ALA A 236 25.22 -30.72 -20.63
CA ALA A 236 24.97 -31.21 -19.26
C ALA A 236 23.49 -31.19 -18.89
N VAL A 237 22.77 -30.14 -19.29
CA VAL A 237 21.31 -30.12 -19.12
C VAL A 237 20.64 -31.24 -19.91
N ASP A 238 21.08 -31.46 -21.14
CA ASP A 238 20.53 -32.57 -21.94
C ASP A 238 20.75 -33.95 -21.31
N ARG A 239 21.97 -34.22 -20.84
CA ARG A 239 22.27 -35.44 -20.09
C ARG A 239 21.33 -35.60 -18.90
N GLY A 240 21.16 -34.50 -18.15
CA GLY A 240 20.27 -34.45 -17.02
C GLY A 240 18.85 -34.85 -17.36
N VAL A 241 18.33 -34.24 -18.42
CA VAL A 241 16.99 -34.55 -18.91
C VAL A 241 16.90 -36.04 -19.28
N GLY A 242 17.92 -36.55 -19.96
CA GLY A 242 18.01 -37.96 -20.29
C GLY A 242 17.98 -38.87 -19.07
N LYS A 243 18.73 -38.50 -18.04
CA LYS A 243 18.75 -39.25 -16.77
C LYS A 243 17.36 -39.23 -16.10
N LEU A 244 16.67 -38.08 -16.18
CA LEU A 244 15.33 -37.96 -15.64
C LEU A 244 14.30 -38.80 -16.40
N VAL A 245 14.36 -38.77 -17.73
CA VAL A 245 13.44 -39.55 -18.58
C VAL A 245 13.62 -41.05 -18.30
N GLU A 246 14.87 -41.47 -18.18
CA GLU A 246 15.27 -42.83 -17.78
C GLU A 246 14.50 -43.25 -16.51
N ALA A 247 14.59 -42.42 -15.46
CA ALA A 247 13.94 -42.69 -14.20
C ALA A 247 12.41 -42.72 -14.33
N LEU A 248 11.85 -41.79 -15.10
CA LEU A 248 10.41 -41.78 -15.34
C LEU A 248 9.92 -43.07 -16.00
N LYS A 249 10.69 -43.57 -16.97
CA LYS A 249 10.38 -44.83 -17.64
C LYS A 249 10.49 -46.03 -16.71
N LYS A 250 11.56 -46.09 -15.93
CA LYS A 250 11.72 -47.12 -14.90
C LYS A 250 10.52 -47.17 -13.96
N ASN A 251 10.04 -46.00 -13.55
CA ASN A 251 8.95 -45.87 -12.58
C ASN A 251 7.55 -45.91 -13.20
N ASN A 252 7.46 -46.08 -14.51
CA ASN A 252 6.18 -46.02 -15.22
C ASN A 252 5.43 -44.70 -15.06
N GLN A 253 6.19 -43.62 -14.96
CA GLN A 253 5.63 -42.26 -14.82
C GLN A 253 5.61 -41.52 -16.16
N TYR A 254 6.48 -41.92 -17.08
CA TYR A 254 6.74 -41.21 -18.34
C TYR A 254 5.48 -40.93 -19.16
N ASP A 255 4.66 -41.96 -19.32
CA ASP A 255 3.47 -41.87 -20.16
C ASP A 255 2.38 -40.97 -19.59
N ASN A 256 2.29 -40.86 -18.27
CA ASN A 256 1.28 -39.97 -17.65
C ASN A 256 1.87 -38.73 -16.97
N THR A 257 2.96 -38.21 -17.54
CA THR A 257 3.58 -36.97 -17.08
C THR A 257 3.58 -35.97 -18.23
N LEU A 258 3.17 -34.73 -17.92
CA LEU A 258 3.32 -33.60 -18.85
C LEU A 258 4.68 -32.97 -18.55
N ILE A 259 5.59 -33.03 -19.50
CA ILE A 259 6.90 -32.41 -19.37
C ILE A 259 6.89 -31.13 -20.20
N VAL A 260 7.18 -30.01 -19.55
CA VAL A 260 7.39 -28.74 -20.23
C VAL A 260 8.88 -28.39 -20.08
N PHE A 261 9.52 -28.04 -21.19
CA PHE A 261 10.90 -27.56 -21.19
C PHE A 261 10.92 -26.18 -21.82
N MET A 262 11.58 -25.23 -21.17
CA MET A 262 11.67 -23.86 -21.68
C MET A 262 12.84 -23.12 -21.05
N SER A 263 13.03 -21.88 -21.50
CA SER A 263 13.98 -20.95 -20.89
C SER A 263 13.22 -19.89 -20.09
N ASP A 264 13.89 -19.30 -19.11
CA ASP A 264 13.25 -18.23 -18.33
C ASP A 264 13.29 -16.91 -19.09
N ASN A 265 14.26 -16.77 -20.00
CA ASN A 265 14.37 -15.60 -20.88
C ASN A 265 15.34 -15.90 -22.02
N GLY A 266 15.50 -14.94 -22.91
CA GLY A 266 16.42 -15.05 -24.02
C GLY A 266 17.88 -15.17 -23.64
N GLY A 267 18.67 -15.65 -24.60
CA GLY A 267 20.10 -15.85 -24.40
C GLY A 267 20.87 -14.56 -24.33
N LYS A 268 21.95 -14.59 -23.55
CA LYS A 268 22.85 -13.44 -23.44
C LYS A 268 23.98 -13.65 -24.43
N LEU A 269 23.97 -12.83 -25.47
CA LEU A 269 24.84 -13.04 -26.63
C LEU A 269 26.32 -12.89 -26.26
N SER A 270 26.62 -11.98 -25.34
CA SER A 270 27.99 -11.80 -24.88
C SER A 270 28.48 -12.93 -23.96
N LYS A 271 27.60 -13.85 -23.56
CA LYS A 271 27.98 -14.99 -22.74
C LYS A 271 27.61 -16.33 -23.36
N GLY A 272 27.86 -16.44 -24.67
CA GLY A 272 27.87 -17.72 -25.36
C GLY A 272 26.60 -18.12 -26.08
N ALA A 273 25.52 -17.35 -25.90
CA ALA A 273 24.24 -17.74 -26.45
C ALA A 273 24.10 -17.33 -27.93
N ASN A 274 23.09 -17.93 -28.56
CA ASN A 274 22.70 -17.63 -29.94
C ASN A 274 21.17 -17.62 -29.92
N ASN A 275 20.57 -16.49 -30.35
CA ASN A 275 19.11 -16.36 -30.41
C ASN A 275 18.58 -16.36 -31.85
N PHE A 276 19.34 -16.88 -32.81
CA PHE A 276 18.92 -16.93 -34.22
C PHE A 276 17.51 -17.55 -34.36
N PRO A 277 16.60 -16.98 -35.17
CA PRO A 277 16.78 -15.78 -36.00
C PRO A 277 16.29 -14.47 -35.33
N LEU A 278 16.22 -14.45 -34.01
CA LEU A 278 15.64 -13.31 -33.29
C LEU A 278 16.67 -12.22 -33.11
N LYS A 279 16.19 -10.99 -33.02
CA LYS A 279 17.01 -9.84 -32.75
C LYS A 279 17.29 -9.68 -31.27
N ALA A 280 18.52 -9.26 -30.95
CA ALA A 280 18.99 -8.96 -29.60
C ALA A 280 18.95 -10.21 -28.69
N GLY A 281 18.75 -10.01 -27.39
CA GLY A 281 18.78 -11.11 -26.44
C GLY A 281 18.30 -10.68 -25.06
N LYS A 282 18.82 -11.37 -24.04
CA LYS A 282 18.42 -11.21 -22.65
C LYS A 282 18.15 -9.76 -22.28
N GLY A 283 17.01 -9.53 -21.64
CA GLY A 283 16.65 -8.21 -21.13
C GLY A 283 15.97 -7.31 -22.15
N SER A 284 15.94 -7.70 -23.43
CA SER A 284 15.38 -6.86 -24.48
C SER A 284 13.89 -7.11 -24.66
N THR A 285 13.18 -6.11 -25.15
CA THR A 285 11.81 -6.27 -25.61
C THR A 285 11.73 -6.54 -27.11
N GLN A 286 12.88 -6.59 -27.78
CA GLN A 286 13.00 -7.26 -29.10
C GLN A 286 12.66 -8.73 -28.82
N GLU A 287 12.31 -9.50 -29.86
CA GLU A 287 11.91 -10.91 -29.68
C GLU A 287 12.94 -11.73 -28.93
N GLY A 288 14.23 -11.43 -29.14
CA GLY A 288 15.31 -12.17 -28.51
C GLY A 288 15.35 -12.16 -27.00
N GLY A 289 14.68 -11.20 -26.36
CA GLY A 289 14.69 -11.11 -24.90
C GLY A 289 13.67 -11.96 -24.21
N PHE A 290 12.51 -12.14 -24.83
CA PHE A 290 11.41 -12.84 -24.15
C PHE A 290 10.68 -13.89 -24.95
N ARG A 291 11.11 -14.15 -26.17
CA ARG A 291 10.64 -15.31 -26.95
C ARG A 291 11.64 -16.44 -26.73
N VAL A 292 11.14 -17.60 -26.32
CA VAL A 292 11.99 -18.68 -25.82
C VAL A 292 11.62 -20.02 -26.43
N PRO A 293 12.58 -20.97 -26.42
CA PRO A 293 12.22 -22.33 -26.79
C PRO A 293 11.22 -22.90 -25.78
N MET A 294 10.27 -23.69 -26.26
CA MET A 294 9.37 -24.40 -25.39
C MET A 294 8.86 -25.65 -26.09
N LEU A 295 8.79 -26.75 -25.32
CA LEU A 295 8.15 -27.98 -25.76
C LEU A 295 7.22 -28.52 -24.69
N PHE A 296 6.15 -29.18 -25.11
CA PHE A 296 5.28 -30.00 -24.27
C PHE A 296 5.47 -31.46 -24.69
N HIS A 297 5.52 -32.36 -23.70
CA HIS A 297 5.56 -33.80 -23.98
C HIS A 297 4.64 -34.54 -23.01
N TRP A 298 3.67 -35.26 -23.58
CA TRP A 298 2.68 -36.03 -22.82
C TRP A 298 1.99 -37.00 -23.82
N PRO A 299 2.47 -38.26 -23.89
CA PRO A 299 2.02 -39.19 -24.94
C PRO A 299 0.51 -39.42 -24.94
N LYS A 300 -0.07 -39.43 -26.15
CA LYS A 300 -1.51 -39.56 -26.38
C LYS A 300 -2.31 -38.28 -26.14
N HIS A 301 -1.73 -37.28 -25.46
CA HIS A 301 -2.41 -36.02 -25.14
C HIS A 301 -1.84 -34.86 -25.93
N VAL A 302 -0.52 -34.68 -25.85
CA VAL A 302 0.20 -33.72 -26.69
C VAL A 302 0.51 -34.47 -27.98
N PRO A 303 0.08 -33.95 -29.15
CA PRO A 303 0.44 -34.58 -30.41
C PRO A 303 1.95 -34.70 -30.63
N ALA A 304 2.39 -35.83 -31.18
CA ALA A 304 3.80 -36.11 -31.41
C ALA A 304 4.30 -35.57 -32.75
N GLY A 305 5.51 -35.01 -32.74
CA GLY A 305 6.15 -34.54 -33.97
C GLY A 305 5.59 -33.27 -34.56
N LYS A 306 4.97 -32.43 -33.74
CA LYS A 306 4.30 -31.23 -34.22
C LYS A 306 4.99 -29.96 -33.74
N ARG A 307 4.73 -28.86 -34.45
CA ARG A 307 5.16 -27.54 -34.04
C ARG A 307 3.96 -26.61 -34.02
N PHE A 308 3.62 -26.13 -32.83
CA PHE A 308 2.50 -25.21 -32.62
C PHE A 308 2.97 -23.80 -32.94
N SER A 309 2.26 -23.13 -33.84
CA SER A 309 2.72 -21.85 -34.41
C SER A 309 2.01 -20.60 -33.86
N HIS A 310 1.12 -20.75 -32.89
CA HIS A 310 0.40 -19.61 -32.34
C HIS A 310 1.02 -19.15 -31.02
N PRO A 311 0.85 -17.85 -30.67
CA PRO A 311 1.37 -17.32 -29.41
C PRO A 311 0.91 -18.08 -28.19
N VAL A 312 1.85 -18.40 -27.32
CA VAL A 312 1.58 -18.96 -26.00
C VAL A 312 2.42 -18.19 -25.00
N SER A 313 1.86 -17.95 -23.83
CA SER A 313 2.56 -17.24 -22.75
C SER A 313 2.93 -18.20 -21.64
N ALA A 314 4.09 -17.97 -21.03
CA ALA A 314 4.43 -18.59 -19.76
C ALA A 314 3.34 -18.41 -18.69
N LEU A 315 2.60 -17.30 -18.77
CA LEU A 315 1.42 -17.08 -17.89
C LEU A 315 0.33 -18.12 -18.05
N ASP A 316 0.25 -18.75 -19.22
CA ASP A 316 -0.75 -19.77 -19.48
C ASP A 316 -0.51 -21.06 -18.70
N LEU A 317 0.72 -21.33 -18.29
CA LEU A 317 1.03 -22.59 -17.62
C LEU A 317 0.27 -22.76 -16.32
N TYR A 318 0.11 -21.68 -15.54
CA TYR A 318 -0.64 -21.77 -14.27
C TYR A 318 -2.07 -22.30 -14.47
N PRO A 319 -2.92 -21.60 -15.26
CA PRO A 319 -4.30 -22.12 -15.44
C PRO A 319 -4.39 -23.42 -16.27
N THR A 320 -3.44 -23.64 -17.17
CA THR A 320 -3.41 -24.86 -17.97
C THR A 320 -3.09 -26.07 -17.09
N PHE A 321 -2.02 -25.98 -16.31
CA PHE A 321 -1.69 -27.01 -15.33
C PHE A 321 -2.84 -27.24 -14.35
N ALA A 322 -3.41 -26.15 -13.87
CA ALA A 322 -4.52 -26.19 -12.93
C ALA A 322 -5.70 -26.98 -13.51
N ALA A 323 -6.10 -26.66 -14.73
CA ALA A 323 -7.22 -27.35 -15.39
C ALA A 323 -6.90 -28.83 -15.62
N LEU A 324 -5.70 -29.14 -16.08
CA LEU A 324 -5.28 -30.54 -16.28
C LEU A 324 -5.23 -31.34 -14.97
N ALA A 325 -4.92 -30.67 -13.86
CA ALA A 325 -4.89 -31.30 -12.55
C ALA A 325 -6.27 -31.40 -11.86
N GLY A 326 -7.29 -30.76 -12.43
CA GLY A 326 -8.59 -30.65 -11.77
C GLY A 326 -8.56 -29.72 -10.56
N ALA A 327 -7.64 -28.77 -10.55
CA ALA A 327 -7.51 -27.81 -9.46
C ALA A 327 -8.26 -26.55 -9.86
N LYS A 328 -9.14 -26.09 -8.97
CA LYS A 328 -9.96 -24.92 -9.24
C LYS A 328 -9.17 -23.65 -9.03
N VAL A 329 -9.32 -22.72 -9.96
CA VAL A 329 -8.78 -21.37 -9.85
C VAL A 329 -9.92 -20.43 -9.41
N GLU A 330 -9.59 -19.39 -8.64
CA GLU A 330 -10.56 -18.37 -8.22
C GLU A 330 -10.37 -17.05 -9.01
N GLU A 331 -11.48 -16.39 -9.37
CA GLU A 331 -11.47 -15.10 -10.10
C GLU A 331 -10.62 -14.02 -9.40
N ASN A 332 -10.62 -14.03 -8.07
CA ASN A 332 -9.84 -13.05 -7.28
C ASN A 332 -8.31 -13.29 -7.26
N GLN A 333 -7.82 -14.37 -7.89
CA GLN A 333 -6.39 -14.55 -8.10
C GLN A 333 -5.85 -13.66 -9.24
N HIS A 334 -6.75 -13.13 -10.08
CA HIS A 334 -6.39 -12.20 -11.16
C HIS A 334 -5.33 -12.77 -12.11
N LEU A 335 -5.52 -14.02 -12.50
CA LEU A 335 -4.61 -14.68 -13.42
C LEU A 335 -4.59 -13.94 -14.75
N ASP A 336 -3.39 -13.74 -15.29
CA ASP A 336 -3.19 -12.97 -16.51
C ASP A 336 -3.06 -13.81 -17.76
N GLY A 337 -2.84 -15.12 -17.61
CA GLY A 337 -2.77 -16.03 -18.75
C GLY A 337 -4.11 -16.70 -19.00
N THR A 338 -4.10 -17.71 -19.83
CA THR A 338 -5.31 -18.47 -20.15
C THR A 338 -5.01 -19.96 -20.15
N ASN A 339 -6.05 -20.75 -19.87
CA ASN A 339 -5.94 -22.20 -20.04
C ASN A 339 -5.86 -22.42 -21.54
N MET A 340 -4.65 -22.70 -22.03
CA MET A 340 -4.42 -22.77 -23.48
C MET A 340 -4.82 -24.11 -24.08
N TRP A 341 -5.11 -25.11 -23.26
CA TRP A 341 -5.35 -26.46 -23.73
C TRP A 341 -6.47 -26.60 -24.79
N PRO A 342 -7.67 -26.02 -24.56
CA PRO A 342 -8.75 -26.15 -25.57
C PRO A 342 -8.39 -25.60 -26.95
N ALA A 343 -7.75 -24.43 -27.00
CA ALA A 343 -7.26 -23.88 -28.26
C ALA A 343 -6.10 -24.70 -28.84
N PHE A 344 -5.19 -25.13 -27.96
CA PHE A 344 -4.03 -25.96 -28.35
C PHE A 344 -4.47 -27.24 -29.05
N ILE A 345 -5.43 -27.94 -28.47
CA ILE A 345 -5.98 -29.18 -29.04
C ILE A 345 -6.64 -28.96 -30.40
N LYS A 346 -7.19 -27.78 -30.66
CA LYS A 346 -7.83 -27.45 -31.94
C LYS A 346 -6.88 -26.77 -32.93
N ASN A 347 -5.59 -26.70 -32.58
CA ASN A 347 -4.60 -25.95 -33.36
C ASN A 347 -5.02 -24.51 -33.70
N GLU A 348 -5.62 -23.83 -32.71
CA GLU A 348 -6.07 -22.45 -32.82
C GLU A 348 -5.25 -21.58 -31.86
N ASN A 349 -5.28 -20.27 -32.10
CA ASN A 349 -4.53 -19.31 -31.28
C ASN A 349 -5.21 -19.11 -29.90
N PRO A 350 -4.59 -19.61 -28.81
CA PRO A 350 -5.17 -19.40 -27.48
C PRO A 350 -5.24 -17.91 -27.06
N HIS A 351 -4.48 -17.04 -27.72
CA HIS A 351 -4.56 -15.60 -27.53
C HIS A 351 -5.05 -14.87 -28.79
N LYS A 352 -6.07 -15.45 -29.43
CA LYS A 352 -6.69 -14.82 -30.60
C LYS A 352 -7.22 -13.45 -30.22
N ASP A 353 -6.77 -12.44 -30.96
CA ASP A 353 -7.18 -11.04 -30.78
C ASP A 353 -6.90 -10.48 -29.39
N GLU A 354 -5.88 -11.02 -28.70
CA GLU A 354 -5.53 -10.61 -27.33
C GLU A 354 -4.02 -10.43 -27.23
N PRO A 355 -3.57 -9.37 -26.54
CA PRO A 355 -2.13 -9.07 -26.52
C PRO A 355 -1.33 -9.87 -25.49
N ILE A 356 -0.05 -10.07 -25.78
CA ILE A 356 0.93 -10.57 -24.82
C ILE A 356 1.94 -9.45 -24.68
N TYR A 357 2.31 -9.12 -23.44
CA TYR A 357 3.10 -7.94 -23.13
C TYR A 357 4.49 -8.26 -22.60
N ALA A 358 5.42 -7.36 -22.90
CA ALA A 358 6.67 -7.25 -22.16
C ALA A 358 6.87 -5.77 -21.82
N LEU A 359 7.34 -5.51 -20.59
CA LEU A 359 7.58 -4.13 -20.14
C LEU A 359 8.74 -4.19 -19.20
N ARG A 360 9.88 -3.68 -19.65
CA ARG A 360 11.14 -3.82 -18.93
C ARG A 360 11.65 -2.43 -18.64
N HIS A 361 11.94 -2.17 -17.36
CA HIS A 361 12.27 -0.82 -16.94
C HIS A 361 13.77 -0.62 -17.09
N ARG A 362 14.11 0.60 -17.51
CA ARG A 362 15.48 1.06 -17.59
C ARG A 362 15.61 2.36 -16.79
N LYS A 363 16.77 2.99 -16.88
CA LYS A 363 17.05 4.21 -16.16
C LYS A 363 16.29 5.38 -16.78
N GLY A 364 15.18 5.76 -16.15
CA GLY A 364 14.40 6.91 -16.58
C GLY A 364 13.48 6.67 -17.74
N TYR A 365 13.34 5.42 -18.17
CA TYR A 365 12.39 5.08 -19.23
C TYR A 365 12.15 3.59 -19.22
N SER A 366 11.20 3.16 -20.03
CA SER A 366 10.82 1.76 -20.10
C SER A 366 10.81 1.31 -21.54
N ASP A 367 11.27 0.09 -21.77
CA ASP A 367 11.12 -0.59 -23.06
C ASP A 367 9.89 -1.47 -22.98
N ALA A 368 9.18 -1.62 -24.10
CA ALA A 368 7.93 -2.38 -24.13
C ALA A 368 7.76 -3.20 -25.40
N ALA A 369 6.88 -4.18 -25.31
CA ALA A 369 6.56 -5.05 -26.43
C ALA A 369 5.11 -5.50 -26.33
N ILE A 370 4.47 -5.62 -27.49
CA ILE A 370 3.12 -6.14 -27.59
C ILE A 370 3.09 -7.13 -28.74
N ARG A 371 2.70 -8.37 -28.45
CA ARG A 371 2.45 -9.36 -29.47
C ARG A 371 0.96 -9.66 -29.52
N MET A 372 0.34 -9.47 -30.69
CA MET A 372 -1.06 -9.85 -30.91
C MET A 372 -1.28 -10.30 -32.33
N ASN A 373 -1.78 -11.52 -32.49
CA ASN A 373 -1.96 -12.17 -33.80
C ASN A 373 -0.65 -12.06 -34.62
N GLN A 374 -0.69 -11.49 -35.83
CA GLN A 374 0.52 -11.36 -36.63
C GLN A 374 1.42 -10.18 -36.23
N TRP A 375 0.98 -9.33 -35.30
CA TRP A 375 1.64 -8.04 -35.03
C TRP A 375 2.55 -8.05 -33.80
N LYS A 376 3.68 -7.38 -33.94
CA LYS A 376 4.62 -7.14 -32.87
C LYS A 376 4.84 -5.64 -32.83
N ALA A 377 4.33 -4.98 -31.79
CA ALA A 377 4.66 -3.59 -31.51
C ALA A 377 5.86 -3.57 -30.60
N LEU A 378 6.74 -2.59 -30.82
CA LEU A 378 8.03 -2.51 -30.16
C LEU A 378 8.32 -1.07 -29.72
N LYS A 379 8.61 -0.91 -28.43
CA LYS A 379 9.11 0.35 -27.89
C LYS A 379 10.47 0.08 -27.28
N VAL A 380 11.49 0.68 -27.88
CA VAL A 380 12.86 0.40 -27.49
C VAL A 380 13.77 1.61 -27.64
N ASN A 381 14.69 1.74 -26.69
CA ASN A 381 15.76 2.75 -26.74
C ASN A 381 15.24 4.20 -26.89
N GLN A 382 14.04 4.46 -26.35
CA GLN A 382 13.39 5.77 -26.47
C GLN A 382 13.13 6.22 -27.93
N GLN A 383 13.02 5.25 -28.85
CA GLN A 383 12.61 5.50 -30.21
C GLN A 383 11.11 5.55 -30.22
N PRO A 384 10.51 6.17 -31.27
CA PRO A 384 9.07 6.00 -31.44
C PRO A 384 8.68 4.53 -31.60
N TRP A 385 7.43 4.22 -31.24
CA TRP A 385 6.92 2.87 -31.39
C TRP A 385 7.11 2.39 -32.83
N GLN A 386 7.46 1.11 -32.97
CA GLN A 386 7.58 0.45 -34.25
C GLN A 386 6.57 -0.69 -34.30
N LEU A 387 6.24 -1.14 -35.51
CA LEU A 387 5.35 -2.26 -35.73
C LEU A 387 5.93 -3.20 -36.78
N PHE A 388 5.90 -4.50 -36.50
CA PHE A 388 6.37 -5.52 -37.44
C PHE A 388 5.28 -6.56 -37.66
N ASN A 389 5.15 -7.04 -38.89
CA ASN A 389 4.39 -8.23 -39.14
C ASN A 389 5.32 -9.39 -38.80
N ILE A 390 5.22 -9.85 -37.56
CA ILE A 390 6.20 -10.77 -37.01
C ILE A 390 6.14 -12.15 -37.66
N GLU A 391 5.00 -12.47 -38.27
CA GLU A 391 4.87 -13.70 -39.04
C GLU A 391 5.73 -13.76 -40.31
N ASN A 392 6.00 -12.63 -40.95
CA ASN A 392 6.89 -12.64 -42.13
C ASN A 392 8.22 -11.94 -41.92
N ASP A 393 8.40 -11.35 -40.74
CA ASP A 393 9.55 -10.53 -40.40
C ASP A 393 9.96 -10.82 -38.96
N ILE A 394 10.33 -12.08 -38.72
CA ILE A 394 10.64 -12.54 -37.35
C ILE A 394 11.82 -11.77 -36.72
N SER A 395 12.78 -11.36 -37.56
CA SER A 395 13.96 -10.61 -37.10
C SER A 395 13.72 -9.10 -36.90
N GLU A 396 12.49 -8.64 -37.09
CA GLU A 396 12.08 -7.25 -36.78
C GLU A 396 12.89 -6.23 -37.59
N LYS A 397 12.97 -6.47 -38.89
CA LYS A 397 13.72 -5.63 -39.81
C LYS A 397 12.91 -4.53 -40.51
N HIS A 398 11.59 -4.68 -40.59
CA HIS A 398 10.77 -3.87 -41.47
C HIS A 398 9.61 -3.25 -40.70
N ASP A 399 9.88 -2.08 -40.14
CA ASP A 399 8.92 -1.26 -39.41
C ASP A 399 7.82 -0.81 -40.35
N VAL A 400 6.59 -1.28 -40.14
CA VAL A 400 5.44 -0.90 -40.96
C VAL A 400 4.45 -0.01 -40.19
N SER A 401 4.92 0.68 -39.15
CA SER A 401 4.08 1.57 -38.37
C SER A 401 3.46 2.71 -39.21
N LYS A 402 4.21 3.24 -40.18
CA LYS A 402 3.73 4.33 -41.04
C LYS A 402 2.45 3.99 -41.79
N SER A 403 2.31 2.72 -42.18
CA SER A 403 1.13 2.25 -42.93
C SER A 403 0.06 1.54 -42.09
N ASN A 404 0.25 1.44 -40.78
CA ASN A 404 -0.77 0.88 -39.89
C ASN A 404 -0.92 1.74 -38.62
N LYS A 405 -1.01 3.05 -38.82
CA LYS A 405 -1.03 4.04 -37.70
C LYS A 405 -2.12 3.76 -36.68
N ALA A 406 -3.35 3.58 -37.16
CA ALA A 406 -4.51 3.37 -36.29
C ALA A 406 -4.37 2.09 -35.47
N LEU A 407 -3.93 1.00 -36.10
CA LEU A 407 -3.72 -0.27 -35.39
C LEU A 407 -2.66 -0.15 -34.30
N LEU A 408 -1.52 0.45 -34.63
CA LEU A 408 -0.42 0.61 -33.69
C LEU A 408 -0.85 1.45 -32.48
N THR A 409 -1.43 2.62 -32.76
CA THR A 409 -1.94 3.50 -31.69
C THR A 409 -2.92 2.76 -30.78
N ASP A 410 -3.82 1.99 -31.40
CA ASP A 410 -4.79 1.20 -30.66
C ASP A 410 -4.12 0.16 -29.74
N MET A 411 -3.11 -0.52 -30.23
CA MET A 411 -2.39 -1.52 -29.42
C MET A 411 -1.71 -0.86 -28.22
N VAL A 412 -1.05 0.27 -28.46
CA VAL A 412 -0.34 1.02 -27.42
C VAL A 412 -1.30 1.53 -26.36
N ARG A 413 -2.41 2.11 -26.80
CA ARG A 413 -3.47 2.57 -25.86
C ARG A 413 -4.08 1.46 -25.01
N GLU A 414 -4.21 0.27 -25.59
CA GLU A 414 -4.62 -0.90 -24.82
C GLU A 414 -3.57 -1.30 -23.79
N MET A 415 -2.29 -1.18 -24.14
CA MET A 415 -1.21 -1.41 -23.16
C MET A 415 -1.26 -0.37 -22.05
N GLU A 416 -1.41 0.90 -22.43
CA GLU A 416 -1.59 2.00 -21.48
C GLU A 416 -2.74 1.69 -20.53
N LYS A 417 -3.89 1.28 -21.06
CA LYS A 417 -5.01 0.84 -20.23
C LYS A 417 -4.64 -0.26 -19.23
N TRP A 418 -3.93 -1.26 -19.73
CA TRP A 418 -3.44 -2.39 -18.90
C TRP A 418 -2.46 -1.95 -17.80
N SER A 419 -1.71 -0.88 -18.04
CA SER A 419 -0.65 -0.43 -17.11
C SER A 419 -1.14 0.12 -15.77
N TRP A 420 -2.39 0.58 -15.68
CA TRP A 420 -2.88 1.24 -14.46
C TRP A 420 -2.92 0.38 -13.19
N ASP A 421 -3.14 -0.93 -13.30
CA ASP A 421 -3.05 -1.79 -12.10
C ASP A 421 -1.67 -2.42 -11.87
N ASN A 422 -0.65 -1.96 -12.61
CA ASN A 422 0.74 -2.27 -12.28
C ASN A 422 1.07 -1.58 -10.97
N GLN A 423 1.63 -2.33 -10.02
CA GLN A 423 2.01 -1.76 -8.72
C GLN A 423 3.39 -1.11 -8.83
N GLN A 424 3.66 -0.16 -7.95
CA GLN A 424 5.01 0.37 -7.78
C GLN A 424 5.92 -0.81 -7.39
N PRO A 425 7.17 -0.85 -7.91
CA PRO A 425 8.07 -1.95 -7.53
C PRO A 425 8.24 -2.05 -6.02
N SER A 426 8.14 -3.25 -5.48
CA SER A 426 8.35 -3.48 -4.04
C SER A 426 9.84 -3.59 -3.69
N TRP A 427 10.71 -3.67 -4.70
CA TRP A 427 12.16 -3.68 -4.51
C TRP A 427 12.81 -3.46 -5.87
N PHE A 428 14.12 -3.30 -5.84
CA PHE A 428 14.94 -3.17 -7.03
C PHE A 428 16.13 -4.09 -6.82
N HIS A 429 16.92 -4.35 -7.87
CA HIS A 429 18.07 -5.26 -7.74
C HIS A 429 19.30 -4.57 -7.14
N GLU A 430 19.33 -3.24 -7.19
CA GLU A 430 20.38 -2.44 -6.54
C GLU A 430 19.72 -1.23 -5.92
N THR A 431 20.31 -0.75 -4.83
CA THR A 431 19.80 0.44 -4.12
C THR A 431 19.72 1.67 -5.02
N THR A 432 20.74 1.88 -5.84
CA THR A 432 20.81 3.03 -6.75
C THR A 432 19.70 3.02 -7.81
N GLU A 433 19.30 1.82 -8.24
CA GLU A 433 18.20 1.64 -9.17
C GLU A 433 16.90 2.18 -8.58
N GLY A 434 16.64 1.86 -7.33
CA GLY A 434 15.50 2.41 -6.58
C GLY A 434 15.57 3.92 -6.39
N VAL A 435 16.75 4.44 -6.13
CA VAL A 435 16.92 5.88 -6.00
C VAL A 435 16.65 6.58 -7.33
N ASN A 436 17.15 6.00 -8.43
CA ASN A 436 16.92 6.57 -9.75
C ASN A 436 15.45 6.51 -10.14
N TRP A 437 14.79 5.40 -9.77
CA TRP A 437 13.35 5.26 -10.00
C TRP A 437 12.59 6.44 -9.39
N ARG A 438 12.86 6.71 -8.13
CA ARG A 438 12.24 7.82 -7.41
C ARG A 438 12.63 9.18 -7.99
N LEU A 439 13.94 9.40 -8.19
CA LEU A 439 14.44 10.63 -8.80
C LEU A 439 13.81 10.93 -10.16
N ASP A 440 13.59 9.89 -10.97
CA ASP A 440 13.04 10.04 -12.32
C ASP A 440 11.53 10.00 -12.41
N ALA A 441 10.83 10.01 -11.26
CA ALA A 441 9.36 10.02 -11.20
C ALA A 441 8.75 8.82 -11.97
N MET A 442 9.41 7.69 -11.87
CA MET A 442 9.03 6.51 -12.64
C MET A 442 7.72 5.94 -12.08
N PRO A 443 6.90 5.32 -12.94
CA PRO A 443 7.21 5.07 -14.35
C PRO A 443 6.91 6.29 -15.22
N ARG A 444 7.80 6.54 -16.18
CA ARG A 444 7.61 7.61 -17.17
C ARG A 444 6.74 7.08 -18.32
N PHE A 445 5.50 6.74 -18.02
CA PHE A 445 4.61 6.16 -19.00
C PHE A 445 4.10 7.21 -20.00
N ASP A 446 4.28 8.50 -19.69
CA ASP A 446 4.10 9.57 -20.68
C ASP A 446 5.01 9.35 -21.89
N LYS A 447 6.24 8.87 -21.67
CA LYS A 447 7.11 8.53 -22.77
C LYS A 447 6.75 7.17 -23.35
N THR A 448 6.56 6.18 -22.49
CA THR A 448 6.34 4.81 -22.93
C THR A 448 5.11 4.63 -23.82
N PHE A 449 4.01 5.31 -23.50
CA PHE A 449 2.74 5.14 -24.24
C PHE A 449 2.37 6.32 -25.15
N LYS A 450 3.36 7.16 -25.43
CA LYS A 450 3.20 8.26 -26.38
C LYS A 450 3.08 7.71 -27.79
N THR A 451 2.10 8.21 -28.53
CA THR A 451 1.88 7.85 -29.93
C THR A 451 1.81 9.14 -30.75
N GLN B 1 -43.11 -0.69 6.54
CA GLN B 1 -42.42 0.40 7.28
C GLN B 1 -41.30 1.03 6.44
N LYS B 2 -40.24 0.28 6.15
CA LYS B 2 -39.00 0.89 5.60
C LYS B 2 -39.19 1.44 4.18
N PRO B 3 -38.73 2.69 3.95
CA PRO B 3 -39.02 3.36 2.67
C PRO B 3 -38.17 2.88 1.50
N ASN B 4 -38.73 3.02 0.30
CA ASN B 4 -37.93 2.88 -0.92
C ASN B 4 -37.11 4.17 -1.02
N ILE B 5 -35.96 4.09 -1.67
CA ILE B 5 -35.09 5.26 -1.82
C ILE B 5 -34.67 5.37 -3.28
N ILE B 6 -34.83 6.57 -3.86
CA ILE B 6 -34.38 6.85 -5.22
C ILE B 6 -33.40 8.01 -5.14
N LEU B 7 -32.18 7.76 -5.59
CA LEU B 7 -31.17 8.80 -5.76
C LEU B 7 -31.03 9.08 -7.24
N ILE B 8 -31.53 10.24 -7.66
CA ILE B 8 -31.41 10.72 -9.03
C ILE B 8 -30.26 11.72 -9.07
N VAL B 9 -29.29 11.47 -9.95
CA VAL B 9 -28.13 12.35 -10.10
C VAL B 9 -27.97 12.73 -11.55
N ALA B 10 -28.11 14.02 -11.82
CA ALA B 10 -27.81 14.58 -13.12
C ALA B 10 -26.30 14.86 -13.12
N ASP B 11 -25.76 14.98 -14.32
CA ASP B 11 -24.34 15.02 -14.55
C ASP B 11 -24.01 16.39 -15.14
N ASP B 12 -23.24 17.20 -14.40
CA ASP B 12 -22.90 18.59 -14.78
C ASP B 12 -24.12 19.52 -14.86
N LEU B 13 -25.10 19.31 -13.99
CA LEU B 13 -26.29 20.17 -13.97
C LEU B 13 -25.94 21.46 -13.26
N GLY B 14 -26.12 22.57 -13.97
CA GLY B 14 -25.81 23.87 -13.43
C GLY B 14 -26.73 24.27 -12.29
N TYR B 15 -26.20 25.12 -11.42
CA TYR B 15 -26.91 25.50 -10.19
C TYR B 15 -28.28 26.15 -10.45
N ALA B 16 -28.37 26.96 -11.50
CA ALA B 16 -29.58 27.70 -11.83
C ALA B 16 -30.40 27.05 -12.94
N ASP B 17 -30.20 25.77 -13.22
CA ASP B 17 -30.73 25.13 -14.42
C ASP B 17 -31.92 24.21 -14.18
N VAL B 18 -32.47 24.30 -12.97
CA VAL B 18 -33.78 23.73 -12.66
C VAL B 18 -34.60 24.85 -12.04
N GLY B 19 -35.91 24.78 -12.23
CA GLY B 19 -36.82 25.87 -11.81
C GLY B 19 -36.83 26.10 -10.31
N PHE B 20 -36.80 25.02 -9.52
CA PHE B 20 -36.81 25.15 -8.06
C PHE B 20 -35.55 25.81 -7.50
N ASN B 21 -34.46 25.82 -8.27
CA ASN B 21 -33.25 26.48 -7.84
C ASN B 21 -32.95 27.74 -8.64
N GLY B 22 -33.98 28.34 -9.22
CA GLY B 22 -33.91 29.70 -9.77
C GLY B 22 -33.89 29.87 -11.28
N SER B 23 -34.05 28.80 -12.04
CA SER B 23 -34.04 28.94 -13.49
C SER B 23 -35.15 29.86 -13.97
N LYS B 24 -34.79 30.81 -14.80
CA LYS B 24 -35.71 31.72 -15.45
C LYS B 24 -36.01 31.29 -16.90
N ASP B 25 -35.17 30.44 -17.49
CA ASP B 25 -35.29 30.07 -18.92
C ASP B 25 -35.55 28.59 -19.14
N ILE B 26 -34.86 27.71 -18.41
CA ILE B 26 -35.15 26.28 -18.48
C ILE B 26 -36.35 26.03 -17.59
N ILE B 27 -37.26 25.16 -18.04
CA ILE B 27 -38.51 24.89 -17.33
C ILE B 27 -38.54 23.40 -17.04
N THR B 28 -38.70 23.08 -15.75
CA THR B 28 -38.58 21.71 -15.25
C THR B 28 -39.77 21.41 -14.35
N PRO B 29 -40.99 21.28 -14.94
CA PRO B 29 -42.19 21.17 -14.12
C PRO B 29 -42.25 19.97 -13.17
N ASN B 30 -41.87 18.80 -13.65
CA ASN B 30 -41.93 17.56 -12.85
C ASN B 30 -40.89 17.53 -11.73
N ILE B 31 -39.69 18.00 -12.01
CA ILE B 31 -38.67 18.12 -10.98
C ILE B 31 -39.14 19.16 -9.95
N ASP B 32 -39.68 20.29 -10.43
CA ASP B 32 -40.23 21.32 -9.54
C ASP B 32 -41.42 20.87 -8.69
N ASP B 33 -42.24 19.94 -9.20
CA ASP B 33 -43.31 19.31 -8.38
C ASP B 33 -42.76 18.60 -7.16
N LEU B 34 -41.68 17.86 -7.36
CA LEU B 34 -41.01 17.18 -6.25
C LEU B 34 -40.44 18.19 -5.24
N ALA B 35 -39.90 19.30 -5.74
CA ALA B 35 -39.43 20.37 -4.86
C ALA B 35 -40.60 21.05 -4.13
N LYS B 36 -41.68 21.37 -4.86
CA LYS B 36 -42.84 22.06 -4.29
C LYS B 36 -43.51 21.24 -3.20
N SER B 37 -43.63 19.93 -3.38
CA SER B 37 -44.19 19.05 -2.35
C SER B 37 -43.12 18.39 -1.46
N GLY B 38 -41.90 18.92 -1.47
CA GLY B 38 -40.80 18.41 -0.64
C GLY B 38 -39.95 19.57 -0.15
N THR B 39 -38.68 19.29 0.15
CA THR B 39 -37.75 20.30 0.63
C THR B 39 -36.56 20.36 -0.31
N SER B 40 -36.25 21.56 -0.79
CA SER B 40 -35.02 21.80 -1.53
C SER B 40 -33.96 22.30 -0.57
N PHE B 41 -32.70 22.26 -1.02
CA PHE B 41 -31.55 22.59 -0.17
C PHE B 41 -30.72 23.69 -0.81
N SER B 42 -30.59 24.81 -0.13
CA SER B 42 -29.87 25.94 -0.70
C SER B 42 -28.37 25.86 -0.50
N ASP B 43 -27.92 24.99 0.40
CA ASP B 43 -26.52 24.85 0.76
C ASP B 43 -26.09 23.37 0.71
N ALA B 44 -26.35 22.74 -0.44
CA ALA B 44 -26.01 21.32 -0.65
C ALA B 44 -24.70 21.21 -1.39
N TYR B 45 -23.80 20.35 -0.88
CA TYR B 45 -22.43 20.23 -1.40
C TYR B 45 -22.04 18.80 -1.75
N VAL B 46 -21.42 18.61 -2.91
CA VAL B 46 -20.82 17.33 -3.28
C VAL B 46 -19.36 17.32 -2.79
N ALA B 47 -18.80 16.12 -2.67
CA ALA B 47 -17.53 15.92 -1.99
C ALA B 47 -16.34 16.25 -2.89
N HIS B 48 -16.59 16.44 -4.17
CA HIS B 48 -15.56 16.83 -5.11
C HIS B 48 -16.21 17.61 -6.25
N PRO B 49 -15.48 18.56 -6.85
CA PRO B 49 -16.09 19.33 -7.92
C PRO B 49 -16.10 18.71 -9.34
N PHE B 50 -15.87 17.40 -9.45
CA PHE B 50 -16.13 16.70 -10.72
C PHE B 50 -16.50 15.24 -10.48
N SER B 51 -16.97 14.59 -11.55
CA SER B 51 -17.76 13.33 -11.48
C SER B 51 -17.25 12.16 -10.65
N GLY B 52 -16.11 11.60 -11.06
CA GLY B 52 -15.64 10.31 -10.54
C GLY B 52 -15.51 10.29 -9.02
N PRO B 53 -14.75 11.26 -8.47
CA PRO B 53 -14.59 11.33 -7.02
C PRO B 53 -15.89 11.71 -6.29
N SER B 54 -16.74 12.52 -6.92
CA SER B 54 -18.05 12.87 -6.34
C SER B 54 -18.92 11.63 -6.21
N ARG B 55 -18.97 10.84 -7.28
CA ARG B 55 -19.76 9.60 -7.28
C ARG B 55 -19.20 8.57 -6.31
N ALA B 56 -17.88 8.41 -6.28
CA ALA B 56 -17.22 7.57 -5.28
C ALA B 56 -17.65 7.93 -3.86
N ALA B 57 -17.79 9.23 -3.60
CA ALA B 57 -18.19 9.73 -2.30
C ALA B 57 -19.67 9.46 -2.01
N LEU B 58 -20.53 9.65 -2.99
CA LEU B 58 -21.95 9.32 -2.83
C LEU B 58 -22.11 7.87 -2.40
N MET B 59 -21.45 6.96 -3.11
CA MET B 59 -21.61 5.54 -2.89
C MET B 59 -20.94 5.00 -1.63
N THR B 60 -19.75 5.51 -1.29
CA THR B 60 -18.98 5.01 -0.14
C THR B 60 -19.24 5.78 1.15
N GLY B 61 -19.75 7.01 1.03
CA GLY B 61 -19.90 7.88 2.19
C GLY B 61 -18.56 8.39 2.73
N ARG B 62 -17.55 8.34 1.89
CA ARG B 62 -16.24 8.82 2.25
C ARG B 62 -15.66 9.84 1.28
N TYR B 63 -15.00 10.86 1.80
CA TYR B 63 -14.24 11.74 0.92
C TYR B 63 -13.38 10.86 0.02
N PRO B 64 -13.33 11.18 -1.28
CA PRO B 64 -12.61 10.31 -2.23
C PRO B 64 -11.10 10.27 -1.96
N HIS B 65 -10.59 11.27 -1.27
CA HIS B 65 -9.17 11.37 -0.92
C HIS B 65 -8.76 10.27 0.07
N LYS B 66 -9.70 9.87 0.91
CA LYS B 66 -9.46 8.81 1.91
C LYS B 66 -9.35 7.43 1.27
N ILE B 67 -9.84 7.28 0.04
CA ILE B 67 -9.87 5.98 -0.61
C ILE B 67 -9.16 5.97 -1.96
N GLY B 68 -8.24 6.91 -2.15
CA GLY B 68 -7.38 6.95 -3.35
C GLY B 68 -8.11 7.28 -4.64
N SER B 69 -9.32 7.83 -4.55
CA SER B 69 -10.17 8.08 -5.72
C SER B 69 -10.36 9.59 -6.01
N GLN B 70 -9.29 10.37 -5.82
CA GLN B 70 -9.31 11.84 -5.99
C GLN B 70 -9.38 12.29 -7.44
N PHE B 71 -9.14 11.38 -8.38
CA PHE B 71 -9.14 11.70 -9.80
C PHE B 71 -10.17 10.85 -10.50
N ASN B 72 -10.62 11.33 -11.66
CA ASN B 72 -11.40 10.53 -12.57
C ASN B 72 -10.55 9.37 -13.04
N LEU B 73 -11.20 8.25 -13.34
CA LEU B 73 -10.51 7.08 -13.90
C LEU B 73 -9.91 7.40 -15.26
N PRO B 74 -8.85 6.68 -15.66
CA PRO B 74 -8.21 6.89 -16.95
C PRO B 74 -9.22 6.94 -18.10
N THR B 75 -9.18 8.01 -18.90
CA THR B 75 -10.23 8.27 -19.89
C THR B 75 -10.32 7.22 -20.99
N ARG B 76 -9.21 6.54 -21.28
CA ARG B 76 -9.18 5.47 -22.30
C ARG B 76 -9.32 4.06 -21.72
N GLY B 77 -9.66 3.95 -20.44
CA GLY B 77 -9.95 2.67 -19.83
C GLY B 77 -8.82 2.20 -18.93
N SER B 78 -9.16 1.31 -18.02
CA SER B 78 -8.21 0.80 -17.05
C SER B 78 -8.82 -0.39 -16.37
N ASN B 79 -8.01 -1.11 -15.60
CA ASN B 79 -8.51 -2.18 -14.73
C ASN B 79 -8.45 -1.77 -13.28
N VAL B 80 -8.73 -0.50 -13.00
CA VAL B 80 -8.79 -0.02 -11.61
C VAL B 80 -10.15 0.59 -11.35
N GLY B 81 -10.45 0.81 -10.08
CA GLY B 81 -11.75 1.39 -9.69
C GLY B 81 -11.79 1.68 -8.20
N VAL B 82 -12.93 2.16 -7.76
CA VAL B 82 -13.15 2.56 -6.37
C VAL B 82 -12.96 1.31 -5.51
N PRO B 83 -12.16 1.41 -4.43
CA PRO B 83 -11.74 0.19 -3.71
C PRO B 83 -12.91 -0.69 -3.24
N THR B 84 -12.77 -1.99 -3.45
CA THR B 84 -13.81 -2.98 -3.16
C THR B 84 -14.08 -3.18 -1.67
N ASP B 85 -13.13 -2.78 -0.82
CA ASP B 85 -13.31 -2.86 0.62
C ASP B 85 -14.04 -1.64 1.23
N ALA B 86 -14.36 -0.62 0.42
CA ALA B 86 -15.28 0.46 0.86
C ALA B 86 -16.71 0.09 0.44
N LYS B 87 -17.50 -0.42 1.37
CA LYS B 87 -18.83 -0.93 1.07
C LYS B 87 -19.75 0.19 0.52
N PHE B 88 -20.33 -0.07 -0.64
CA PHE B 88 -21.26 0.86 -1.29
C PHE B 88 -22.58 0.86 -0.55
N ILE B 89 -23.24 2.02 -0.49
CA ILE B 89 -24.57 2.14 0.12
C ILE B 89 -25.56 1.14 -0.48
N SER B 90 -25.44 0.88 -1.77
CA SER B 90 -26.25 -0.14 -2.43
C SER B 90 -26.03 -1.55 -1.84
N LYS B 91 -24.78 -1.90 -1.60
CA LYS B 91 -24.44 -3.19 -0.99
C LYS B 91 -25.02 -3.29 0.42
N LEU B 92 -24.87 -2.22 1.20
CA LEU B 92 -25.42 -2.17 2.56
C LEU B 92 -26.93 -2.37 2.57
N LEU B 93 -27.62 -1.63 1.71
CA LEU B 93 -29.07 -1.75 1.60
C LEU B 93 -29.47 -3.13 1.08
N ASN B 94 -28.74 -3.66 0.10
CA ASN B 94 -28.99 -5.02 -0.42
C ASN B 94 -28.85 -6.07 0.68
N GLU B 95 -27.82 -5.92 1.52
CA GLU B 95 -27.66 -6.77 2.69
C GLU B 95 -28.77 -6.61 3.72
N ASN B 96 -29.46 -5.45 3.73
CA ASN B 96 -30.63 -5.26 4.57
C ASN B 96 -31.94 -5.35 3.81
N ASN B 97 -32.02 -6.32 2.90
CA ASN B 97 -33.29 -6.70 2.26
C ASN B 97 -33.79 -5.72 1.19
N TYR B 98 -32.95 -4.83 0.65
CA TYR B 98 -33.39 -3.96 -0.47
C TYR B 98 -33.16 -4.62 -1.84
N PHE B 99 -34.15 -4.47 -2.71
CA PHE B 99 -33.99 -4.73 -4.15
C PHE B 99 -33.30 -3.49 -4.73
N THR B 100 -32.14 -3.70 -5.36
CA THR B 100 -31.26 -2.59 -5.73
C THR B 100 -31.08 -2.47 -7.23
N GLY B 101 -31.09 -1.22 -7.70
CA GLY B 101 -30.95 -0.92 -9.13
C GLY B 101 -30.06 0.27 -9.38
N ALA B 102 -29.23 0.18 -10.40
CA ALA B 102 -28.41 1.30 -10.87
C ALA B 102 -28.67 1.51 -12.34
N LEU B 103 -28.81 2.76 -12.76
CA LEU B 103 -29.09 3.07 -14.15
C LEU B 103 -28.19 4.16 -14.66
N GLY B 104 -27.74 3.99 -15.89
CA GLY B 104 -27.00 5.01 -16.59
C GLY B 104 -25.53 4.98 -16.26
N LYS B 105 -25.00 6.14 -15.87
CA LYS B 105 -23.55 6.34 -15.76
C LYS B 105 -23.01 5.71 -14.49
N TRP B 106 -21.86 5.05 -14.61
CA TRP B 106 -21.17 4.43 -13.49
C TRP B 106 -19.94 5.26 -13.12
N HIS B 107 -18.89 5.20 -13.94
CA HIS B 107 -17.64 5.96 -13.71
C HIS B 107 -16.91 5.62 -12.40
N MET B 108 -17.07 4.38 -11.92
CA MET B 108 -16.41 3.91 -10.68
C MET B 108 -15.65 2.57 -10.81
N GLY B 109 -15.42 2.13 -12.05
CA GLY B 109 -14.61 0.96 -12.36
C GLY B 109 -15.40 -0.01 -13.21
N ASP B 110 -14.79 -0.55 -14.26
CA ASP B 110 -15.49 -1.49 -15.16
C ASP B 110 -14.94 -2.92 -15.19
N THR B 111 -14.13 -3.27 -14.21
CA THR B 111 -13.63 -4.65 -14.07
C THR B 111 -14.73 -5.48 -13.42
N PRO B 112 -14.60 -6.83 -13.42
CA PRO B 112 -15.64 -7.65 -12.80
C PRO B 112 -15.94 -7.28 -11.33
N GLN B 113 -14.90 -7.08 -10.53
CA GLN B 113 -15.05 -6.74 -9.10
C GLN B 113 -15.58 -5.31 -8.84
N HIS B 114 -15.37 -4.40 -9.79
CA HIS B 114 -15.84 -3.01 -9.68
C HIS B 114 -17.21 -2.76 -10.33
N HIS B 115 -17.75 -3.79 -11.00
CA HIS B 115 -19.00 -3.69 -11.76
C HIS B 115 -20.18 -3.47 -10.82
N PRO B 116 -21.20 -2.68 -11.25
CA PRO B 116 -22.38 -2.47 -10.43
C PRO B 116 -22.96 -3.72 -9.76
N ASN B 117 -23.03 -4.82 -10.51
CA ASN B 117 -23.55 -6.10 -9.98
C ASN B 117 -22.71 -6.71 -8.86
N LYS B 118 -21.43 -6.34 -8.77
CA LYS B 118 -20.59 -6.74 -7.63
C LYS B 118 -20.53 -5.69 -6.53
N ARG B 119 -21.08 -4.48 -6.76
CA ARG B 119 -21.16 -3.43 -5.73
C ARG B 119 -22.58 -3.26 -5.16
N GLY B 120 -23.35 -4.34 -5.16
CA GLY B 120 -24.61 -4.39 -4.45
C GLY B 120 -25.87 -4.01 -5.21
N PHE B 121 -25.77 -3.84 -6.53
CA PHE B 121 -26.94 -3.59 -7.38
C PHE B 121 -27.38 -4.89 -8.06
N ASP B 122 -28.60 -5.32 -7.77
CA ASP B 122 -29.19 -6.48 -8.43
C ASP B 122 -29.35 -6.21 -9.92
N GLU B 123 -29.82 -5.00 -10.25
CA GLU B 123 -30.04 -4.57 -11.63
C GLU B 123 -29.08 -3.45 -12.00
N TYR B 124 -28.49 -3.55 -13.18
CA TYR B 124 -27.77 -2.44 -13.78
C TYR B 124 -28.12 -2.34 -15.25
N TYR B 125 -28.49 -1.15 -15.68
CA TYR B 125 -28.70 -0.87 -17.11
C TYR B 125 -28.04 0.46 -17.40
N GLY B 126 -26.97 0.44 -18.20
CA GLY B 126 -26.26 1.66 -18.52
C GLY B 126 -24.94 1.50 -19.21
N PHE B 127 -24.06 2.48 -18.99
CA PHE B 127 -22.73 2.53 -19.59
C PHE B 127 -21.78 2.83 -18.46
N LEU B 128 -20.62 2.16 -18.50
CA LEU B 128 -19.75 2.08 -17.32
C LEU B 128 -18.77 3.25 -17.20
N GLY B 129 -18.55 3.98 -18.28
CA GLY B 129 -17.57 5.07 -18.32
C GLY B 129 -18.06 6.43 -17.86
N GLY B 130 -17.37 7.46 -18.33
CA GLY B 130 -17.57 8.85 -17.88
C GLY B 130 -18.69 9.60 -18.57
N GLY B 131 -19.27 8.99 -19.59
CA GLY B 131 -20.40 9.55 -20.32
C GLY B 131 -20.73 8.71 -21.55
N HIS B 132 -21.56 9.27 -22.42
CA HIS B 132 -22.01 8.58 -23.60
C HIS B 132 -22.62 9.54 -24.61
N ASN B 133 -22.48 9.20 -25.90
CA ASN B 133 -23.23 9.88 -26.95
C ASN B 133 -24.71 9.49 -26.79
N TYR B 134 -25.59 10.41 -27.13
CA TYR B 134 -27.01 10.31 -26.77
C TYR B 134 -27.92 9.60 -27.77
N PHE B 135 -27.53 9.55 -29.05
CA PHE B 135 -28.38 8.99 -30.11
C PHE B 135 -27.84 7.69 -30.66
N PRO B 136 -28.52 6.55 -30.40
CA PRO B 136 -28.06 5.29 -30.97
C PRO B 136 -27.79 5.34 -32.48
N ASP B 137 -28.73 5.92 -33.24
CA ASP B 137 -28.50 6.16 -34.68
C ASP B 137 -27.17 6.83 -35.05
N GLN B 138 -26.60 7.62 -34.16
CA GLN B 138 -25.26 8.24 -34.36
C GLN B 138 -24.12 7.30 -33.94
N TYR B 139 -24.15 6.83 -32.69
CA TYR B 139 -23.00 6.09 -32.13
C TYR B 139 -22.87 4.61 -32.58
N GLN B 140 -23.98 3.92 -32.81
CA GLN B 140 -23.94 2.48 -33.18
C GLN B 140 -23.21 2.19 -34.51
N PRO B 141 -23.44 2.99 -35.57
CA PRO B 141 -22.65 2.86 -36.78
C PRO B 141 -21.14 3.10 -36.59
N GLN B 142 -20.78 4.10 -35.78
CA GLN B 142 -19.37 4.38 -35.49
C GLN B 142 -18.69 3.20 -34.77
N TYR B 143 -19.38 2.63 -33.77
CA TYR B 143 -18.88 1.45 -33.06
C TYR B 143 -18.74 0.23 -33.99
N LYS B 144 -19.71 0.03 -34.89
CA LYS B 144 -19.65 -1.06 -35.87
C LYS B 144 -18.40 -0.91 -36.74
N LYS B 145 -18.22 0.29 -37.30
CA LYS B 145 -17.08 0.58 -38.20
C LYS B 145 -15.75 0.28 -37.50
N GLN B 146 -15.59 0.77 -36.27
CA GLN B 146 -14.34 0.59 -35.53
C GLN B 146 -14.12 -0.85 -35.11
N LYS B 147 -15.17 -1.53 -34.64
CA LYS B 147 -15.04 -2.93 -34.24
C LYS B 147 -14.66 -3.83 -35.43
N ALA B 148 -15.30 -3.64 -36.58
CA ALA B 148 -14.99 -4.38 -37.81
C ALA B 148 -13.57 -4.13 -38.33
N GLN B 149 -13.06 -2.92 -38.09
CA GLN B 149 -11.66 -2.57 -38.38
C GLN B 149 -10.65 -3.26 -37.43
N GLY B 150 -11.13 -3.89 -36.36
CA GLY B 150 -10.30 -4.66 -35.43
C GLY B 150 -9.78 -3.86 -34.24
N LEU B 151 -10.31 -2.65 -34.05
CA LEU B 151 -9.88 -1.79 -32.94
C LEU B 151 -10.43 -2.33 -31.62
N LYS B 152 -9.57 -2.35 -30.60
CA LYS B 152 -9.96 -2.80 -29.26
C LYS B 152 -10.13 -1.64 -28.26
N ASN B 153 -9.33 -0.58 -28.40
CA ASN B 153 -9.53 0.63 -27.60
C ASN B 153 -10.50 1.53 -28.34
N ILE B 154 -11.79 1.28 -28.11
CA ILE B 154 -12.87 2.06 -28.68
C ILE B 154 -13.39 3.01 -27.62
N PHE B 155 -13.55 4.27 -28.00
CA PHE B 155 -13.96 5.31 -27.07
C PHE B 155 -15.27 4.93 -26.38
N GLU B 156 -15.25 4.97 -25.06
CA GLU B 156 -16.37 4.45 -24.24
C GLU B 156 -17.72 5.16 -24.46
N TYR B 157 -17.70 6.35 -25.07
CA TYR B 157 -18.93 7.08 -25.39
C TYR B 157 -19.78 6.48 -26.51
N ILE B 158 -19.20 5.58 -27.32
CA ILE B 158 -19.93 4.95 -28.43
C ILE B 158 -20.16 3.46 -28.24
N THR B 159 -19.64 2.89 -27.15
CA THR B 159 -19.75 1.45 -26.95
C THR B 159 -21.19 1.12 -26.57
N PRO B 160 -21.62 -0.12 -26.82
CA PRO B 160 -23.01 -0.45 -26.50
C PRO B 160 -23.33 -0.37 -25.02
N LEU B 161 -24.55 -0.02 -24.68
CA LEU B 161 -25.01 -0.12 -23.29
C LEU B 161 -25.13 -1.59 -22.91
N GLU B 162 -25.25 -1.85 -21.62
CA GLU B 162 -25.39 -3.21 -21.14
C GLU B 162 -26.49 -3.31 -20.10
N HIS B 163 -27.00 -4.52 -19.95
CA HIS B 163 -27.93 -4.88 -18.90
C HIS B 163 -27.34 -6.06 -18.15
N ASN B 164 -26.89 -5.80 -16.93
CA ASN B 164 -26.26 -6.83 -16.09
C ASN B 164 -25.14 -7.59 -16.81
N GLY B 165 -24.19 -6.85 -17.40
CA GLY B 165 -23.07 -7.46 -18.11
C GLY B 165 -23.32 -7.91 -19.54
N LYS B 166 -24.58 -8.04 -19.96
CA LYS B 166 -24.91 -8.41 -21.36
C LYS B 166 -25.16 -7.15 -22.18
N GLU B 167 -24.52 -7.05 -23.34
CA GLU B 167 -24.69 -5.91 -24.22
C GLU B 167 -26.08 -5.87 -24.83
N VAL B 168 -26.61 -4.66 -25.00
CA VAL B 168 -27.91 -4.44 -25.64
C VAL B 168 -27.74 -3.50 -26.82
N LYS B 169 -28.82 -3.37 -27.59
CA LYS B 169 -28.88 -2.48 -28.74
C LYS B 169 -29.94 -1.45 -28.42
N GLU B 170 -29.52 -0.31 -27.89
CA GLU B 170 -30.47 0.73 -27.49
C GLU B 170 -31.09 1.38 -28.73
N THR B 171 -32.39 1.68 -28.67
CA THR B 171 -33.09 2.35 -29.76
C THR B 171 -33.49 3.80 -29.46
N GLN B 172 -33.55 4.20 -28.19
CA GLN B 172 -33.98 5.55 -27.82
C GLN B 172 -32.85 6.47 -27.40
N TYR B 173 -33.07 7.77 -27.59
CA TYR B 173 -32.28 8.84 -26.97
C TYR B 173 -31.97 8.45 -25.54
N ILE B 174 -30.70 8.52 -25.15
CA ILE B 174 -30.24 7.85 -23.91
C ILE B 174 -31.02 8.26 -22.66
N THR B 175 -31.31 9.55 -22.53
CA THR B 175 -32.08 10.05 -21.39
C THR B 175 -33.47 9.41 -21.31
N ASP B 176 -34.13 9.24 -22.45
CA ASP B 176 -35.43 8.53 -22.52
C ASP B 176 -35.26 7.05 -22.19
N ALA B 177 -34.20 6.43 -22.69
CA ALA B 177 -33.90 5.03 -22.38
C ALA B 177 -33.70 4.77 -20.88
N LEU B 178 -32.95 5.65 -20.22
CA LEU B 178 -32.71 5.50 -18.78
C LEU B 178 -34.00 5.69 -17.99
N SER B 179 -34.80 6.66 -18.40
CA SER B 179 -36.10 6.91 -17.80
C SER B 179 -37.02 5.68 -17.97
N ARG B 180 -36.98 5.06 -19.16
CA ARG B 180 -37.76 3.90 -19.47
C ARG B 180 -37.39 2.73 -18.57
N GLU B 181 -36.11 2.55 -18.33
CA GLU B 181 -35.62 1.48 -17.47
C GLU B 181 -35.82 1.78 -15.99
N ALA B 182 -35.93 3.07 -15.63
CA ALA B 182 -36.35 3.44 -14.27
C ALA B 182 -37.79 2.97 -14.03
N VAL B 183 -38.66 3.18 -15.02
CA VAL B 183 -40.03 2.66 -14.95
C VAL B 183 -40.00 1.14 -14.84
N ASN B 184 -39.20 0.49 -15.69
CA ASN B 184 -39.11 -0.98 -15.65
C ASN B 184 -38.60 -1.49 -14.32
N PHE B 185 -37.64 -0.77 -13.73
CA PHE B 185 -37.07 -1.16 -12.45
C PHE B 185 -38.11 -1.12 -11.35
N VAL B 186 -38.86 -0.01 -11.25
CA VAL B 186 -39.88 0.13 -10.20
C VAL B 186 -41.11 -0.78 -10.42
N ASP B 187 -41.43 -1.06 -11.68
CA ASP B 187 -42.45 -2.08 -12.00
C ASP B 187 -42.00 -3.49 -11.57
N LYS B 188 -40.73 -3.83 -11.80
CA LYS B 188 -40.17 -5.10 -11.28
C LYS B 188 -40.24 -5.14 -9.74
N ALA B 189 -39.97 -4.00 -9.11
CA ALA B 189 -39.98 -3.88 -7.63
C ALA B 189 -41.33 -4.19 -6.98
N VAL B 190 -42.43 -3.93 -7.69
CA VAL B 190 -43.79 -4.24 -7.19
C VAL B 190 -43.90 -5.68 -6.66
N ASN B 191 -43.43 -6.62 -7.47
CA ASN B 191 -43.53 -8.05 -7.14
C ASN B 191 -42.62 -8.47 -5.98
N LYS B 192 -41.50 -7.77 -5.80
CA LYS B 192 -40.45 -8.20 -4.88
C LYS B 192 -40.89 -8.29 -3.40
N LYS B 193 -41.77 -7.40 -2.95
CA LYS B 193 -42.22 -7.44 -1.55
C LYS B 193 -41.17 -7.03 -0.50
N HIS B 194 -40.01 -6.54 -0.94
CA HIS B 194 -39.05 -5.82 -0.08
C HIS B 194 -39.03 -4.38 -0.58
N PRO B 195 -38.48 -3.45 0.20
CA PRO B 195 -38.28 -2.10 -0.34
C PRO B 195 -37.16 -2.05 -1.40
N PHE B 196 -37.07 -0.96 -2.16
CA PHE B 196 -36.08 -0.83 -3.24
C PHE B 196 -35.22 0.42 -3.15
N PHE B 197 -34.00 0.31 -3.67
CA PHE B 197 -33.09 1.44 -3.82
C PHE B 197 -32.77 1.57 -5.30
N LEU B 198 -33.06 2.74 -5.87
CA LEU B 198 -32.71 3.01 -7.27
C LEU B 198 -31.71 4.16 -7.32
N TYR B 199 -30.57 3.90 -7.96
CA TYR B 199 -29.56 4.92 -8.27
C TYR B 199 -29.71 5.24 -9.77
N LEU B 200 -30.24 6.43 -10.07
CA LEU B 200 -30.54 6.84 -11.44
C LEU B 200 -29.53 7.90 -11.85
N ALA B 201 -28.55 7.49 -12.66
CA ALA B 201 -27.40 8.33 -12.97
C ALA B 201 -27.46 8.79 -14.41
N TYR B 202 -28.25 9.83 -14.66
CA TYR B 202 -28.36 10.44 -15.99
C TYR B 202 -27.03 11.05 -16.38
N ASN B 203 -26.61 10.87 -17.63
CA ASN B 203 -25.49 11.63 -18.17
C ASN B 203 -25.90 13.04 -18.57
N ALA B 204 -27.19 13.33 -18.76
CA ALA B 204 -27.58 14.70 -19.12
C ALA B 204 -27.44 15.61 -17.88
N PRO B 205 -27.05 16.87 -18.04
CA PRO B 205 -26.76 17.53 -19.32
C PRO B 205 -25.26 17.62 -19.66
N HIS B 206 -24.50 16.58 -19.32
CA HIS B 206 -23.07 16.49 -19.64
C HIS B 206 -22.88 16.37 -21.15
N THR B 207 -21.75 16.87 -21.63
CA THR B 207 -21.36 16.77 -23.03
C THR B 207 -21.33 15.30 -23.52
N PRO B 208 -21.45 15.05 -24.82
CA PRO B 208 -21.70 16.07 -25.85
C PRO B 208 -23.10 16.68 -25.77
N LEU B 209 -23.20 17.94 -26.15
CA LEU B 209 -24.47 18.65 -26.16
C LEU B 209 -25.32 18.14 -27.32
N GLN B 210 -26.25 17.24 -27.00
CA GLN B 210 -27.09 16.59 -27.98
C GLN B 210 -28.49 16.46 -27.39
N ALA B 211 -29.45 17.10 -28.07
CA ALA B 211 -30.84 17.15 -27.62
C ALA B 211 -31.79 16.72 -28.71
N LYS B 212 -32.96 16.25 -28.31
CA LYS B 212 -34.05 15.98 -29.25
C LYS B 212 -34.60 17.30 -29.75
N ASP B 213 -34.96 17.35 -31.04
CA ASP B 213 -35.59 18.57 -31.58
C ASP B 213 -36.89 18.92 -30.84
N GLU B 214 -37.65 17.89 -30.44
CA GLU B 214 -38.92 18.04 -29.73
C GLU B 214 -38.75 18.75 -28.38
N ASP B 215 -37.61 18.52 -27.74
CA ASP B 215 -37.28 19.18 -26.48
C ASP B 215 -36.80 20.60 -26.70
N MET B 216 -35.90 20.78 -27.66
CA MET B 216 -35.39 22.11 -28.00
C MET B 216 -36.52 23.02 -28.49
N ALA B 217 -37.51 22.44 -29.17
CA ALA B 217 -38.71 23.16 -29.64
C ALA B 217 -39.50 23.85 -28.52
N MET B 218 -39.36 23.37 -27.29
CA MET B 218 -40.02 23.96 -26.12
C MET B 218 -39.35 25.23 -25.61
N PHE B 219 -38.19 25.61 -26.18
CA PHE B 219 -37.48 26.81 -25.75
C PHE B 219 -37.18 27.73 -26.92
N PRO B 220 -38.25 28.21 -27.60
CA PRO B 220 -38.08 29.11 -28.75
C PRO B 220 -37.44 30.44 -28.42
N ASN B 221 -37.55 30.90 -27.17
CA ASN B 221 -36.95 32.17 -26.76
C ASN B 221 -35.50 32.07 -26.23
N ILE B 222 -34.92 30.87 -26.23
CA ILE B 222 -33.49 30.71 -25.96
C ILE B 222 -32.77 30.77 -27.31
N LYS B 223 -32.14 31.91 -27.59
CA LYS B 223 -31.47 32.15 -28.87
C LYS B 223 -30.07 31.55 -28.95
N ASN B 224 -29.35 31.43 -27.83
CA ASN B 224 -27.99 30.84 -27.84
C ASN B 224 -28.10 29.33 -28.15
N LYS B 225 -27.39 28.87 -29.17
CA LYS B 225 -27.52 27.49 -29.68
C LYS B 225 -27.19 26.46 -28.59
N ASP B 226 -26.08 26.63 -27.90
CA ASP B 226 -25.67 25.71 -26.85
C ASP B 226 -26.63 25.70 -25.66
N ARG B 227 -27.10 26.89 -25.27
CA ARG B 227 -28.02 27.01 -24.16
C ARG B 227 -29.37 26.36 -24.48
N LYS B 228 -29.81 26.46 -25.73
CA LYS B 228 -31.06 25.81 -26.18
C LYS B 228 -30.89 24.29 -26.20
N THR B 229 -29.77 23.82 -26.73
CA THR B 229 -29.47 22.40 -26.71
C THR B 229 -29.45 21.87 -25.27
N TYR B 230 -28.75 22.58 -24.40
CA TYR B 230 -28.64 22.24 -22.98
C TYR B 230 -30.01 22.23 -22.28
N ALA B 231 -30.81 23.25 -22.57
CA ALA B 231 -32.19 23.34 -22.05
C ALA B 231 -32.99 22.13 -22.45
N GLY B 232 -32.88 21.75 -23.73
CA GLY B 232 -33.54 20.53 -24.24
C GLY B 232 -33.11 19.26 -23.53
N MET B 233 -31.81 19.18 -23.21
CA MET B 233 -31.25 18.04 -22.47
C MET B 233 -31.80 17.92 -21.06
N VAL B 234 -31.92 19.07 -20.38
CA VAL B 234 -32.46 19.11 -19.04
C VAL B 234 -33.95 18.80 -19.07
N TYR B 235 -34.65 19.32 -20.08
CA TYR B 235 -36.08 19.04 -20.22
C TYR B 235 -36.36 17.55 -20.40
N ALA B 236 -35.50 16.85 -21.15
CA ALA B 236 -35.60 15.37 -21.27
C ALA B 236 -35.45 14.67 -19.90
N VAL B 237 -34.57 15.17 -19.06
CA VAL B 237 -34.48 14.66 -17.67
C VAL B 237 -35.80 14.92 -16.92
N ASP B 238 -36.38 16.11 -17.07
CA ASP B 238 -37.66 16.41 -16.44
C ASP B 238 -38.81 15.51 -16.89
N ARG B 239 -38.92 15.29 -18.20
CA ARG B 239 -39.89 14.30 -18.76
C ARG B 239 -39.69 12.93 -18.13
N GLY B 240 -38.42 12.51 -18.06
CA GLY B 240 -38.04 11.26 -17.44
C GLY B 240 -38.50 11.12 -16.03
N VAL B 241 -38.24 12.15 -15.23
CA VAL B 241 -38.68 12.20 -13.83
C VAL B 241 -40.21 12.09 -13.78
N GLY B 242 -40.90 12.81 -14.65
CA GLY B 242 -42.35 12.75 -14.76
C GLY B 242 -42.85 11.35 -15.06
N LYS B 243 -42.19 10.68 -16.02
CA LYS B 243 -42.54 9.30 -16.37
C LYS B 243 -42.32 8.34 -15.18
N LEU B 244 -41.25 8.57 -14.43
CA LEU B 244 -40.95 7.77 -13.25
C LEU B 244 -41.96 7.99 -12.12
N VAL B 245 -42.33 9.25 -11.86
CA VAL B 245 -43.30 9.58 -10.82
C VAL B 245 -44.66 8.94 -11.14
N GLU B 246 -45.04 9.03 -12.42
CA GLU B 246 -46.23 8.35 -12.98
C GLU B 246 -46.25 6.88 -12.57
N ALA B 247 -45.16 6.17 -12.85
CA ALA B 247 -45.04 4.76 -12.53
C ALA B 247 -45.09 4.50 -11.03
N LEU B 248 -44.42 5.35 -10.24
CA LEU B 248 -44.46 5.23 -8.77
C LEU B 248 -45.90 5.35 -8.23
N LYS B 249 -46.66 6.29 -8.79
CA LYS B 249 -48.06 6.48 -8.40
C LYS B 249 -48.93 5.30 -8.80
N LYS B 250 -48.78 4.83 -10.03
CA LYS B 250 -49.47 3.62 -10.50
C LYS B 250 -49.24 2.44 -9.56
N ASN B 251 -47.99 2.27 -9.11
CA ASN B 251 -47.60 1.13 -8.28
C ASN B 251 -47.80 1.35 -6.79
N ASN B 252 -48.34 2.51 -6.40
CA ASN B 252 -48.49 2.87 -4.98
C ASN B 252 -47.17 2.91 -4.20
N GLN B 253 -46.10 3.30 -4.89
CA GLN B 253 -44.76 3.42 -4.30
C GLN B 253 -44.44 4.86 -3.91
N TYR B 254 -45.10 5.82 -4.57
CA TYR B 254 -44.78 7.25 -4.47
C TYR B 254 -44.74 7.78 -3.04
N ASP B 255 -45.77 7.44 -2.27
CA ASP B 255 -45.91 7.97 -0.91
C ASP B 255 -44.89 7.42 0.08
N ASN B 256 -44.40 6.19 -0.14
CA ASN B 256 -43.39 5.59 0.75
C ASN B 256 -41.98 5.48 0.11
N THR B 257 -41.65 6.43 -0.77
CA THR B 257 -40.35 6.49 -1.40
C THR B 257 -39.70 7.85 -1.08
N LEU B 258 -38.44 7.81 -0.65
CA LEU B 258 -37.61 9.02 -0.52
C LEU B 258 -36.93 9.24 -1.85
N ILE B 259 -37.27 10.34 -2.52
CA ILE B 259 -36.63 10.70 -3.78
C ILE B 259 -35.66 11.84 -3.48
N VAL B 260 -34.39 11.63 -3.84
CA VAL B 260 -33.36 12.67 -3.81
C VAL B 260 -33.02 13.00 -5.26
N PHE B 261 -33.02 14.27 -5.61
CA PHE B 261 -32.56 14.76 -6.91
C PHE B 261 -31.42 15.74 -6.69
N MET B 262 -30.34 15.57 -7.43
CA MET B 262 -29.16 16.43 -7.29
C MET B 262 -28.27 16.36 -8.52
N SER B 263 -27.21 17.16 -8.52
CA SER B 263 -26.15 17.09 -9.53
C SER B 263 -24.91 16.46 -8.91
N ASP B 264 -24.07 15.88 -9.74
CA ASP B 264 -22.81 15.30 -9.24
C ASP B 264 -21.77 16.38 -9.01
N ASN B 265 -21.90 17.51 -9.73
CA ASN B 265 -21.03 18.66 -9.55
C ASN B 265 -21.64 19.88 -10.25
N GLY B 266 -20.96 21.01 -10.16
CA GLY B 266 -21.40 22.24 -10.80
C GLY B 266 -21.42 22.19 -12.31
N GLY B 267 -22.17 23.13 -12.89
CA GLY B 267 -22.32 23.25 -14.33
C GLY B 267 -21.05 23.73 -15.02
N LYS B 268 -20.84 23.26 -16.25
CA LYS B 268 -19.75 23.71 -17.07
C LYS B 268 -20.25 24.88 -17.93
N LEU B 269 -19.78 26.07 -17.63
CA LEU B 269 -20.30 27.30 -18.22
C LEU B 269 -20.07 27.37 -19.73
N SER B 270 -18.93 26.84 -20.18
CA SER B 270 -18.63 26.79 -21.62
C SER B 270 -19.46 25.73 -22.37
N LYS B 271 -20.20 24.90 -21.66
CA LYS B 271 -21.07 23.88 -22.29
C LYS B 271 -22.53 24.00 -21.85
N GLY B 272 -23.01 25.24 -21.80
CA GLY B 272 -24.44 25.53 -21.75
C GLY B 272 -25.02 25.79 -20.37
N ALA B 273 -24.23 25.57 -19.33
CA ALA B 273 -24.75 25.67 -17.98
C ALA B 273 -24.78 27.10 -17.47
N ASN B 274 -25.52 27.27 -16.39
CA ASN B 274 -25.62 28.54 -15.65
C ASN B 274 -25.59 28.15 -14.17
N ASN B 275 -24.62 28.69 -13.44
CA ASN B 275 -24.50 28.44 -11.99
C ASN B 275 -24.89 29.64 -11.13
N PHE B 276 -25.66 30.58 -11.69
CA PHE B 276 -26.09 31.78 -10.95
C PHE B 276 -26.75 31.40 -9.63
N PRO B 277 -26.45 32.08 -8.51
CA PRO B 277 -25.53 33.22 -8.38
C PRO B 277 -24.09 32.85 -7.97
N LEU B 278 -23.69 31.60 -8.20
CA LEU B 278 -22.40 31.13 -7.73
C LEU B 278 -21.30 31.50 -8.70
N LYS B 279 -20.10 31.65 -8.17
CA LYS B 279 -18.92 31.95 -8.98
C LYS B 279 -18.35 30.66 -9.58
N ALA B 280 -17.86 30.80 -10.83
CA ALA B 280 -17.18 29.73 -11.59
C ALA B 280 -18.11 28.53 -11.85
N GLY B 281 -17.56 27.32 -11.94
CA GLY B 281 -18.32 26.14 -12.25
C GLY B 281 -17.53 24.86 -12.08
N LYS B 282 -17.90 23.86 -12.88
CA LYS B 282 -17.34 22.51 -12.79
C LYS B 282 -15.84 22.52 -12.52
N GLY B 283 -15.43 21.72 -11.54
CA GLY B 283 -14.01 21.55 -11.22
C GLY B 283 -13.44 22.56 -10.26
N SER B 284 -14.19 23.63 -9.96
CA SER B 284 -13.68 24.71 -9.10
C SER B 284 -13.96 24.44 -7.63
N THR B 285 -13.15 25.01 -6.77
CA THR B 285 -13.44 25.04 -5.32
C THR B 285 -14.14 26.34 -4.92
N GLN B 286 -14.39 27.23 -5.89
CA GLN B 286 -15.41 28.26 -5.73
C GLN B 286 -16.74 27.52 -5.58
N GLU B 287 -17.77 28.18 -5.05
CA GLU B 287 -19.06 27.50 -4.82
C GLU B 287 -19.62 26.84 -6.06
N GLY B 288 -19.41 27.45 -7.22
CA GLY B 288 -19.93 26.92 -8.47
C GLY B 288 -19.49 25.53 -8.86
N GLY B 289 -18.39 25.05 -8.29
CA GLY B 289 -17.87 23.73 -8.64
C GLY B 289 -18.48 22.59 -7.87
N PHE B 290 -18.81 22.82 -6.61
CA PHE B 290 -19.28 21.72 -5.75
C PHE B 290 -20.54 21.98 -4.92
N ARG B 291 -21.14 23.16 -5.09
CA ARG B 291 -22.46 23.44 -4.52
C ARG B 291 -23.50 23.19 -5.61
N VAL B 292 -24.48 22.34 -5.30
CA VAL B 292 -25.38 21.81 -6.32
C VAL B 292 -26.85 21.90 -5.91
N PRO B 293 -27.76 21.85 -6.89
CA PRO B 293 -29.18 21.73 -6.53
C PRO B 293 -29.42 20.41 -5.83
N MET B 294 -30.30 20.41 -4.85
CA MET B 294 -30.73 19.16 -4.24
C MET B 294 -32.14 19.33 -3.67
N LEU B 295 -32.97 18.30 -3.85
CA LEU B 295 -34.28 18.19 -3.22
C LEU B 295 -34.46 16.81 -2.61
N PHE B 296 -35.20 16.76 -1.51
CA PHE B 296 -35.73 15.54 -0.91
C PHE B 296 -37.25 15.56 -1.10
N HIS B 297 -37.84 14.42 -1.44
CA HIS B 297 -39.30 14.28 -1.49
C HIS B 297 -39.72 12.95 -0.88
N TRP B 298 -40.56 13.03 0.15
CA TRP B 298 -41.07 11.87 0.88
C TRP B 298 -42.28 12.35 1.71
N PRO B 299 -43.51 12.20 1.18
CA PRO B 299 -44.71 12.76 1.80
C PRO B 299 -44.91 12.36 3.26
N LYS B 300 -45.25 13.36 4.08
CA LYS B 300 -45.44 13.21 5.53
C LYS B 300 -44.14 13.12 6.35
N HIS B 301 -42.99 12.89 5.69
CA HIS B 301 -41.69 12.77 6.37
C HIS B 301 -40.81 13.97 6.07
N VAL B 302 -40.62 14.26 4.79
CA VAL B 302 -39.95 15.49 4.34
C VAL B 302 -41.03 16.55 4.29
N PRO B 303 -40.87 17.67 5.03
CA PRO B 303 -41.85 18.76 4.95
C PRO B 303 -42.04 19.30 3.52
N ALA B 304 -43.28 19.60 3.15
CA ALA B 304 -43.62 20.07 1.82
C ALA B 304 -43.50 21.60 1.69
N GLY B 305 -42.96 22.05 0.56
CA GLY B 305 -42.88 23.48 0.26
C GLY B 305 -41.83 24.24 1.05
N LYS B 306 -40.79 23.55 1.51
CA LYS B 306 -39.76 24.17 2.34
C LYS B 306 -38.42 24.26 1.63
N ARG B 307 -37.57 25.16 2.12
CA ARG B 307 -36.19 25.27 1.68
C ARG B 307 -35.27 25.22 2.89
N PHE B 308 -34.46 24.16 2.97
CA PHE B 308 -33.53 23.95 4.06
C PHE B 308 -32.27 24.75 3.78
N SER B 309 -31.87 25.61 4.73
CA SER B 309 -30.82 26.59 4.49
C SER B 309 -29.47 26.28 5.14
N HIS B 310 -29.34 25.11 5.79
CA HIS B 310 -28.08 24.76 6.43
C HIS B 310 -27.25 23.81 5.54
N PRO B 311 -25.91 23.82 5.70
CA PRO B 311 -25.05 22.94 4.92
C PRO B 311 -25.41 21.47 5.04
N VAL B 312 -25.47 20.80 3.89
CA VAL B 312 -25.63 19.36 3.82
C VAL B 312 -24.62 18.84 2.83
N SER B 313 -24.06 17.67 3.10
CA SER B 313 -23.07 17.05 2.22
C SER B 313 -23.65 15.83 1.54
N ALA B 314 -23.25 15.61 0.31
CA ALA B 314 -23.47 14.35 -0.38
C ALA B 314 -22.99 13.14 0.45
N LEU B 315 -21.95 13.34 1.27
CA LEU B 315 -21.48 12.32 2.21
C LEU B 315 -22.52 11.89 3.23
N ASP B 316 -23.45 12.79 3.54
CA ASP B 316 -24.51 12.49 4.50
C ASP B 316 -25.51 11.45 4.00
N LEU B 317 -25.66 11.30 2.69
CA LEU B 317 -26.67 10.40 2.15
C LEU B 317 -26.45 8.96 2.58
N TYR B 318 -25.21 8.50 2.64
CA TYR B 318 -24.92 7.12 3.06
C TYR B 318 -25.48 6.78 4.46
N PRO B 319 -25.04 7.51 5.52
CA PRO B 319 -25.59 7.22 6.85
C PRO B 319 -27.06 7.60 7.05
N THR B 320 -27.53 8.61 6.31
CA THR B 320 -28.94 9.01 6.40
C THR B 320 -29.83 7.93 5.80
N PHE B 321 -29.52 7.50 4.57
CA PHE B 321 -30.23 6.38 3.96
C PHE B 321 -30.17 5.14 4.84
N ALA B 322 -28.98 4.85 5.35
CA ALA B 322 -28.75 3.69 6.21
C ALA B 322 -29.66 3.71 7.42
N ALA B 323 -29.71 4.85 8.12
CA ALA B 323 -30.56 5.00 9.31
C ALA B 323 -32.04 4.85 8.96
N LEU B 324 -32.49 5.51 7.88
CA LEU B 324 -33.87 5.41 7.43
C LEU B 324 -34.27 3.99 7.02
N ALA B 325 -33.31 3.22 6.50
CA ALA B 325 -33.54 1.83 6.11
C ALA B 325 -33.42 0.82 7.26
N GLY B 326 -32.99 1.27 8.43
CA GLY B 326 -32.70 0.37 9.55
C GLY B 326 -31.47 -0.50 9.30
N ALA B 327 -30.54 -0.01 8.47
CA ALA B 327 -29.31 -0.73 8.19
C ALA B 327 -28.23 -0.17 9.12
N LYS B 328 -27.54 -1.07 9.81
CA LYS B 328 -26.50 -0.69 10.74
C LYS B 328 -25.21 -0.35 9.98
N VAL B 329 -24.57 0.73 10.38
CA VAL B 329 -23.24 1.12 9.92
C VAL B 329 -22.23 0.70 10.98
N GLU B 330 -21.01 0.37 10.55
CA GLU B 330 -19.89 0.01 11.45
C GLU B 330 -18.86 1.15 11.54
N GLU B 331 -18.31 1.38 12.75
CA GLU B 331 -17.28 2.42 13.00
C GLU B 331 -16.06 2.30 12.07
N ASN B 332 -15.68 1.06 11.75
CA ASN B 332 -14.53 0.81 10.88
C ASN B 332 -14.77 1.09 9.37
N GLN B 333 -15.99 1.49 8.98
CA GLN B 333 -16.24 2.00 7.63
C GLN B 333 -15.71 3.43 7.44
N HIS B 334 -15.44 4.14 8.54
CA HIS B 334 -14.85 5.49 8.51
C HIS B 334 -15.65 6.48 7.68
N LEU B 335 -16.98 6.44 7.86
CA LEU B 335 -17.87 7.33 7.15
C LEU B 335 -17.55 8.79 7.50
N ASP B 336 -17.52 9.64 6.48
CA ASP B 336 -17.12 11.03 6.63
C ASP B 336 -18.29 11.99 6.75
N GLY B 337 -19.51 11.54 6.42
CA GLY B 337 -20.69 12.36 6.56
C GLY B 337 -21.40 12.07 7.85
N THR B 338 -22.63 12.56 7.98
CA THR B 338 -23.43 12.35 9.17
C THR B 338 -24.87 12.01 8.79
N ASN B 339 -25.54 11.28 9.67
CA ASN B 339 -26.99 11.07 9.51
C ASN B 339 -27.63 12.41 9.76
N MET B 340 -28.04 13.08 8.68
CA MET B 340 -28.53 14.45 8.79
C MET B 340 -29.99 14.57 9.25
N TRP B 341 -30.70 13.44 9.28
CA TRP B 341 -32.14 13.45 9.53
C TRP B 341 -32.56 14.12 10.85
N PRO B 342 -31.93 13.78 12.01
CA PRO B 342 -32.36 14.41 13.27
C PRO B 342 -32.23 15.93 13.28
N ALA B 343 -31.13 16.46 12.76
CA ALA B 343 -30.96 17.90 12.62
C ALA B 343 -31.92 18.49 11.57
N PHE B 344 -32.06 17.79 10.45
CA PHE B 344 -32.98 18.20 9.37
C PHE B 344 -34.41 18.39 9.86
N ILE B 345 -34.90 17.41 10.60
CA ILE B 345 -36.26 17.45 11.18
C ILE B 345 -36.44 18.62 12.17
N LYS B 346 -35.38 19.05 12.84
CA LYS B 346 -35.44 20.18 13.79
C LYS B 346 -35.07 21.52 13.15
N ASN B 347 -34.92 21.54 11.82
CA ASN B 347 -34.42 22.69 11.08
C ASN B 347 -33.14 23.32 11.67
N GLU B 348 -32.22 22.45 12.08
CA GLU B 348 -30.92 22.84 12.63
C GLU B 348 -29.81 22.38 11.67
N ASN B 349 -28.62 22.96 11.83
CA ASN B 349 -27.47 22.63 10.99
C ASN B 349 -26.89 21.26 11.33
N PRO B 350 -27.07 20.25 10.43
CA PRO B 350 -26.47 18.93 10.71
C PRO B 350 -24.96 18.92 10.78
N HIS B 351 -24.29 19.96 10.27
CA HIS B 351 -22.85 20.15 10.41
C HIS B 351 -22.50 21.39 11.25
N LYS B 352 -23.25 21.60 12.34
CA LYS B 352 -22.99 22.70 13.25
C LYS B 352 -21.55 22.62 13.78
N ASP B 353 -20.80 23.70 13.56
CA ASP B 353 -19.42 23.84 14.01
C ASP B 353 -18.47 22.78 13.46
N GLU B 354 -18.78 22.22 12.28
CA GLU B 354 -17.98 21.17 11.65
C GLU B 354 -17.80 21.50 10.17
N PRO B 355 -16.57 21.29 9.63
CA PRO B 355 -16.31 21.70 8.26
C PRO B 355 -16.79 20.70 7.21
N ILE B 356 -17.08 21.22 6.02
CA ILE B 356 -17.28 20.42 4.81
C ILE B 356 -16.15 20.86 3.88
N TYR B 357 -15.47 19.89 3.27
CA TYR B 357 -14.26 20.14 2.50
C TYR B 357 -14.43 19.91 0.99
N ALA B 358 -13.67 20.65 0.22
CA ALA B 358 -13.35 20.31 -1.15
C ALA B 358 -11.84 20.46 -1.33
N LEU B 359 -11.23 19.53 -2.05
CA LEU B 359 -9.80 19.58 -2.32
C LEU B 359 -9.60 18.97 -3.68
N ARG B 360 -9.25 19.82 -4.65
CA ARG B 360 -9.15 19.42 -6.05
C ARG B 360 -7.73 19.68 -6.51
N HIS B 361 -7.11 18.65 -7.06
CA HIS B 361 -5.70 18.71 -7.41
C HIS B 361 -5.53 19.29 -8.79
N ARG B 362 -4.49 20.11 -8.91
CA ARG B 362 -4.08 20.68 -10.18
C ARG B 362 -2.60 20.37 -10.41
N LYS B 363 -2.03 20.97 -11.44
CA LYS B 363 -0.64 20.70 -11.81
C LYS B 363 0.30 21.39 -10.84
N GLY B 364 0.84 20.61 -9.90
CA GLY B 364 1.82 21.11 -8.95
C GLY B 364 1.25 21.90 -7.79
N TYR B 365 -0.07 21.90 -7.64
CA TYR B 365 -0.70 22.56 -6.50
C TYR B 365 -2.14 22.05 -6.41
N SER B 366 -2.81 22.45 -5.35
CA SER B 366 -4.16 22.01 -5.08
C SER B 366 -5.02 23.22 -4.74
N ASP B 367 -6.26 23.20 -5.21
CA ASP B 367 -7.28 24.15 -4.82
C ASP B 367 -8.09 23.52 -3.70
N ALA B 368 -8.57 24.33 -2.76
CA ALA B 368 -9.29 23.83 -1.61
C ALA B 368 -10.45 24.74 -1.19
N ALA B 369 -11.36 24.16 -0.43
CA ALA B 369 -12.51 24.86 0.09
C ALA B 369 -12.90 24.30 1.45
N ILE B 370 -13.36 25.17 2.32
CA ILE B 370 -13.87 24.79 3.63
C ILE B 370 -15.16 25.57 3.87
N ARG B 371 -16.26 24.84 4.09
CA ARG B 371 -17.52 25.44 4.50
C ARG B 371 -17.82 25.04 5.92
N MET B 372 -17.99 26.02 6.81
CA MET B 372 -18.40 25.78 8.19
C MET B 372 -19.26 26.92 8.69
N ASN B 373 -20.48 26.59 9.12
CA ASN B 373 -21.48 27.57 9.56
C ASN B 373 -21.63 28.67 8.49
N GLN B 374 -21.45 29.96 8.84
CA GLN B 374 -21.57 31.03 7.85
C GLN B 374 -20.32 31.20 6.95
N TRP B 375 -19.23 30.47 7.23
CA TRP B 375 -17.95 30.77 6.61
C TRP B 375 -17.57 29.84 5.46
N LYS B 376 -16.98 30.44 4.43
CA LYS B 376 -16.42 29.73 3.29
C LYS B 376 -14.97 30.20 3.19
N ALA B 377 -14.04 29.30 3.51
CA ALA B 377 -12.63 29.54 3.23
C ALA B 377 -12.32 28.98 1.85
N LEU B 378 -11.46 29.68 1.12
CA LEU B 378 -11.19 29.41 -0.28
C LEU B 378 -9.70 29.51 -0.58
N LYS B 379 -9.15 28.43 -1.14
CA LYS B 379 -7.80 28.41 -1.67
C LYS B 379 -7.89 28.10 -3.15
N VAL B 380 -7.52 29.07 -3.97
CA VAL B 380 -7.69 28.95 -5.40
C VAL B 380 -6.55 29.64 -6.16
N ASN B 381 -6.13 29.02 -7.26
CA ASN B 381 -5.22 29.63 -8.22
C ASN B 381 -3.90 30.13 -7.63
N GLN B 382 -3.43 29.47 -6.56
CA GLN B 382 -2.22 29.89 -5.84
C GLN B 382 -2.29 31.31 -5.26
N GLN B 383 -3.50 31.80 -4.98
CA GLN B 383 -3.73 33.03 -4.22
C GLN B 383 -3.61 32.66 -2.74
N PRO B 384 -3.37 33.66 -1.88
CA PRO B 384 -3.55 33.39 -0.45
C PRO B 384 -4.98 32.96 -0.11
N TRP B 385 -5.13 32.22 0.98
CA TRP B 385 -6.45 31.84 1.47
C TRP B 385 -7.34 33.08 1.61
N GLN B 386 -8.60 32.93 1.21
CA GLN B 386 -9.61 33.96 1.35
C GLN B 386 -10.72 33.43 2.23
N LEU B 387 -11.52 34.33 2.79
CA LEU B 387 -12.66 33.98 3.64
C LEU B 387 -13.86 34.83 3.25
N PHE B 388 -15.02 34.19 3.11
CA PHE B 388 -16.27 34.88 2.79
C PHE B 388 -17.34 34.50 3.78
N ASN B 389 -18.19 35.47 4.14
CA ASN B 389 -19.41 35.17 4.86
C ASN B 389 -20.39 34.75 3.78
N ILE B 390 -20.45 33.44 3.57
CA ILE B 390 -21.13 32.90 2.39
C ILE B 390 -22.65 33.06 2.49
N GLU B 391 -23.16 33.23 3.70
CA GLU B 391 -24.58 33.54 3.91
C GLU B 391 -25.02 34.89 3.35
N ASN B 392 -24.14 35.90 3.33
CA ASN B 392 -24.54 37.20 2.75
C ASN B 392 -23.79 37.56 1.46
N ASP B 393 -22.84 36.71 1.08
CA ASP B 393 -21.92 36.97 -0.04
C ASP B 393 -21.73 35.63 -0.80
N ILE B 394 -22.83 35.11 -1.30
CA ILE B 394 -22.86 33.81 -1.96
C ILE B 394 -21.95 33.75 -3.20
N SER B 395 -21.80 34.88 -3.89
CA SER B 395 -20.95 34.99 -5.07
C SER B 395 -19.46 35.16 -4.77
N GLU B 396 -19.07 35.17 -3.49
CA GLU B 396 -17.66 35.19 -3.05
C GLU B 396 -16.93 36.41 -3.57
N LYS B 397 -17.54 37.58 -3.37
CA LYS B 397 -17.01 38.87 -3.82
C LYS B 397 -16.16 39.62 -2.77
N HIS B 398 -16.37 39.32 -1.48
CA HIS B 398 -15.88 40.18 -0.40
C HIS B 398 -15.06 39.35 0.59
N ASP B 399 -13.77 39.25 0.28
CA ASP B 399 -12.78 38.57 1.13
C ASP B 399 -12.65 39.31 2.44
N VAL B 400 -13.04 38.66 3.54
CA VAL B 400 -12.92 39.26 4.89
C VAL B 400 -11.87 38.55 5.75
N SER B 401 -10.91 37.90 5.10
CA SER B 401 -9.81 37.23 5.81
C SER B 401 -9.00 38.19 6.68
N LYS B 402 -8.78 39.43 6.22
CA LYS B 402 -8.01 40.42 6.97
C LYS B 402 -8.56 40.69 8.37
N SER B 403 -9.88 40.63 8.53
CA SER B 403 -10.55 40.88 9.81
C SER B 403 -10.94 39.61 10.59
N ASN B 404 -10.62 38.42 10.08
CA ASN B 404 -10.85 37.18 10.83
C ASN B 404 -9.64 36.24 10.72
N LYS B 405 -8.44 36.79 10.92
CA LYS B 405 -7.17 36.07 10.73
C LYS B 405 -7.09 34.75 11.51
N ALA B 406 -7.39 34.84 12.80
CA ALA B 406 -7.31 33.67 13.69
C ALA B 406 -8.29 32.58 13.29
N LEU B 407 -9.52 32.96 12.95
CA LEU B 407 -10.54 31.98 12.50
C LEU B 407 -10.09 31.28 11.21
N LEU B 408 -9.62 32.04 10.23
CA LEU B 408 -9.20 31.48 8.96
C LEU B 408 -8.04 30.51 9.13
N THR B 409 -6.99 30.96 9.83
CA THR B 409 -5.84 30.11 10.12
C THR B 409 -6.26 28.82 10.82
N ASP B 410 -7.15 28.94 11.78
CA ASP B 410 -7.70 27.78 12.48
C ASP B 410 -8.40 26.78 11.56
N MET B 411 -9.22 27.30 10.65
CA MET B 411 -9.93 26.43 9.69
C MET B 411 -8.94 25.68 8.79
N VAL B 412 -7.93 26.40 8.30
CA VAL B 412 -6.93 25.84 7.39
C VAL B 412 -6.11 24.77 8.12
N ARG B 413 -5.67 25.07 9.33
CA ARG B 413 -4.93 24.08 10.14
C ARG B 413 -5.72 22.82 10.46
N GLU B 414 -7.02 22.97 10.66
CA GLU B 414 -7.90 21.81 10.81
C GLU B 414 -7.99 21.00 9.52
N MET B 415 -8.01 21.68 8.37
CA MET B 415 -7.96 20.96 7.09
C MET B 415 -6.64 20.23 6.92
N GLU B 416 -5.53 20.92 7.22
CA GLU B 416 -4.21 20.31 7.24
C GLU B 416 -4.20 19.05 8.12
N LYS B 417 -4.72 19.14 9.32
CA LYS B 417 -4.87 17.97 10.20
C LYS B 417 -5.65 16.82 9.54
N TRP B 418 -6.76 17.17 8.90
CA TRP B 418 -7.62 16.20 8.17
C TRP B 418 -6.89 15.54 6.98
N SER B 419 -5.94 16.25 6.38
CA SER B 419 -5.26 15.79 5.16
C SER B 419 -4.34 14.58 5.33
N TRP B 420 -3.85 14.32 6.54
CA TRP B 420 -2.85 13.26 6.76
C TRP B 420 -3.29 11.84 6.43
N ASP B 421 -4.57 11.50 6.61
CA ASP B 421 -5.05 10.15 6.20
C ASP B 421 -5.60 10.09 4.77
N ASN B 422 -5.39 11.16 3.98
CA ASN B 422 -5.65 11.10 2.54
C ASN B 422 -4.63 10.14 1.94
N GLN B 423 -5.08 9.18 1.13
CA GLN B 423 -4.19 8.22 0.47
C GLN B 423 -3.59 8.83 -0.79
N GLN B 424 -2.43 8.34 -1.19
CA GLN B 424 -1.88 8.67 -2.52
C GLN B 424 -2.91 8.22 -3.57
N PRO B 425 -3.12 9.02 -4.65
CA PRO B 425 -4.06 8.59 -5.68
C PRO B 425 -3.73 7.20 -6.22
N SER B 426 -4.74 6.35 -6.34
CA SER B 426 -4.54 5.01 -6.92
C SER B 426 -4.54 5.04 -8.45
N TRP B 427 -4.92 6.17 -9.05
CA TRP B 427 -4.89 6.36 -10.49
C TRP B 427 -5.07 7.83 -10.78
N PHE B 428 -4.92 8.19 -12.04
CA PHE B 428 -5.14 9.54 -12.54
C PHE B 428 -5.97 9.39 -13.80
N HIS B 429 -6.52 10.50 -14.31
CA HIS B 429 -7.36 10.41 -15.51
C HIS B 429 -6.55 10.37 -16.81
N GLU B 430 -5.30 10.78 -16.75
CA GLU B 430 -4.36 10.68 -17.86
C GLU B 430 -3.02 10.26 -17.32
N THR B 431 -2.25 9.55 -18.13
CA THR B 431 -0.90 9.10 -17.78
C THR B 431 0.02 10.24 -17.39
N THR B 432 -0.03 11.34 -18.16
CA THR B 432 0.83 12.50 -17.92
C THR B 432 0.52 13.17 -16.57
N GLU B 433 -0.74 13.15 -16.16
CA GLU B 433 -1.16 13.69 -14.87
C GLU B 433 -0.47 12.95 -13.72
N GLY B 434 -0.40 11.62 -13.81
CA GLY B 434 0.32 10.80 -12.84
C GLY B 434 1.83 11.07 -12.85
N VAL B 435 2.40 11.26 -14.03
CA VAL B 435 3.82 11.59 -14.13
C VAL B 435 4.10 12.96 -13.49
N ASN B 436 3.23 13.94 -13.75
CA ASN B 436 3.39 15.26 -13.17
C ASN B 436 3.23 15.23 -11.65
N TRP B 437 2.29 14.43 -11.17
CA TRP B 437 2.08 14.24 -9.74
C TRP B 437 3.39 13.81 -9.06
N ARG B 438 4.02 12.79 -9.62
CA ARG B 438 5.29 12.29 -9.11
C ARG B 438 6.41 13.29 -9.26
N LEU B 439 6.57 13.87 -10.46
CA LEU B 439 7.57 14.91 -10.72
C LEU B 439 7.46 16.08 -9.75
N ASP B 440 6.24 16.48 -9.43
CA ASP B 440 6.00 17.65 -8.55
C ASP B 440 5.94 17.34 -7.06
N ALA B 441 6.28 16.11 -6.67
CA ALA B 441 6.30 15.70 -5.25
C ALA B 441 4.94 15.91 -4.56
N MET B 442 3.87 15.68 -5.30
CA MET B 442 2.53 15.96 -4.82
C MET B 442 2.14 14.96 -3.73
N PRO B 443 1.32 15.37 -2.76
CA PRO B 443 0.70 16.70 -2.71
C PRO B 443 1.61 17.77 -2.14
N ARG B 444 1.57 18.96 -2.75
CA ARG B 444 2.30 20.12 -2.27
C ARG B 444 1.48 20.85 -1.21
N PHE B 445 1.26 20.17 -0.10
CA PHE B 445 0.42 20.72 0.96
C PHE B 445 1.12 21.83 1.75
N ASP B 446 2.45 21.95 1.59
CA ASP B 446 3.17 23.12 2.06
C ASP B 446 2.63 24.41 1.42
N LYS B 447 2.23 24.35 0.15
CA LYS B 447 1.57 25.49 -0.49
C LYS B 447 0.10 25.58 -0.08
N THR B 448 -0.59 24.44 -0.14
CA THR B 448 -2.04 24.39 0.07
C THR B 448 -2.46 24.90 1.46
N PHE B 449 -1.72 24.52 2.50
CA PHE B 449 -2.11 24.85 3.89
C PHE B 449 -1.22 25.92 4.54
N LYS B 450 -0.50 26.67 3.71
CA LYS B 450 0.27 27.80 4.16
C LYS B 450 -0.63 28.93 4.62
N THR B 451 -0.34 29.48 5.79
CA THR B 451 -1.05 30.63 6.34
C THR B 451 -0.02 31.69 6.68
N GLN C 1 1.77 -17.21 39.97
CA GLN C 1 3.02 -17.40 39.20
C GLN C 1 3.39 -16.14 38.40
N LYS C 2 2.58 -15.77 37.40
CA LYS C 2 3.00 -14.78 36.39
C LYS C 2 3.19 -13.37 36.97
N PRO C 3 4.33 -12.72 36.65
CA PRO C 3 4.66 -11.43 37.28
C PRO C 3 3.88 -10.26 36.74
N ASN C 4 3.71 -9.24 37.59
CA ASN C 4 3.26 -7.94 37.12
C ASN C 4 4.46 -7.29 36.42
N ILE C 5 4.19 -6.39 35.48
CA ILE C 5 5.25 -5.73 34.72
C ILE C 5 4.98 -4.23 34.70
N ILE C 6 6.00 -3.43 35.05
CA ILE C 6 5.90 -1.98 34.97
C ILE C 6 7.02 -1.50 34.06
N LEU C 7 6.64 -0.81 32.99
CA LEU C 7 7.57 -0.14 32.10
C LEU C 7 7.46 1.35 32.36
N ILE C 8 8.49 1.91 33.00
CA ILE C 8 8.59 3.34 33.26
C ILE C 8 9.52 3.95 32.22
N VAL C 9 9.03 4.95 31.49
CA VAL C 9 9.81 5.62 30.46
C VAL C 9 9.79 7.11 30.71
N ALA C 10 10.98 7.66 30.95
CA ALA C 10 11.18 9.09 31.00
C ALA C 10 11.39 9.57 29.57
N ASP C 11 11.18 10.85 29.37
CA ASP C 11 11.15 11.45 28.04
C ASP C 11 12.33 12.43 27.95
N ASP C 12 13.28 12.15 27.06
CA ASP C 12 14.53 12.94 26.90
C ASP C 12 15.42 12.93 28.15
N LEU C 13 15.46 11.81 28.88
CA LEU C 13 16.32 11.69 30.05
C LEU C 13 17.74 11.44 29.59
N GLY C 14 18.64 12.32 30.00
CA GLY C 14 20.04 12.22 29.64
C GLY C 14 20.72 11.02 30.25
N TYR C 15 21.77 10.55 29.58
CA TYR C 15 22.46 9.32 29.95
C TYR C 15 23.05 9.36 31.37
N ALA C 16 23.55 10.52 31.77
CA ALA C 16 24.21 10.69 33.07
C ALA C 16 23.31 11.37 34.09
N ASP C 17 22.00 11.36 33.91
CA ASP C 17 21.09 12.18 34.71
C ASP C 17 20.29 11.40 35.74
N VAL C 18 20.69 10.16 35.96
CA VAL C 18 20.24 9.38 37.11
C VAL C 18 21.51 8.88 37.81
N GLY C 19 21.42 8.68 39.12
CA GLY C 19 22.58 8.35 39.94
C GLY C 19 23.20 7.01 39.59
N PHE C 20 22.36 6.01 39.31
CA PHE C 20 22.87 4.67 38.95
C PHE C 20 23.63 4.65 37.63
N ASN C 21 23.41 5.64 36.76
CA ASN C 21 24.14 5.72 35.51
C ASN C 21 25.15 6.86 35.48
N GLY C 22 25.60 7.29 36.67
CA GLY C 22 26.78 8.16 36.80
C GLY C 22 26.54 9.61 37.17
N SER C 23 25.31 10.01 37.47
CA SER C 23 25.07 11.41 37.83
C SER C 23 25.85 11.79 39.08
N LYS C 24 26.57 12.91 38.98
CA LYS C 24 27.27 13.49 40.12
C LYS C 24 26.50 14.65 40.72
N ASP C 25 25.53 15.22 40.00
CA ASP C 25 24.81 16.43 40.46
C ASP C 25 23.31 16.20 40.70
N ILE C 26 22.64 15.48 39.80
CA ILE C 26 21.25 15.11 40.01
C ILE C 26 21.23 13.91 40.95
N ILE C 27 20.27 13.90 41.86
CA ILE C 27 20.19 12.85 42.88
C ILE C 27 18.84 12.18 42.73
N THR C 28 18.88 10.85 42.57
CA THR C 28 17.70 10.04 42.27
C THR C 28 17.68 8.83 43.20
N PRO C 29 17.43 9.04 44.50
CA PRO C 29 17.55 7.96 45.48
C PRO C 29 16.64 6.74 45.24
N ASN C 30 15.36 6.99 44.93
CA ASN C 30 14.40 5.90 44.74
C ASN C 30 14.64 5.10 43.46
N ILE C 31 15.00 5.79 42.38
CA ILE C 31 15.36 5.11 41.16
C ILE C 31 16.64 4.30 41.41
N ASP C 32 17.61 4.90 42.11
CA ASP C 32 18.85 4.21 42.47
C ASP C 32 18.66 2.98 43.39
N ASP C 33 17.65 3.01 44.26
CA ASP C 33 17.27 1.82 45.05
C ASP C 33 16.89 0.64 44.18
N LEU C 34 16.11 0.90 43.14
CA LEU C 34 15.73 -0.13 42.18
C LEU C 34 16.96 -0.66 41.43
N ALA C 35 17.89 0.22 41.09
CA ALA C 35 19.16 -0.20 40.48
C ALA C 35 20.01 -1.00 41.45
N LYS C 36 20.14 -0.53 42.70
CA LYS C 36 20.98 -1.18 43.71
C LYS C 36 20.49 -2.58 44.03
N SER C 37 19.17 -2.78 44.13
CA SER C 37 18.60 -4.11 44.35
C SER C 37 18.18 -4.83 43.05
N GLY C 38 18.67 -4.36 41.90
CA GLY C 38 18.36 -4.97 40.60
C GLY C 38 19.59 -4.92 39.71
N THR C 39 19.36 -4.92 38.40
CA THR C 39 20.45 -4.89 37.42
C THR C 39 20.24 -3.68 36.51
N SER C 40 21.28 -2.86 36.39
CA SER C 40 21.28 -1.79 35.40
C SER C 40 21.99 -2.30 34.14
N PHE C 41 21.82 -1.56 33.04
CA PHE C 41 22.34 -1.97 31.73
C PHE C 41 23.21 -0.88 31.16
N SER C 42 24.49 -1.19 30.94
CA SER C 42 25.42 -0.19 30.42
C SER C 42 25.36 -0.02 28.92
N ASP C 43 24.74 -0.99 28.22
CA ASP C 43 24.66 -0.98 26.76
C ASP C 43 23.21 -1.18 26.29
N ALA C 44 22.31 -0.33 26.80
CA ALA C 44 20.88 -0.39 26.46
C ALA C 44 20.57 0.61 25.36
N TYR C 45 19.84 0.17 24.33
CA TYR C 45 19.56 0.97 23.13
C TYR C 45 18.07 1.04 22.80
N VAL C 46 17.59 2.24 22.50
CA VAL C 46 16.24 2.42 21.94
C VAL C 46 16.33 2.32 20.41
N ALA C 47 15.20 2.05 19.78
CA ALA C 47 15.16 1.71 18.36
C ALA C 47 15.21 2.94 17.46
N HIS C 48 15.06 4.12 18.05
CA HIS C 48 15.15 5.37 17.30
C HIS C 48 15.61 6.46 18.26
N PRO C 49 16.37 7.45 17.75
CA PRO C 49 16.88 8.48 18.67
C PRO C 49 15.90 9.64 18.99
N PHE C 50 14.60 9.48 18.74
CA PHE C 50 13.60 10.40 19.28
C PHE C 50 12.25 9.72 19.50
N SER C 51 11.36 10.42 20.19
CA SER C 51 10.18 9.85 20.87
C SER C 51 9.25 8.91 20.12
N GLY C 52 8.58 9.45 19.09
CA GLY C 52 7.46 8.75 18.46
C GLY C 52 7.83 7.37 17.93
N PRO C 53 8.89 7.30 17.11
CA PRO C 53 9.33 6.00 16.58
C PRO C 53 9.91 5.08 17.66
N SER C 54 10.55 5.65 18.69
CA SER C 54 11.07 4.86 19.82
C SER C 54 9.93 4.19 20.56
N ARG C 55 8.89 4.97 20.85
CA ARG C 55 7.71 4.45 21.54
C ARG C 55 6.95 3.43 20.70
N ALA C 56 6.77 3.72 19.42
CA ALA C 56 6.20 2.74 18.47
C ALA C 56 6.94 1.40 18.54
N ALA C 57 8.26 1.46 18.67
CA ALA C 57 9.08 0.26 18.75
C ALA C 57 8.94 -0.48 20.07
N LEU C 58 8.88 0.26 21.18
CA LEU C 58 8.64 -0.35 22.49
C LEU C 58 7.35 -1.16 22.47
N MET C 59 6.29 -0.56 21.96
CA MET C 59 4.95 -1.15 21.99
C MET C 59 4.75 -2.30 20.98
N THR C 60 5.31 -2.17 19.79
CA THR C 60 5.12 -3.17 18.73
C THR C 60 6.21 -4.24 18.68
N GLY C 61 7.37 -3.96 19.27
CA GLY C 61 8.53 -4.85 19.15
C GLY C 61 9.14 -4.88 17.75
N ARG C 62 8.89 -3.82 17.00
CA ARG C 62 9.40 -3.69 15.65
C ARG C 62 10.11 -2.40 15.42
N TYR C 63 11.18 -2.44 14.67
CA TYR C 63 11.80 -1.19 14.23
C TYR C 63 10.70 -0.35 13.57
N PRO C 64 10.66 0.95 13.89
CA PRO C 64 9.56 1.79 13.38
C PRO C 64 9.55 1.94 11.86
N HIS C 65 10.69 1.69 11.24
CA HIS C 65 10.86 1.76 9.79
C HIS C 65 10.06 0.66 9.09
N LYS C 66 9.91 -0.47 9.75
CA LYS C 66 9.15 -1.60 9.20
C LYS C 66 7.65 -1.33 9.16
N ILE C 67 7.17 -0.37 9.96
CA ILE C 67 5.74 -0.12 10.10
C ILE C 67 5.37 1.33 9.76
N GLY C 68 6.22 1.99 8.97
CA GLY C 68 5.92 3.33 8.48
C GLY C 68 5.90 4.44 9.52
N SER C 69 6.48 4.18 10.70
CA SER C 69 6.44 5.11 11.83
C SER C 69 7.82 5.71 12.16
N GLN C 70 8.61 6.02 11.13
CA GLN C 70 9.96 6.58 11.28
C GLN C 70 10.00 8.03 11.73
N PHE C 71 8.88 8.72 11.71
CA PHE C 71 8.82 10.12 12.11
C PHE C 71 7.82 10.29 13.23
N ASN C 72 7.99 11.36 13.97
CA ASN C 72 6.97 11.82 14.92
C ASN C 72 5.72 12.18 14.16
N LEU C 73 4.57 12.00 14.80
CA LEU C 73 3.28 12.38 14.24
C LEU C 73 3.20 13.89 14.03
N PRO C 74 2.36 14.33 13.08
CA PRO C 74 2.20 15.76 12.80
C PRO C 74 1.95 16.58 14.07
N THR C 75 2.75 17.62 14.28
CA THR C 75 2.73 18.35 15.55
C THR C 75 1.41 19.07 15.83
N ARG C 76 0.66 19.44 14.79
CA ARG C 76 -0.65 20.09 14.95
C ARG C 76 -1.85 19.13 14.89
N GLY C 77 -1.59 17.83 14.92
CA GLY C 77 -2.65 16.83 14.97
C GLY C 77 -2.86 16.17 13.63
N SER C 78 -3.45 14.98 13.68
CA SER C 78 -3.68 14.19 12.47
C SER C 78 -4.64 13.08 12.80
N ASN C 79 -5.13 12.39 11.78
CA ASN C 79 -5.92 11.18 11.99
C ASN C 79 -5.13 9.95 11.61
N VAL C 80 -3.82 9.96 11.86
CA VAL C 80 -2.97 8.81 11.61
C VAL C 80 -2.30 8.39 12.90
N GLY C 81 -1.73 7.19 12.89
CA GLY C 81 -1.05 6.65 14.05
C GLY C 81 -0.38 5.34 13.71
N VAL C 82 0.23 4.75 14.74
CA VAL C 82 0.98 3.50 14.61
C VAL C 82 0.01 2.44 14.13
N PRO C 83 0.38 1.66 13.09
CA PRO C 83 -0.60 0.78 12.46
C PRO C 83 -1.31 -0.18 13.40
N THR C 84 -2.63 -0.27 13.26
CA THR C 84 -3.48 -1.07 14.14
C THR C 84 -3.29 -2.57 14.01
N ASP C 85 -2.71 -3.02 12.90
CA ASP C 85 -2.42 -4.43 12.71
C ASP C 85 -1.06 -4.87 13.31
N ALA C 86 -0.27 -3.95 13.88
CA ALA C 86 0.89 -4.34 14.69
C ALA C 86 0.47 -4.39 16.16
N LYS C 87 0.24 -5.59 16.67
CA LYS C 87 -0.30 -5.78 18.01
C LYS C 87 0.64 -5.22 19.08
N PHE C 88 0.10 -4.35 19.93
CA PHE C 88 0.86 -3.75 21.04
C PHE C 88 1.08 -4.79 22.12
N ILE C 89 2.24 -4.73 22.78
CA ILE C 89 2.54 -5.60 23.92
C ILE C 89 1.44 -5.55 24.99
N SER C 90 0.84 -4.38 25.19
CA SER C 90 -0.28 -4.24 26.11
C SER C 90 -1.48 -5.08 25.69
N LYS C 91 -1.80 -5.07 24.40
CA LYS C 91 -2.90 -5.86 23.85
C LYS C 91 -2.63 -7.35 24.04
N LEU C 92 -1.39 -7.78 23.76
CA LEU C 92 -1.00 -9.18 23.92
C LEU C 92 -1.14 -9.63 25.38
N LEU C 93 -0.62 -8.83 26.30
CA LEU C 93 -0.73 -9.12 27.72
C LEU C 93 -2.19 -9.10 28.17
N ASN C 94 -2.97 -8.13 27.70
CA ASN C 94 -4.42 -8.05 28.00
C ASN C 94 -5.15 -9.32 27.54
N GLU C 95 -4.81 -9.79 26.35
CA GLU C 95 -5.34 -11.05 25.83
C GLU C 95 -4.90 -12.26 26.66
N ASN C 96 -3.77 -12.15 27.36
CA ASN C 96 -3.34 -13.20 28.28
C ASN C 96 -3.59 -12.86 29.75
N ASN C 97 -4.76 -12.28 30.03
CA ASN C 97 -5.27 -12.10 31.38
C ASN C 97 -4.58 -10.99 32.20
N TYR C 98 -3.88 -10.04 31.56
CA TYR C 98 -3.32 -8.91 32.31
C TYR C 98 -4.30 -7.72 32.40
N PHE C 99 -4.39 -7.13 33.60
CA PHE C 99 -5.00 -5.83 33.80
C PHE C 99 -3.98 -4.79 33.34
N THR C 100 -4.36 -3.95 32.39
CA THR C 100 -3.40 -3.10 31.68
C THR C 100 -3.69 -1.62 31.90
N GLY C 101 -2.61 -0.85 32.08
CA GLY C 101 -2.70 0.58 32.31
C GLY C 101 -1.63 1.35 31.60
N ALA C 102 -2.00 2.50 31.04
CA ALA C 102 -1.05 3.43 30.43
C ALA C 102 -1.23 4.78 31.06
N LEU C 103 -0.13 5.47 31.34
CA LEU C 103 -0.19 6.76 31.99
C LEU C 103 0.72 7.75 31.31
N GLY C 104 0.23 8.97 31.17
CA GLY C 104 1.02 10.08 30.69
C GLY C 104 1.04 10.14 29.19
N LYS C 105 2.24 10.21 28.62
CA LYS C 105 2.43 10.54 27.21
C LYS C 105 2.15 9.35 26.33
N TRP C 106 1.45 9.59 25.22
CA TRP C 106 1.13 8.55 24.24
C TRP C 106 2.00 8.72 23.00
N HIS C 107 1.71 9.75 22.19
CA HIS C 107 2.47 10.06 20.96
C HIS C 107 2.47 8.93 19.92
N MET C 108 1.40 8.13 19.88
CA MET C 108 1.26 7.02 18.91
C MET C 108 -0.08 7.00 18.15
N GLY C 109 -0.83 8.11 18.23
CA GLY C 109 -2.08 8.30 17.47
C GLY C 109 -3.21 8.64 18.40
N ASP C 110 -4.03 9.64 18.04
CA ASP C 110 -5.14 10.06 18.93
C ASP C 110 -6.55 9.87 18.34
N THR C 111 -6.66 9.05 17.29
CA THR C 111 -7.96 8.71 16.73
C THR C 111 -8.58 7.61 17.58
N PRO C 112 -9.87 7.30 17.38
CA PRO C 112 -10.47 6.24 18.20
C PRO C 112 -9.74 4.89 18.14
N GLN C 113 -9.37 4.46 16.93
CA GLN C 113 -8.66 3.18 16.72
C GLN C 113 -7.19 3.17 17.23
N HIS C 114 -6.58 4.34 17.32
CA HIS C 114 -5.19 4.47 17.80
C HIS C 114 -5.08 4.80 19.30
N HIS C 115 -6.23 5.00 19.94
CA HIS C 115 -6.31 5.41 21.35
C HIS C 115 -5.83 4.28 22.25
N PRO C 116 -5.15 4.63 23.38
CA PRO C 116 -4.69 3.61 24.33
C PRO C 116 -5.72 2.51 24.66
N ASN C 117 -6.98 2.90 24.87
CA ASN C 117 -8.07 1.95 25.17
C ASN C 117 -8.36 0.96 24.04
N LYS C 118 -8.03 1.29 22.79
CA LYS C 118 -8.11 0.36 21.68
C LYS C 118 -6.81 -0.36 21.36
N ARG C 119 -5.70 0.04 22.01
CA ARG C 119 -4.41 -0.68 21.88
C ARG C 119 -4.08 -1.53 23.12
N GLY C 120 -5.11 -2.00 23.82
CA GLY C 120 -4.93 -3.00 24.86
C GLY C 120 -4.75 -2.53 26.28
N PHE C 121 -4.94 -1.23 26.52
CA PHE C 121 -4.89 -0.67 27.88
C PHE C 121 -6.31 -0.50 28.43
N ASP C 122 -6.62 -1.20 29.51
CA ASP C 122 -7.91 -1.04 30.19
C ASP C 122 -8.04 0.37 30.74
N GLU C 123 -6.96 0.85 31.35
CA GLU C 123 -6.90 2.19 31.93
C GLU C 123 -5.92 3.07 31.16
N TYR C 124 -6.35 4.30 30.87
CA TYR C 124 -5.44 5.33 30.38
C TYR C 124 -5.72 6.62 31.11
N TYR C 125 -4.66 7.25 31.63
CA TYR C 125 -4.76 8.58 32.19
C TYR C 125 -3.58 9.38 31.70
N GLY C 126 -3.84 10.40 30.87
CA GLY C 126 -2.74 11.19 30.32
C GLY C 126 -3.12 12.14 29.22
N PHE C 127 -2.13 12.42 28.37
CA PHE C 127 -2.27 13.33 27.24
C PHE C 127 -1.71 12.59 26.04
N LEU C 128 -2.38 12.75 24.91
CA LEU C 128 -2.18 11.88 23.75
C LEU C 128 -1.04 12.31 22.83
N GLY C 129 -0.61 13.56 22.93
CA GLY C 129 0.40 14.13 22.06
C GLY C 129 1.84 13.92 22.45
N GLY C 130 2.70 14.81 21.95
CA GLY C 130 4.15 14.71 22.09
C GLY C 130 4.73 15.25 23.37
N GLY C 131 3.88 15.89 24.17
CA GLY C 131 4.26 16.44 25.46
C GLY C 131 3.14 17.26 26.06
N HIS C 132 3.49 18.01 27.10
CA HIS C 132 2.50 18.82 27.81
C HIS C 132 3.16 19.85 28.70
N ASN C 133 2.49 20.99 28.87
CA ASN C 133 2.87 21.96 29.90
C ASN C 133 2.60 21.32 31.27
N TYR C 134 3.43 21.65 32.25
CA TYR C 134 3.46 20.90 33.52
C TYR C 134 2.53 21.42 34.63
N PHE C 135 2.14 22.70 34.58
CA PHE C 135 1.32 23.33 35.65
C PHE C 135 -0.10 23.61 35.18
N PRO C 136 -1.11 22.90 35.73
CA PRO C 136 -2.49 23.20 35.37
C PRO C 136 -2.86 24.68 35.50
N ASP C 137 -2.50 25.30 36.62
CA ASP C 137 -2.61 26.76 36.80
C ASP C 137 -2.15 27.63 35.61
N GLN C 138 -1.16 27.16 34.86
CA GLN C 138 -0.66 27.85 33.65
C GLN C 138 -1.49 27.52 32.40
N TYR C 139 -1.60 26.22 32.08
CA TYR C 139 -2.22 25.79 30.81
C TYR C 139 -3.75 25.85 30.74
N GLN C 140 -4.45 25.59 31.85
CA GLN C 140 -5.93 25.55 31.84
C GLN C 140 -6.60 26.88 31.47
N PRO C 141 -6.11 28.03 31.99
CA PRO C 141 -6.62 29.33 31.53
C PRO C 141 -6.38 29.60 30.04
N GLN C 142 -5.22 29.21 29.51
CA GLN C 142 -4.93 29.38 28.08
C GLN C 142 -5.89 28.55 27.21
N TYR C 143 -6.12 27.31 27.59
CA TYR C 143 -7.09 26.44 26.90
C TYR C 143 -8.52 26.99 26.98
N LYS C 144 -8.92 27.52 28.13
CA LYS C 144 -10.25 28.12 28.29
C LYS C 144 -10.41 29.28 27.31
N LYS C 145 -9.43 30.19 27.30
CA LYS C 145 -9.47 31.38 26.43
C LYS C 145 -9.64 30.96 24.95
N GLN C 146 -8.82 30.03 24.51
CA GLN C 146 -8.85 29.58 23.11
C GLN C 146 -10.13 28.83 22.76
N LYS C 147 -10.58 27.95 23.64
CA LYS C 147 -11.81 27.20 23.39
C LYS C 147 -13.04 28.13 23.32
N ALA C 148 -13.13 29.10 24.22
CA ALA C 148 -14.23 30.10 24.22
C ALA C 148 -14.21 30.99 22.98
N GLN C 149 -13.02 31.25 22.44
CA GLN C 149 -12.86 31.95 21.16
C GLN C 149 -13.31 31.10 19.93
N GLY C 150 -13.57 29.82 20.12
CA GLY C 150 -14.10 28.93 19.09
C GLY C 150 -13.04 28.17 18.31
N LEU C 151 -11.78 28.23 18.77
CA LEU C 151 -10.67 27.59 18.08
C LEU C 151 -10.75 26.08 18.26
N LYS C 152 -10.50 25.35 17.17
CA LYS C 152 -10.50 23.89 17.17
C LYS C 152 -9.09 23.29 17.13
N ASN C 153 -8.16 23.95 16.43
CA ASN C 153 -6.77 23.51 16.42
C ASN C 153 -6.03 24.17 17.57
N ILE C 154 -6.13 23.56 18.74
CA ILE C 154 -5.49 24.06 19.95
C ILE C 154 -4.25 23.22 20.23
N PHE C 155 -3.14 23.89 20.51
CA PHE C 155 -1.87 23.21 20.72
C PHE C 155 -1.99 22.15 21.81
N GLU C 156 -1.59 20.93 21.47
CA GLU C 156 -1.82 19.75 22.32
C GLU C 156 -1.15 19.81 23.70
N TYR C 157 -0.16 20.70 23.90
CA TYR C 157 0.48 20.88 25.20
C TYR C 157 -0.38 21.55 26.27
N ILE C 158 -1.48 22.21 25.87
CA ILE C 158 -2.37 22.87 26.83
C ILE C 158 -3.75 22.23 26.95
N THR C 159 -4.02 21.20 26.16
CA THR C 159 -5.33 20.59 26.15
C THR C 159 -5.51 19.78 27.43
N PRO C 160 -6.78 19.58 27.85
CA PRO C 160 -6.98 18.87 29.10
C PRO C 160 -6.49 17.41 29.04
N LEU C 161 -6.02 16.89 30.17
CA LEU C 161 -5.76 15.46 30.28
C LEU C 161 -7.07 14.71 30.22
N GLU C 162 -6.99 13.40 30.01
CA GLU C 162 -8.19 12.57 29.95
C GLU C 162 -7.98 11.30 30.74
N HIS C 163 -9.11 10.71 31.14
CA HIS C 163 -9.13 9.40 31.76
C HIS C 163 -10.08 8.55 30.94
N ASN C 164 -9.53 7.59 30.19
CA ASN C 164 -10.31 6.72 29.31
C ASN C 164 -11.25 7.49 28.38
N GLY C 165 -10.73 8.48 27.68
CA GLY C 165 -11.52 9.27 26.74
C GLY C 165 -12.33 10.41 27.34
N LYS C 166 -12.55 10.44 28.66
CA LYS C 166 -13.27 11.54 29.31
C LYS C 166 -12.28 12.58 29.84
N GLU C 167 -12.50 13.84 29.52
CA GLU C 167 -11.61 14.91 29.95
C GLU C 167 -11.69 15.14 31.45
N VAL C 168 -10.56 15.47 32.05
CA VAL C 168 -10.48 15.78 33.47
C VAL C 168 -9.88 17.17 33.65
N LYS C 169 -9.93 17.63 34.90
CA LYS C 169 -9.38 18.91 35.31
C LYS C 169 -8.28 18.60 36.30
N GLU C 170 -7.05 18.50 35.81
CA GLU C 170 -5.91 18.16 36.65
C GLU C 170 -5.60 19.33 37.59
N THR C 171 -5.25 19.01 38.84
CA THR C 171 -4.88 20.01 39.84
C THR C 171 -3.39 20.01 40.22
N GLN C 172 -2.66 18.93 39.94
CA GLN C 172 -1.25 18.83 40.32
C GLN C 172 -0.28 18.98 39.15
N TYR C 173 0.93 19.43 39.49
CA TYR C 173 2.10 19.35 38.61
C TYR C 173 2.10 17.99 37.92
N ILE C 174 2.23 17.97 36.60
CA ILE C 174 1.91 16.76 35.81
C ILE C 174 2.65 15.51 36.26
N THR C 175 3.93 15.65 36.57
CA THR C 175 4.74 14.52 37.05
C THR C 175 4.18 13.91 38.34
N ASP C 176 3.72 14.76 39.26
CA ASP C 176 3.07 14.31 40.50
C ASP C 176 1.71 13.66 40.21
N ALA C 177 0.95 14.25 39.27
CA ALA C 177 -0.33 13.66 38.85
C ALA C 177 -0.18 12.25 38.25
N LEU C 178 0.82 12.06 37.40
CA LEU C 178 1.04 10.75 36.79
C LEU C 178 1.47 9.71 37.83
N SER C 179 2.32 10.15 38.76
CA SER C 179 2.73 9.31 39.88
C SER C 179 1.54 8.92 40.76
N ARG C 180 0.64 9.86 41.00
CA ARG C 180 -0.56 9.58 41.79
C ARG C 180 -1.44 8.55 41.12
N GLU C 181 -1.59 8.67 39.82
CA GLU C 181 -2.42 7.72 39.08
C GLU C 181 -1.73 6.38 38.90
N ALA C 182 -0.40 6.34 38.97
CA ALA C 182 0.33 5.06 39.05
C ALA C 182 -0.03 4.33 40.34
N VAL C 183 -0.07 5.08 41.45
CA VAL C 183 -0.51 4.51 42.72
C VAL C 183 -1.96 4.03 42.59
N ASN C 184 -2.82 4.87 42.03
CA ASN C 184 -4.23 4.49 41.87
C ASN C 184 -4.40 3.26 41.01
N PHE C 185 -3.57 3.15 39.96
CA PHE C 185 -3.65 2.01 39.07
C PHE C 185 -3.29 0.71 39.79
N VAL C 186 -2.19 0.70 40.54
CA VAL C 186 -1.76 -0.51 41.25
C VAL C 186 -2.67 -0.85 42.45
N ASP C 187 -3.25 0.16 43.08
CA ASP C 187 -4.30 -0.06 44.10
C ASP C 187 -5.56 -0.70 43.48
N LYS C 188 -5.98 -0.24 42.30
CA LYS C 188 -7.08 -0.90 41.57
C LYS C 188 -6.73 -2.35 41.24
N ALA C 189 -5.47 -2.59 40.87
CA ALA C 189 -4.99 -3.93 40.50
C ALA C 189 -5.08 -4.98 41.62
N VAL C 190 -5.00 -4.54 42.88
CA VAL C 190 -5.12 -5.43 44.05
C VAL C 190 -6.38 -6.30 43.97
N ASN C 191 -7.51 -5.68 43.68
CA ASN C 191 -8.80 -6.37 43.62
C ASN C 191 -8.94 -7.33 42.44
N LYS C 192 -8.23 -7.03 41.34
CA LYS C 192 -8.42 -7.75 40.07
C LYS C 192 -8.11 -9.25 40.12
N LYS C 193 -7.12 -9.67 40.91
CA LYS C 193 -6.76 -11.10 40.97
C LYS C 193 -6.12 -11.69 39.70
N HIS C 194 -5.79 -10.85 38.72
CA HIS C 194 -4.90 -11.21 37.61
C HIS C 194 -3.64 -10.38 37.78
N PRO C 195 -2.55 -10.72 37.09
CA PRO C 195 -1.39 -9.81 37.09
C PRO C 195 -1.65 -8.52 36.29
N PHE C 196 -0.78 -7.53 36.44
CA PHE C 196 -0.97 -6.23 35.77
C PHE C 196 0.24 -5.77 34.97
N PHE C 197 -0.03 -4.98 33.93
CA PHE C 197 1.01 -4.31 33.14
C PHE C 197 0.74 -2.83 33.23
N LEU C 198 1.73 -2.06 33.69
CA LEU C 198 1.64 -0.61 33.71
C LEU C 198 2.70 -0.01 32.81
N TYR C 199 2.25 0.82 31.86
CA TYR C 199 3.13 1.64 31.02
C TYR C 199 3.06 3.07 31.56
N LEU C 200 4.16 3.52 32.19
CA LEU C 200 4.21 4.83 32.85
C LEU C 200 5.09 5.74 32.03
N ALA C 201 4.47 6.63 31.26
CA ALA C 201 5.18 7.46 30.29
C ALA C 201 5.23 8.91 30.76
N TYR C 202 6.18 9.20 31.63
CA TYR C 202 6.45 10.57 32.08
C TYR C 202 6.89 11.43 30.93
N ASN C 203 6.38 12.66 30.86
CA ASN C 203 6.95 13.65 29.93
C ASN C 203 8.22 14.29 30.48
N ALA C 204 8.49 14.19 31.78
CA ALA C 204 9.72 14.77 32.33
C ALA C 204 10.91 13.90 31.91
N PRO C 205 12.09 14.48 31.64
CA PRO C 205 12.38 15.91 31.72
C PRO C 205 12.34 16.64 30.37
N HIS C 206 11.41 16.26 29.50
CA HIS C 206 11.21 16.90 28.18
C HIS C 206 10.71 18.33 28.39
N THR C 207 11.06 19.21 27.44
CA THR C 207 10.58 20.58 27.42
C THR C 207 9.04 20.66 27.42
N PRO C 208 8.45 21.77 27.87
CA PRO C 208 9.15 22.93 28.43
C PRO C 208 9.79 22.64 29.79
N LEU C 209 10.93 23.27 30.07
CA LEU C 209 11.62 23.12 31.33
C LEU C 209 10.84 23.85 32.41
N GLN C 210 10.07 23.10 33.18
CA GLN C 210 9.20 23.64 34.21
C GLN C 210 9.27 22.71 35.43
N ALA C 211 9.72 23.26 36.56
CA ALA C 211 9.93 22.48 37.78
C ALA C 211 9.26 23.14 38.97
N LYS C 212 8.95 22.34 39.98
CA LYS C 212 8.46 22.86 41.25
C LYS C 212 9.62 23.50 42.00
N ASP C 213 9.35 24.60 42.69
CA ASP C 213 10.39 25.26 43.50
C ASP C 213 10.98 24.32 44.56
N GLU C 214 10.12 23.49 45.14
CA GLU C 214 10.52 22.54 46.19
C GLU C 214 11.52 21.51 45.68
N ASP C 215 11.43 21.15 44.41
CA ASP C 215 12.38 20.25 43.77
C ASP C 215 13.68 20.95 43.41
N MET C 216 13.57 22.13 42.81
CA MET C 216 14.76 22.93 42.46
C MET C 216 15.55 23.31 43.72
N ALA C 217 14.84 23.53 44.82
CA ALA C 217 15.46 23.83 46.14
C ALA C 217 16.44 22.75 46.63
N MET C 218 16.28 21.51 46.15
CA MET C 218 17.16 20.41 46.48
C MET C 218 18.51 20.45 45.77
N PHE C 219 18.70 21.38 44.83
CA PHE C 219 19.95 21.47 44.07
C PHE C 219 20.54 22.87 44.14
N PRO C 220 20.88 23.33 45.38
CA PRO C 220 21.41 24.67 45.56
C PRO C 220 22.76 24.90 44.91
N ASN C 221 23.55 23.85 44.69
CA ASN C 221 24.87 23.98 44.04
C ASN C 221 24.85 23.85 42.51
N ILE C 222 23.67 23.68 41.91
CA ILE C 222 23.53 23.74 40.45
C ILE C 222 23.20 25.20 40.10
N LYS C 223 24.19 25.93 39.61
CA LYS C 223 24.04 27.35 39.33
C LYS C 223 23.40 27.65 37.97
N ASN C 224 23.59 26.77 36.98
CA ASN C 224 22.97 26.95 35.66
C ASN C 224 21.45 26.80 35.76
N LYS C 225 20.73 27.81 35.28
CA LYS C 225 19.26 27.89 35.44
C LYS C 225 18.55 26.68 34.83
N ASP C 226 18.89 26.36 33.60
CA ASP C 226 18.27 25.23 32.89
C ASP C 226 18.60 23.88 33.55
N ARG C 227 19.84 23.71 33.97
CA ARG C 227 20.28 22.47 34.61
C ARG C 227 19.59 22.27 35.96
N LYS C 228 19.37 23.37 36.69
CA LYS C 228 18.66 23.31 37.97
C LYS C 228 17.20 22.97 37.76
N THR C 229 16.57 23.63 36.79
CA THR C 229 15.19 23.31 36.44
C THR C 229 15.05 21.84 36.03
N TYR C 230 15.95 21.38 35.17
CA TYR C 230 15.99 20.00 34.68
C TYR C 230 16.20 19.01 35.81
N ALA C 231 17.14 19.32 36.71
CA ALA C 231 17.40 18.50 37.89
C ALA C 231 16.14 18.36 38.73
N GLY C 232 15.45 19.48 38.95
CA GLY C 232 14.17 19.46 39.66
C GLY C 232 13.11 18.59 39.01
N MET C 233 13.07 18.62 37.68
CA MET C 233 12.13 17.79 36.90
C MET C 233 12.41 16.30 37.06
N VAL C 234 13.69 15.94 37.04
CA VAL C 234 14.12 14.55 37.23
C VAL C 234 13.83 14.11 38.66
N TYR C 235 14.09 15.00 39.61
CA TYR C 235 13.82 14.70 41.03
C TYR C 235 12.33 14.39 41.26
N ALA C 236 11.45 15.14 40.60
CA ALA C 236 10.01 14.85 40.64
C ALA C 236 9.67 13.45 40.14
N VAL C 237 10.35 13.00 39.07
CA VAL C 237 10.20 11.61 38.61
C VAL C 237 10.67 10.63 39.69
N ASP C 238 11.80 10.92 40.35
CA ASP C 238 12.29 10.06 41.43
C ASP C 238 11.30 9.94 42.59
N ARG C 239 10.76 11.08 43.05
CA ARG C 239 9.70 11.09 44.07
C ARG C 239 8.53 10.20 43.65
N GLY C 240 8.12 10.38 42.41
CA GLY C 240 7.05 9.58 41.81
C GLY C 240 7.29 8.10 41.87
N VAL C 241 8.49 7.69 41.45
CA VAL C 241 8.90 6.28 41.49
C VAL C 241 8.85 5.79 42.94
N GLY C 242 9.35 6.61 43.87
CA GLY C 242 9.29 6.30 45.31
C GLY C 242 7.88 6.09 45.80
N LYS C 243 6.97 6.97 45.40
CA LYS C 243 5.56 6.86 45.76
C LYS C 243 4.94 5.58 45.20
N LEU C 244 5.32 5.22 43.97
CA LEU C 244 4.85 3.98 43.35
C LEU C 244 5.37 2.72 44.06
N VAL C 245 6.67 2.72 44.39
CA VAL C 245 7.29 1.57 45.08
C VAL C 245 6.63 1.36 46.45
N GLU C 246 6.39 2.47 47.15
CA GLU C 246 5.64 2.51 48.41
C GLU C 246 4.33 1.75 48.27
N ALA C 247 3.54 2.12 47.26
CA ALA C 247 2.25 1.49 47.02
C ALA C 247 2.38 0.00 46.67
N LEU C 248 3.38 -0.34 45.86
CA LEU C 248 3.63 -1.75 45.53
C LEU C 248 3.94 -2.59 46.78
N LYS C 249 4.72 -2.03 47.69
CA LYS C 249 5.05 -2.70 48.96
C LYS C 249 3.82 -2.84 49.85
N LYS C 250 3.04 -1.78 50.00
CA LYS C 250 1.78 -1.83 50.72
C LYS C 250 0.86 -2.93 50.21
N ASN C 251 0.78 -3.08 48.89
CA ASN C 251 -0.11 -4.05 48.25
C ASN C 251 0.49 -5.44 48.07
N ASN C 252 1.71 -5.65 48.55
CA ASN C 252 2.44 -6.91 48.34
C ASN C 252 2.63 -7.30 46.87
N GLN C 253 2.81 -6.28 46.03
CA GLN C 253 3.05 -6.45 44.60
C GLN C 253 4.54 -6.36 44.26
N TYR C 254 5.31 -5.68 45.11
CA TYR C 254 6.71 -5.33 44.85
C TYR C 254 7.59 -6.51 44.48
N ASP C 255 7.49 -7.58 45.26
CA ASP C 255 8.34 -8.75 45.07
C ASP C 255 8.04 -9.54 43.79
N ASN C 256 6.79 -9.53 43.32
CA ASN C 256 6.45 -10.23 42.07
C ASN C 256 6.12 -9.29 40.88
N THR C 257 6.80 -8.15 40.84
CA THR C 257 6.67 -7.19 39.74
C THR C 257 8.03 -6.98 39.11
N LEU C 258 8.09 -7.04 37.77
CA LEU C 258 9.28 -6.65 37.01
C LEU C 258 9.13 -5.17 36.70
N ILE C 259 10.03 -4.36 37.24
CA ILE C 259 10.04 -2.93 36.97
C ILE C 259 11.18 -2.65 36.02
N VAL C 260 10.86 -2.03 34.89
CA VAL C 260 11.85 -1.53 33.94
C VAL C 260 11.78 -0.01 33.97
N PHE C 261 12.94 0.63 34.12
CA PHE C 261 13.06 2.09 34.03
C PHE C 261 14.04 2.43 32.92
N MET C 262 13.67 3.37 32.05
CA MET C 262 14.50 3.76 30.93
C MET C 262 14.09 5.13 30.39
N SER C 263 14.85 5.61 29.41
CA SER C 263 14.48 6.81 28.64
C SER C 263 14.02 6.40 27.25
N ASP C 264 13.22 7.26 26.62
CA ASP C 264 12.77 6.98 25.25
C ASP C 264 13.86 7.31 24.24
N ASN C 265 14.75 8.21 24.61
CA ASN C 265 15.91 8.56 23.79
C ASN C 265 16.92 9.35 24.61
N GLY C 266 18.03 9.73 23.99
CA GLY C 266 19.07 10.50 24.64
C GLY C 266 18.64 11.90 25.04
N GLY C 267 19.42 12.48 25.95
CA GLY C 267 19.16 13.82 26.46
C GLY C 267 19.43 14.90 25.44
N LYS C 268 18.66 15.99 25.54
CA LYS C 268 18.87 17.16 24.71
C LYS C 268 19.77 18.12 25.47
N LEU C 269 21.01 18.26 24.99
CA LEU C 269 22.06 18.97 25.72
C LEU C 269 21.73 20.46 25.88
N SER C 270 21.09 21.05 24.87
CA SER C 270 20.68 22.44 24.93
C SER C 270 19.48 22.69 25.86
N LYS C 271 18.85 21.63 26.38
CA LYS C 271 17.73 21.76 27.31
C LYS C 271 17.96 20.99 28.61
N GLY C 272 19.18 21.11 29.13
CA GLY C 272 19.50 20.75 30.51
C GLY C 272 20.09 19.38 30.73
N ALA C 273 20.14 18.55 29.69
CA ALA C 273 20.59 17.18 29.86
C ALA C 273 22.11 17.06 29.82
N ASN C 274 22.57 15.92 30.30
CA ASN C 274 23.98 15.51 30.27
C ASN C 274 23.99 14.05 29.85
N ASN C 275 24.69 13.74 28.75
CA ASN C 275 24.81 12.36 28.26
C ASN C 275 26.20 11.75 28.48
N PHE C 276 26.98 12.30 29.42
CA PHE C 276 28.33 11.79 29.73
C PHE C 276 28.31 10.28 29.98
N PRO C 277 29.24 9.49 29.44
CA PRO C 277 30.37 9.91 28.59
C PRO C 277 30.10 9.83 27.06
N LEU C 278 28.83 9.83 26.67
CA LEU C 278 28.47 9.60 25.27
C LEU C 278 28.56 10.89 24.48
N LYS C 279 28.82 10.75 23.19
CA LYS C 279 28.88 11.88 22.28
C LYS C 279 27.48 12.28 21.82
N ALA C 280 27.29 13.60 21.67
CA ALA C 280 26.06 14.21 21.17
C ALA C 280 24.84 13.91 22.06
N GLY C 281 23.64 13.84 21.47
CA GLY C 281 22.43 13.64 22.24
C GLY C 281 21.22 13.35 21.38
N LYS C 282 20.06 13.76 21.89
CA LYS C 282 18.76 13.50 21.25
C LYS C 282 18.80 13.63 19.74
N GLY C 283 18.25 12.61 19.06
CA GLY C 283 18.16 12.63 17.61
C GLY C 283 19.37 12.13 16.88
N SER C 284 20.50 11.93 17.57
CA SER C 284 21.74 11.53 16.93
C SER C 284 21.87 10.02 16.80
N THR C 285 22.62 9.58 15.81
CA THR C 285 23.04 8.18 15.72
C THR C 285 24.41 7.94 16.35
N GLN C 286 25.02 9.01 16.88
CA GLN C 286 26.09 8.85 17.88
C GLN C 286 25.43 8.17 19.08
N GLU C 287 26.23 7.58 19.97
CA GLU C 287 25.66 6.84 21.12
C GLU C 287 24.71 7.70 21.95
N GLY C 288 25.00 8.99 22.08
CA GLY C 288 24.18 9.88 22.87
C GLY C 288 22.72 10.01 22.48
N GLY C 289 22.38 9.65 21.25
CA GLY C 289 21.01 9.78 20.78
C GLY C 289 20.11 8.61 21.11
N PHE C 290 20.67 7.40 21.11
CA PHE C 290 19.84 6.21 21.28
C PHE C 290 20.32 5.17 22.29
N ARG C 291 21.44 5.46 22.98
CA ARG C 291 21.87 4.66 24.12
C ARG C 291 21.35 5.36 25.38
N VAL C 292 20.63 4.60 26.22
CA VAL C 292 19.86 5.18 27.31
C VAL C 292 20.09 4.44 28.62
N PRO C 293 19.82 5.11 29.75
CA PRO C 293 19.82 4.38 31.02
C PRO C 293 18.72 3.32 31.01
N MET C 294 19.00 2.18 31.63
CA MET C 294 17.97 1.18 31.82
C MET C 294 18.29 0.33 33.04
N LEU C 295 17.25 0.02 33.82
CA LEU C 295 17.36 -0.95 34.92
C LEU C 295 16.18 -1.90 34.88
N PHE C 296 16.44 -3.14 35.31
CA PHE C 296 15.42 -4.15 35.62
C PHE C 296 15.42 -4.35 37.13
N HIS C 297 14.24 -4.48 37.72
CA HIS C 297 14.11 -4.84 39.13
C HIS C 297 13.01 -5.86 39.34
N TRP C 298 13.38 -7.02 39.89
CA TRP C 298 12.46 -8.13 40.14
C TRP C 298 13.17 -9.10 41.10
N PRO C 299 12.91 -8.96 42.43
CA PRO C 299 13.66 -9.71 43.45
C PRO C 299 13.65 -11.22 43.25
N LYS C 300 14.81 -11.84 43.41
CA LYS C 300 15.04 -13.29 43.22
C LYS C 300 15.14 -13.72 41.75
N HIS C 301 14.74 -12.86 40.80
CA HIS C 301 14.77 -13.18 39.37
C HIS C 301 15.83 -12.36 38.65
N VAL C 302 15.77 -11.05 38.81
CA VAL C 302 16.83 -10.14 38.35
C VAL C 302 17.86 -10.10 39.46
N PRO C 303 19.13 -10.46 39.18
CA PRO C 303 20.18 -10.35 40.20
C PRO C 303 20.33 -8.94 40.77
N ALA C 304 20.55 -8.85 42.08
CA ALA C 304 20.67 -7.57 42.77
C ALA C 304 22.09 -7.02 42.76
N GLY C 305 22.23 -5.71 42.56
CA GLY C 305 23.52 -5.04 42.61
C GLY C 305 24.44 -5.29 41.44
N LYS C 306 23.88 -5.64 40.29
CA LYS C 306 24.68 -6.01 39.11
C LYS C 306 24.54 -4.98 38.00
N ARG C 307 25.53 -4.99 37.10
CA ARG C 307 25.49 -4.22 35.87
C ARG C 307 25.73 -5.13 34.69
N PHE C 308 24.71 -5.26 33.83
CA PHE C 308 24.77 -6.08 32.64
C PHE C 308 25.45 -5.29 31.54
N SER C 309 26.51 -5.86 30.95
CA SER C 309 27.39 -5.12 30.06
C SER C 309 27.23 -5.45 28.57
N HIS C 310 26.26 -6.29 28.21
CA HIS C 310 26.06 -6.65 26.80
C HIS C 310 24.90 -5.86 26.20
N PRO C 311 24.92 -5.65 24.87
CA PRO C 311 23.85 -4.93 24.18
C PRO C 311 22.46 -5.51 24.43
N VAL C 312 21.53 -4.62 24.76
CA VAL C 312 20.12 -4.95 24.87
C VAL C 312 19.34 -3.88 24.10
N SER C 313 18.28 -4.30 23.43
CA SER C 313 17.44 -3.38 22.66
C SER C 313 16.10 -3.21 23.35
N ALA C 314 15.55 -2.00 23.26
CA ALA C 314 14.16 -1.75 23.58
C ALA C 314 13.20 -2.71 22.84
N LEU C 315 13.59 -3.14 21.64
CA LEU C 315 12.85 -4.17 20.89
C LEU C 315 12.73 -5.50 21.62
N ASP C 316 13.67 -5.80 22.49
CA ASP C 316 13.66 -7.04 23.26
C ASP C 316 12.54 -7.11 24.30
N LEU C 317 12.07 -5.95 24.77
CA LEU C 317 11.09 -5.94 25.84
C LEU C 317 9.79 -6.66 25.45
N TYR C 318 9.34 -6.49 24.21
CA TYR C 318 8.11 -7.15 23.76
C TYR C 318 8.17 -8.69 23.92
N PRO C 319 9.13 -9.37 23.26
CA PRO C 319 9.19 -10.84 23.42
C PRO C 319 9.64 -11.31 24.82
N THR C 320 10.43 -10.50 25.51
CA THR C 320 10.86 -10.83 26.87
C THR C 320 9.68 -10.79 27.84
N PHE C 321 8.94 -9.69 27.83
CA PHE C 321 7.71 -9.57 28.61
C PHE C 321 6.73 -10.69 28.26
N ALA C 322 6.57 -10.93 26.97
CA ALA C 322 5.68 -11.96 26.46
C ALA C 322 6.02 -13.33 27.04
N ALA C 323 7.30 -13.70 26.97
CA ALA C 323 7.76 -14.99 27.49
C ALA C 323 7.56 -15.08 29.01
N LEU C 324 7.92 -14.03 29.74
CA LEU C 324 7.72 -13.99 31.19
C LEU C 324 6.25 -14.08 31.60
N ALA C 325 5.37 -13.55 30.77
CA ALA C 325 3.92 -13.60 31.01
C ALA C 325 3.25 -14.89 30.56
N GLY C 326 3.98 -15.76 29.86
CA GLY C 326 3.39 -16.94 29.24
C GLY C 326 2.47 -16.60 28.07
N ALA C 327 2.71 -15.46 27.42
CA ALA C 327 1.93 -15.04 26.27
C ALA C 327 2.66 -15.48 25.01
N LYS C 328 1.95 -16.18 24.12
CA LYS C 328 2.54 -16.69 22.89
C LYS C 328 2.66 -15.56 21.86
N VAL C 329 3.81 -15.52 21.20
CA VAL C 329 4.08 -14.65 20.07
C VAL C 329 3.91 -15.49 18.79
N GLU C 330 3.46 -14.85 17.70
CA GLU C 330 3.35 -15.50 16.38
C GLU C 330 4.47 -15.02 15.42
N GLU C 331 5.00 -15.94 14.61
CA GLU C 331 6.07 -15.65 13.61
C GLU C 331 5.69 -14.49 12.66
N ASN C 332 4.41 -14.42 12.29
CA ASN C 332 3.92 -13.38 11.40
C ASN C 332 3.77 -11.97 12.02
N GLN C 333 4.07 -11.81 13.31
CA GLN C 333 4.20 -10.48 13.92
C GLN C 333 5.52 -9.79 13.54
N HIS C 334 6.49 -10.56 13.03
CA HIS C 334 7.77 -10.03 12.55
C HIS C 334 8.51 -9.21 13.59
N LEU C 335 8.55 -9.74 14.82
CA LEU C 335 9.24 -9.08 15.91
C LEU C 335 10.73 -8.95 15.58
N ASP C 336 11.28 -7.78 15.86
CA ASP C 336 12.67 -7.47 15.50
C ASP C 336 13.65 -7.63 16.64
N GLY C 337 13.15 -7.76 17.87
CA GLY C 337 14.01 -7.98 19.03
C GLY C 337 14.07 -9.45 19.37
N THR C 338 14.59 -9.76 20.55
CA THR C 338 14.70 -11.15 21.01
C THR C 338 14.31 -11.25 22.47
N ASN C 339 13.84 -12.43 22.87
CA ASN C 339 13.62 -12.71 24.28
C ASN C 339 15.00 -12.77 24.92
N MET C 340 15.38 -11.70 25.62
CA MET C 340 16.74 -11.58 26.12
C MET C 340 16.98 -12.35 27.43
N TRP C 341 15.92 -12.84 28.04
CA TRP C 341 16.02 -13.46 29.37
C TRP C 341 17.01 -14.63 29.48
N PRO C 342 16.96 -15.63 28.56
CA PRO C 342 17.92 -16.75 28.66
C PRO C 342 19.39 -16.34 28.62
N ALA C 343 19.74 -15.42 27.73
CA ALA C 343 21.09 -14.89 27.68
C ALA C 343 21.40 -14.01 28.90
N PHE C 344 20.44 -13.18 29.30
CA PHE C 344 20.57 -12.31 30.47
C PHE C 344 20.91 -13.11 31.74
N ILE C 345 20.17 -14.18 31.98
CA ILE C 345 20.39 -15.07 33.13
C ILE C 345 21.78 -15.73 33.13
N LYS C 346 22.34 -15.97 31.94
CA LYS C 346 23.67 -16.57 31.81
C LYS C 346 24.79 -15.54 31.68
N ASN C 347 24.47 -14.26 31.89
CA ASN C 347 25.39 -13.16 31.66
C ASN C 347 26.12 -13.20 30.30
N GLU C 348 25.37 -13.56 29.26
CA GLU C 348 25.85 -13.63 27.88
C GLU C 348 25.15 -12.58 27.02
N ASN C 349 25.73 -12.27 25.87
CA ASN C 349 25.18 -11.26 24.95
C ASN C 349 23.93 -11.78 24.23
N PRO C 350 22.73 -11.25 24.59
CA PRO C 350 21.51 -11.69 23.89
C PRO C 350 21.49 -11.37 22.38
N HIS C 351 22.35 -10.46 21.94
CA HIS C 351 22.55 -10.17 20.51
C HIS C 351 23.96 -10.53 20.04
N LYS C 352 24.45 -11.68 20.49
CA LYS C 352 25.75 -12.19 20.05
C LYS C 352 25.77 -12.33 18.53
N ASP C 353 26.75 -11.69 17.91
CA ASP C 353 26.97 -11.70 16.47
C ASP C 353 25.78 -11.20 15.64
N GLU C 354 24.96 -10.32 16.21
CA GLU C 354 23.76 -9.79 15.56
C GLU C 354 23.69 -8.28 15.76
N PRO C 355 23.31 -7.53 14.72
CA PRO C 355 23.35 -6.07 14.83
C PRO C 355 22.13 -5.45 15.51
N ILE C 356 22.34 -4.29 16.13
CA ILE C 356 21.26 -3.41 16.60
C ILE C 356 21.42 -2.14 15.77
N TYR C 357 20.31 -1.65 15.22
CA TYR C 357 20.33 -0.54 14.26
C TYR C 357 19.72 0.75 14.81
N ALA C 358 20.25 1.87 14.33
CA ALA C 358 19.53 3.13 14.33
C ALA C 358 19.60 3.72 12.91
N LEU C 359 18.49 4.31 12.46
CA LEU C 359 18.44 4.96 11.16
C LEU C 359 17.49 6.12 11.30
N ARG C 360 18.04 7.33 11.25
CA ARG C 360 17.31 8.55 11.51
C ARG C 360 17.39 9.43 10.29
N HIS C 361 16.23 9.84 9.79
CA HIS C 361 16.16 10.57 8.54
C HIS C 361 16.37 12.04 8.77
N ARG C 362 17.09 12.65 7.84
CA ARG C 362 17.30 14.08 7.81
C ARG C 362 16.89 14.61 6.43
N LYS C 363 17.15 15.89 6.19
CA LYS C 363 16.77 16.52 4.94
C LYS C 363 17.68 16.06 3.81
N GLY C 364 17.18 15.13 3.00
CA GLY C 364 17.88 14.65 1.82
C GLY C 364 18.96 13.63 2.10
N TYR C 365 19.03 13.13 3.33
CA TYR C 365 19.98 12.06 3.67
C TYR C 365 19.57 11.45 4.99
N SER C 366 20.24 10.37 5.35
CA SER C 366 19.94 9.65 6.57
C SER C 366 21.22 9.43 7.37
N ASP C 367 21.09 9.54 8.69
CA ASP C 367 22.15 9.12 9.61
C ASP C 367 21.84 7.72 10.07
N ALA C 368 22.88 6.93 10.31
CA ALA C 368 22.71 5.52 10.70
C ALA C 368 23.72 5.06 11.75
N ALA C 369 23.38 3.96 12.40
CA ALA C 369 24.24 3.35 13.41
C ALA C 369 24.04 1.85 13.42
N ILE C 370 25.13 1.13 13.68
CA ILE C 370 25.10 -0.31 13.82
C ILE C 370 25.94 -0.67 15.04
N ARG C 371 25.33 -1.36 16.00
CA ARG C 371 26.03 -1.91 17.14
C ARG C 371 26.02 -3.42 17.04
N MET C 372 27.20 -4.04 17.02
CA MET C 372 27.33 -5.51 17.05
C MET C 372 28.57 -5.92 17.81
N ASN C 373 28.39 -6.72 18.86
CA ASN C 373 29.47 -7.14 19.76
C ASN C 373 30.26 -5.90 20.23
N GLN C 374 31.58 -5.86 20.03
CA GLN C 374 32.36 -4.70 20.46
C GLN C 374 32.29 -3.50 19.49
N TRP C 375 31.64 -3.66 18.33
CA TRP C 375 31.74 -2.66 17.25
C TRP C 375 30.55 -1.72 17.14
N LYS C 376 30.85 -0.46 16.86
CA LYS C 376 29.87 0.56 16.57
C LYS C 376 30.25 1.17 15.23
N ALA C 377 29.43 0.90 14.21
CA ALA C 377 29.54 1.58 12.93
C ALA C 377 28.66 2.82 12.98
N LEU C 378 29.13 3.90 12.37
CA LEU C 378 28.49 5.20 12.45
C LEU C 378 28.46 5.88 11.10
N LYS C 379 27.26 6.28 10.67
CA LYS C 379 27.07 7.12 9.49
C LYS C 379 26.40 8.41 9.94
N VAL C 380 27.12 9.50 9.83
CA VAL C 380 26.65 10.77 10.35
C VAL C 380 27.11 11.96 9.49
N ASN C 381 26.23 12.94 9.35
CA ASN C 381 26.55 14.21 8.72
C ASN C 381 27.09 14.09 7.28
N GLN C 382 26.68 13.05 6.57
CA GLN C 382 27.17 12.75 5.22
C GLN C 382 28.70 12.52 5.15
N GLN C 383 29.29 12.09 6.25
CA GLN C 383 30.70 11.69 6.30
C GLN C 383 30.75 10.26 5.84
N PRO C 384 31.94 9.77 5.41
CA PRO C 384 32.08 8.33 5.22
C PRO C 384 31.82 7.56 6.53
N TRP C 385 31.41 6.30 6.38
CA TRP C 385 31.18 5.43 7.53
C TRP C 385 32.42 5.40 8.42
N GLN C 386 32.20 5.42 9.72
CA GLN C 386 33.25 5.28 10.72
C GLN C 386 33.00 4.02 11.52
N LEU C 387 34.04 3.52 12.18
CA LEU C 387 33.95 2.35 13.04
C LEU C 387 34.69 2.61 14.35
N PHE C 388 34.07 2.26 15.47
CA PHE C 388 34.69 2.39 16.79
C PHE C 388 34.62 1.07 17.52
N ASN C 389 35.67 0.75 18.27
CA ASN C 389 35.59 -0.31 19.27
C ASN C 389 34.93 0.33 20.47
N ILE C 390 33.61 0.19 20.54
CA ILE C 390 32.81 0.95 21.48
C ILE C 390 33.05 0.49 22.93
N GLU C 391 33.54 -0.73 23.10
CA GLU C 391 33.95 -1.21 24.43
C GLU C 391 35.15 -0.48 25.03
N ASN C 392 36.06 0.04 24.22
CA ASN C 392 37.25 0.75 24.72
C ASN C 392 37.19 2.27 24.42
N ASP C 393 36.21 2.69 23.62
CA ASP C 393 36.12 4.03 23.06
C ASP C 393 34.65 4.43 23.04
N ILE C 394 34.06 4.47 24.23
CA ILE C 394 32.62 4.75 24.38
C ILE C 394 32.21 6.11 23.82
N SER C 395 33.11 7.10 23.91
CA SER C 395 32.87 8.45 23.40
C SER C 395 33.09 8.62 21.89
N GLU C 396 33.41 7.53 21.18
CA GLU C 396 33.50 7.51 19.72
C GLU C 396 34.54 8.51 19.19
N LYS C 397 35.73 8.46 19.78
CA LYS C 397 36.84 9.36 19.45
C LYS C 397 37.81 8.81 18.40
N HIS C 398 37.86 7.48 18.23
CA HIS C 398 38.95 6.86 17.49
C HIS C 398 38.40 5.93 16.40
N ASP C 399 38.17 6.53 15.24
CA ASP C 399 37.72 5.83 14.04
C ASP C 399 38.77 4.83 13.59
N VAL C 400 38.44 3.54 13.66
CA VAL C 400 39.36 2.47 13.23
C VAL C 400 38.88 1.77 11.96
N SER C 401 38.06 2.47 11.15
CA SER C 401 37.57 1.91 9.89
C SER C 401 38.69 1.55 8.92
N LYS C 402 39.76 2.35 8.88
CA LYS C 402 40.89 2.11 7.95
C LYS C 402 41.54 0.75 8.16
N SER C 403 41.57 0.26 9.41
CA SER C 403 42.17 -1.03 9.74
C SER C 403 41.18 -2.19 9.90
N ASN C 404 39.88 -1.96 9.67
CA ASN C 404 38.89 -3.05 9.66
C ASN C 404 37.92 -2.89 8.48
N LYS C 405 38.48 -2.64 7.29
CA LYS C 405 37.71 -2.35 6.07
C LYS C 405 36.64 -3.40 5.75
N ALA C 406 37.07 -4.66 5.73
CA ALA C 406 36.18 -5.76 5.39
C ALA C 406 35.02 -5.90 6.37
N LEU C 407 35.30 -5.80 7.67
CA LEU C 407 34.27 -5.86 8.70
C LEU C 407 33.25 -4.73 8.55
N LEU C 408 33.72 -3.50 8.38
CA LEU C 408 32.86 -2.34 8.25
C LEU C 408 31.94 -2.46 7.03
N THR C 409 32.54 -2.74 5.87
CA THR C 409 31.78 -2.95 4.64
C THR C 409 30.70 -4.00 4.82
N ASP C 410 31.08 -5.11 5.45
CA ASP C 410 30.17 -6.20 5.74
C ASP C 410 28.98 -5.78 6.60
N MET C 411 29.25 -5.00 7.66
CA MET C 411 28.19 -4.51 8.53
C MET C 411 27.21 -3.61 7.77
N VAL C 412 27.75 -2.70 6.97
CA VAL C 412 26.95 -1.75 6.19
C VAL C 412 26.08 -2.48 5.17
N ARG C 413 26.68 -3.43 4.45
CA ARG C 413 25.92 -4.25 3.50
C ARG C 413 24.79 -5.07 4.12
N GLU C 414 25.02 -5.56 5.33
CA GLU C 414 23.97 -6.22 6.08
C GLU C 414 22.86 -5.24 6.47
N MET C 415 23.20 -4.01 6.81
CA MET C 415 22.19 -2.99 7.06
C MET C 415 21.39 -2.68 5.77
N GLU C 416 22.11 -2.50 4.67
CA GLU C 416 21.49 -2.33 3.36
C GLU C 416 20.50 -3.48 3.06
N LYS C 417 20.93 -4.72 3.28
CA LYS C 417 20.03 -5.88 3.17
C LYS C 417 18.77 -5.75 4.04
N TRP C 418 18.96 -5.33 5.28
CA TRP C 418 17.86 -5.10 6.24
C TRP C 418 16.88 -3.99 5.80
N SER C 419 17.40 -3.00 5.07
CA SER C 419 16.61 -1.82 4.69
C SER C 419 15.48 -2.06 3.71
N TRP C 420 15.53 -3.13 2.91
CA TRP C 420 14.53 -3.34 1.84
C TRP C 420 13.08 -3.50 2.28
N ASP C 421 12.83 -4.09 3.46
CA ASP C 421 11.43 -4.16 3.96
C ASP C 421 11.02 -2.98 4.86
N ASN C 422 11.85 -1.92 4.91
CA ASN C 422 11.43 -0.66 5.51
C ASN C 422 10.35 -0.06 4.63
N GLN C 423 9.22 0.35 5.21
CA GLN C 423 8.12 0.96 4.47
C GLN C 423 8.38 2.44 4.26
N GLN C 424 7.77 3.01 3.23
CA GLN C 424 7.73 4.46 3.07
C GLN C 424 7.03 5.06 4.32
N PRO C 425 7.50 6.21 4.83
CA PRO C 425 6.83 6.80 5.99
C PRO C 425 5.35 7.05 5.72
N SER C 426 4.50 6.66 6.68
CA SER C 426 3.06 6.90 6.57
C SER C 426 2.68 8.33 6.98
N TRP C 427 3.61 9.07 7.56
CA TRP C 427 3.39 10.48 7.91
C TRP C 427 4.74 11.10 8.23
N PHE C 428 4.73 12.40 8.44
CA PHE C 428 5.90 13.16 8.86
C PHE C 428 5.43 14.09 9.97
N HIS C 429 6.35 14.73 10.68
CA HIS C 429 5.94 15.60 11.79
C HIS C 429 5.54 16.99 11.35
N GLU C 430 5.94 17.38 10.14
CA GLU C 430 5.48 18.64 9.51
C GLU C 430 5.21 18.33 8.05
N THR C 431 4.28 19.09 7.47
CA THR C 431 3.93 18.97 6.05
C THR C 431 5.14 19.16 5.13
N THR C 432 5.97 20.16 5.43
CA THR C 432 7.16 20.47 4.61
C THR C 432 8.18 19.34 4.61
N GLU C 433 8.30 18.64 5.74
CA GLU C 433 9.18 17.48 5.84
C GLU C 433 8.79 16.40 4.84
N GLY C 434 7.48 16.12 4.74
CA GLY C 434 6.95 15.19 3.74
C GLY C 434 7.16 15.66 2.32
N VAL C 435 6.99 16.94 2.07
CA VAL C 435 7.25 17.48 0.73
C VAL C 435 8.72 17.34 0.36
N ASN C 436 9.61 17.63 1.30
CA ASN C 436 11.05 17.49 1.06
C ASN C 436 11.44 16.03 0.84
N TRP C 437 10.82 15.12 1.60
CA TRP C 437 11.05 13.68 1.43
C TRP C 437 10.79 13.28 -0.03
N ARG C 438 9.63 13.68 -0.54
CA ARG C 438 9.24 13.39 -1.92
C ARG C 438 10.14 14.10 -2.93
N LEU C 439 10.36 15.39 -2.74
CA LEU C 439 11.27 16.18 -3.59
C LEU C 439 12.68 15.58 -3.67
N ASP C 440 13.19 15.07 -2.55
CA ASP C 440 14.54 14.51 -2.51
C ASP C 440 14.64 13.01 -2.85
N ALA C 441 13.55 12.42 -3.33
CA ALA C 441 13.52 11.01 -3.74
C ALA C 441 13.96 10.05 -2.62
N MET C 442 13.58 10.39 -1.40
CA MET C 442 14.02 9.66 -0.23
C MET C 442 13.35 8.29 -0.17
N PRO C 443 14.01 7.29 0.38
CA PRO C 443 15.31 7.41 1.03
C PRO C 443 16.47 7.41 0.04
N ARG C 444 17.46 8.26 0.31
CA ARG C 444 18.71 8.28 -0.46
C ARG C 444 19.69 7.25 0.10
N PHE C 445 19.31 5.98 0.00
CA PHE C 445 20.13 4.90 0.54
C PHE C 445 21.38 4.63 -0.29
N ASP C 446 21.43 5.17 -1.51
CA ASP C 446 22.68 5.21 -2.28
C ASP C 446 23.77 5.97 -1.53
N LYS C 447 23.40 7.03 -0.81
CA LYS C 447 24.36 7.73 0.05
C LYS C 447 24.57 6.96 1.36
N THR C 448 23.48 6.56 1.99
CA THR C 448 23.53 5.95 3.32
C THR C 448 24.37 4.67 3.39
N PHE C 449 24.25 3.81 2.37
CA PHE C 449 24.94 2.51 2.38
C PHE C 449 26.12 2.41 1.43
N LYS C 450 26.62 3.55 0.98
CA LYS C 450 27.83 3.62 0.16
C LYS C 450 29.06 3.21 0.99
N THR C 451 29.89 2.33 0.43
CA THR C 451 31.14 1.93 1.06
C THR C 451 32.30 2.17 0.09
#